data_8RBM
#
_entry.id   8RBM
#
_cell.length_a   1.00
_cell.length_b   1.00
_cell.length_c   1.00
_cell.angle_alpha   90.00
_cell.angle_beta   90.00
_cell.angle_gamma   90.00
#
_symmetry.space_group_name_H-M   'P 1'
#
loop_
_entity.id
_entity.type
_entity.pdbx_description
1 polymer 'Ion-translocating oxidoreductase complex subunit A'
2 polymer 'Ion-translocating oxidoreductase complex subunit C'
3 polymer 'Ion-translocating oxidoreductase complex subunit D'
4 polymer 'Ion-translocating oxidoreductase complex subunit E'
5 polymer 'Ion-translocating oxidoreductase complex subunit G'
6 polymer 'Ion-translocating oxidoreductase complex subunit B'
7 non-polymer 'FE2/S2 (INORGANIC) CLUSTER'
8 non-polymer DODECYL-BETA-D-MALTOSIDE
9 non-polymer 'FLAVIN MONONUCLEOTIDE'
10 non-polymer 'IRON/SULFUR CLUSTER'
11 non-polymer RIBOFLAVIN
12 non-polymer PHOSPHATIDYLETHANOLAMINE
#
loop_
_entity_poly.entity_id
_entity_poly.type
_entity_poly.pdbx_seq_one_letter_code
_entity_poly.pdbx_strand_id
1 'polypeptide(L)'
;MEYVLFLLGTVLVHNVVLVGFLGLCPFMGVSSKLDPSIGLAVATTLVMGLGGASSWLLEHYVLLPLGIGFIRILAYIVVI
AGMVQLIEMIIRKASPSLYRSLGIYLPLITTNCAVLGVPLLSVREGHDLTMAVLFGLGSGLGFSLIMIIFAGLRERLALA
NVPAAFSGPPIAFVTAGLLALAFMGFGGLI
;
A
2 'polypeptide(L)'
;MYFNLSSIRGGVHPAAHKDLSAALPIGSLPLPPRLYLPLRQHAGAEALPMVAVGDKVLKGQLLAFPPTEVSAPVHAPTSG
RIVAIGPVPAPHPSGLTTTGIVLESDGEDRWIDLDVSTDPFAEDPLVLADRVAKAGIVGLGGAIFPAAVKLKQGTRHEIK
TVLVNGSECEPYLTCDDRIMRERAEAIVDGARLIQHILRAYSVVIAIEDNKPEALAAMRAAAEHFGAIEVMAVPALYPMG
SAKQLIQAVTGREVPAGGRSTDVGVLVHNAGTVYAIQQALRFGRPLISRVVTVSGACVKTPQNLDVLIGTPVQALIDACG
GLSGDPQQLLLGGPMMGAVLPSTEVPVIKGATGLLALARHELPNKDPAPCIRCASCVDACPMGLTPLDMALYARADDYDG
ASEYGLRDCILCGCCSYVCPSHIPLVHYFQYAKGQQDERRSAARKSDYIKRQTEVRAARLAEEEAAKAAAKAAKEAAKAA
KAAKTKAAKPSNEVES
;
C
3 'polypeptide(L)'
;MSTISVAAGPFAHDRSSVNRIMLDVCLALTPATLFGLVMFGWPAINLWLVTCVSALAIEAACLRLLGQPMRRLLDGSALL
TGWLLAISLPPWAPWWIGVGGSLFAIGIGKQLYGGIGQNPFNPAMLARVALLIAFPLQMTTWALPHPLFSSSAPGFFDSL
AITFAGAPLADGMTGATALGNLKTELTLNRTAQEILEGGFSTISALFGSTPGSLGETSELLLLVGGVWLVLRRIIHWEIP
VAILASVFVMATLAYLINPERYAGGLYQLTSGGLILCAFFIATDPVTSPISRVGRLIFGVGCGVLIYVIRTWGSFPEAAA
FAVLFMNALTPLIDRYWRPRAYGRNVRGKPLVAAKWTSQVKEVDKV
;
D
4 'polypeptide(L)'
;MSHCGAPSVPEPEKKVPWQYFTSALWQYNVALVQMLALCPTLAVTTTATNGLGMGLATTLVLVMTNALISSMRHTISPEV
RNPVMIGVIAGVVTLTDMAMNAWMHELYKVLGLFIALIVTNCAVLGRAESFCLRNPVIPSILDGAGMGAGFTAVLVVIGG
IREILGSGTLFSQASSLLGSHFKWMEITVIPDFQGILLAILPPGAFIVLGFLLAAKRVIDRKRAERRQQTHGELVVLQ
;
E
5 'polypeptide(L)'
;MNDTTMTPAEENAAPAEAAAGKPTLLARLEKWRPMVAYQGLSLGLVCAVVALLLLTGNIMTHGTIAEQQMQDRLATLREV
LPQSLYDNNPLADSFKVQDAELGEVEVLPARLQGKLTAVVFQGRNIGYGGPIEQMMSVDAQGKILGVRVLTHKETPGLAD
KIEASRSDWIKVFDGLSLENTALDKWKVKKDGGQFDQFAGATITPRAVVKTVLQGLQFQARHAEQLKAE
;
G
6 'polypeptide(L)'
;MIEATLALTVMGVLLGCGLGLAARKFAVTDENPLIKEVSDLMPGSQCGQCGFPGCGAAAVAIVEGNASVTCCPPGGVGLA
EKLAAILGVPLDASQVAAPMLARVEASQCIGCTRCYRACPTDAIVGASGQVHVVLEDACTGCGKCRDACPEDCVLLIPQE
QTLDTWRWDKPAAA
;
B,b
#
# COMPACT_ATOMS: atom_id res chain seq x y z
N GLU A 2 1.46 12.57 -31.56
CA GLU A 2 0.43 11.54 -31.39
C GLU A 2 -0.42 11.84 -30.17
N TYR A 3 -1.60 11.22 -30.10
CA TYR A 3 -2.53 11.44 -28.99
C TYR A 3 -2.23 10.54 -27.80
N VAL A 4 -1.68 9.35 -28.03
CA VAL A 4 -1.37 8.44 -26.93
C VAL A 4 -0.30 9.04 -26.03
N LEU A 5 0.73 9.65 -26.62
CA LEU A 5 1.76 10.28 -25.81
C LEU A 5 1.19 11.44 -25.00
N PHE A 6 0.30 12.22 -25.61
CA PHE A 6 -0.32 13.33 -24.87
C PHE A 6 -1.16 12.82 -23.71
N LEU A 7 -1.94 11.76 -23.93
CA LEU A 7 -2.75 11.20 -22.86
C LEU A 7 -1.89 10.65 -21.73
N LEU A 8 -0.83 9.92 -22.08
CA LEU A 8 0.05 9.38 -21.05
C LEU A 8 0.77 10.48 -20.28
N GLY A 9 1.19 11.54 -20.97
CA GLY A 9 1.81 12.66 -20.29
C GLY A 9 0.86 13.36 -19.35
N THR A 10 -0.39 13.52 -19.77
CA THR A 10 -1.39 14.13 -18.89
C THR A 10 -1.65 13.26 -17.67
N VAL A 11 -1.70 11.93 -17.86
CA VAL A 11 -2.02 11.04 -16.75
C VAL A 11 -0.85 10.96 -15.76
N LEU A 12 0.37 10.81 -16.25
CA LEU A 12 1.51 10.52 -15.40
C LEU A 12 2.43 11.72 -15.22
N VAL A 13 2.90 12.33 -16.31
CA VAL A 13 3.91 13.38 -16.21
C VAL A 13 3.32 14.65 -15.61
N HIS A 14 2.05 14.95 -15.89
CA HIS A 14 1.44 16.20 -15.49
C HIS A 14 0.17 15.94 -14.70
N ASN A 15 0.25 15.03 -13.73
CA ASN A 15 -0.92 14.61 -12.96
C ASN A 15 -1.60 15.81 -12.32
N VAL A 16 -2.93 15.84 -12.40
CA VAL A 16 -3.70 17.01 -11.97
C VAL A 16 -3.73 17.20 -10.47
N VAL A 17 -3.33 16.19 -9.69
CA VAL A 17 -3.43 16.24 -8.24
C VAL A 17 -2.05 16.34 -7.59
N LEU A 18 -1.14 15.43 -7.95
CA LEU A 18 0.15 15.38 -7.27
C LEU A 18 1.03 16.57 -7.65
N VAL A 19 0.95 17.04 -8.90
CA VAL A 19 1.72 18.19 -9.34
C VAL A 19 0.82 19.31 -9.84
N GLY A 20 -0.50 19.19 -9.67
CA GLY A 20 -1.42 20.22 -10.11
C GLY A 20 -2.14 20.90 -8.96
N PHE A 21 -2.32 20.17 -7.87
CA PHE A 21 -3.03 20.67 -6.68
C PHE A 21 -4.44 21.15 -7.02
N LEU A 22 -5.17 20.31 -7.75
CA LEU A 22 -6.54 20.59 -8.14
C LEU A 22 -7.44 19.48 -7.66
N GLY A 23 -8.58 19.84 -7.09
CA GLY A 23 -9.53 18.85 -6.61
C GLY A 23 -9.04 18.04 -5.44
N LEU A 24 -8.41 18.68 -4.46
CA LEU A 24 -7.84 17.96 -3.33
C LEU A 24 -8.86 17.71 -2.22
N CYS A 25 -9.84 18.59 -2.05
CA CYS A 25 -10.81 18.40 -0.97
C CYS A 25 -11.66 17.14 -1.14
N PRO A 26 -12.33 16.90 -2.29
CA PRO A 26 -13.05 15.64 -2.42
C PRO A 26 -12.13 14.44 -2.50
N PHE A 27 -10.93 14.62 -3.06
CA PHE A 27 -9.96 13.53 -3.14
C PHE A 27 -9.52 13.09 -1.75
N MET A 28 -9.43 14.01 -0.80
CA MET A 28 -9.03 13.69 0.56
C MET A 28 -10.22 13.43 1.48
N GLY A 29 -11.44 13.69 1.02
CA GLY A 29 -12.61 13.45 1.83
C GLY A 29 -13.37 12.19 1.49
N VAL A 30 -13.29 11.72 0.25
CA VAL A 30 -14.02 10.54 -0.17
C VAL A 30 -13.14 9.29 -0.29
N SER A 31 -11.82 9.44 -0.29
CA SER A 31 -10.92 8.30 -0.52
C SER A 31 -10.82 7.36 0.66
N SER A 32 -11.61 7.53 1.72
CA SER A 32 -11.54 6.59 2.83
C SER A 32 -12.07 5.21 2.45
N LYS A 33 -13.03 5.15 1.53
CA LYS A 33 -13.62 3.90 1.10
C LYS A 33 -13.42 3.74 -0.40
N LEU A 34 -13.17 2.49 -0.82
CA LEU A 34 -12.77 2.24 -2.21
C LEU A 34 -13.94 2.43 -3.17
N ASP A 35 -15.12 1.90 -2.84
CA ASP A 35 -16.25 1.98 -3.76
C ASP A 35 -16.69 3.42 -4.01
N PRO A 36 -16.88 4.28 -3.01
CA PRO A 36 -17.15 5.69 -3.32
C PRO A 36 -16.05 6.36 -4.11
N SER A 37 -14.79 5.97 -3.87
CA SER A 37 -13.70 6.54 -4.65
C SER A 37 -13.83 6.19 -6.12
N ILE A 38 -14.13 4.93 -6.43
CA ILE A 38 -14.32 4.51 -7.81
C ILE A 38 -15.51 5.23 -8.44
N GLY A 39 -16.62 5.32 -7.71
CA GLY A 39 -17.79 6.00 -8.25
C GLY A 39 -17.51 7.45 -8.56
N LEU A 40 -16.89 8.15 -7.62
CA LEU A 40 -16.55 9.56 -7.84
C LEU A 40 -15.54 9.72 -8.96
N ALA A 41 -14.61 8.76 -9.10
CA ALA A 41 -13.63 8.83 -10.17
C ALA A 41 -14.31 8.76 -11.53
N VAL A 42 -15.22 7.80 -11.70
CA VAL A 42 -15.93 7.68 -12.98
C VAL A 42 -16.77 8.93 -13.23
N ALA A 43 -17.49 9.40 -12.20
CA ALA A 43 -18.35 10.56 -12.37
C ALA A 43 -17.54 11.80 -12.74
N THR A 44 -16.41 12.01 -12.07
CA THR A 44 -15.61 13.20 -12.35
C THR A 44 -14.92 13.12 -13.70
N THR A 45 -14.54 11.91 -14.14
CA THR A 45 -14.00 11.78 -15.49
C THR A 45 -15.03 12.19 -16.52
N LEU A 46 -16.25 11.67 -16.40
CA LEU A 46 -17.32 12.03 -17.34
C LEU A 46 -17.60 13.53 -17.29
N VAL A 47 -17.73 14.08 -16.09
CA VAL A 47 -18.09 15.49 -15.94
C VAL A 47 -17.00 16.39 -16.49
N MET A 48 -15.73 16.04 -16.22
CA MET A 48 -14.64 16.88 -16.70
C MET A 48 -14.51 16.82 -18.21
N GLY A 49 -14.72 15.64 -18.81
CA GLY A 49 -14.70 15.56 -20.27
C GLY A 49 -15.79 16.42 -20.90
N LEU A 50 -17.02 16.28 -20.40
CA LEU A 50 -18.12 17.07 -20.95
C LEU A 50 -17.90 18.57 -20.70
N GLY A 51 -17.39 18.92 -19.52
CA GLY A 51 -17.14 20.32 -19.21
C GLY A 51 -16.07 20.92 -20.09
N GLY A 52 -15.00 20.18 -20.35
CA GLY A 52 -13.97 20.66 -21.26
C GLY A 52 -14.50 20.86 -22.66
N ALA A 53 -15.29 19.91 -23.16
CA ALA A 53 -15.86 20.06 -24.50
C ALA A 53 -16.77 21.29 -24.57
N SER A 54 -17.66 21.44 -23.59
CA SER A 54 -18.59 22.56 -23.59
C SER A 54 -17.87 23.89 -23.43
N SER A 55 -16.84 23.93 -22.57
CA SER A 55 -16.07 25.15 -22.38
C SER A 55 -15.35 25.55 -23.65
N TRP A 56 -14.75 24.59 -24.36
CA TRP A 56 -14.10 24.93 -25.62
C TRP A 56 -15.11 25.43 -26.64
N LEU A 57 -16.28 24.78 -26.72
CA LEU A 57 -17.30 25.24 -27.66
C LEU A 57 -17.74 26.66 -27.35
N LEU A 58 -18.01 26.95 -26.08
CA LEU A 58 -18.45 28.28 -25.69
C LEU A 58 -17.37 29.32 -25.94
N GLU A 59 -16.11 28.99 -25.65
CA GLU A 59 -15.03 29.95 -25.83
C GLU A 59 -14.80 30.26 -27.31
N HIS A 60 -14.82 29.24 -28.16
CA HIS A 60 -14.47 29.43 -29.56
C HIS A 60 -15.68 29.75 -30.45
N TYR A 61 -16.90 29.75 -29.90
CA TYR A 61 -18.07 30.09 -30.69
C TYR A 61 -18.85 31.29 -30.16
N VAL A 62 -18.68 31.66 -28.89
CA VAL A 62 -19.48 32.75 -28.31
C VAL A 62 -18.59 33.85 -27.75
N LEU A 63 -17.70 33.49 -26.82
CA LEU A 63 -16.93 34.50 -26.11
C LEU A 63 -15.97 35.23 -27.06
N LEU A 64 -15.16 34.49 -27.81
CA LEU A 64 -14.20 35.13 -28.70
C LEU A 64 -14.86 35.92 -29.83
N PRO A 65 -15.86 35.40 -30.55
CA PRO A 65 -16.46 36.21 -31.62
C PRO A 65 -17.09 37.50 -31.13
N LEU A 66 -17.69 37.50 -29.93
CA LEU A 66 -18.31 38.70 -29.40
C LEU A 66 -17.31 39.68 -28.80
N GLY A 67 -16.06 39.27 -28.61
CA GLY A 67 -15.03 40.14 -28.10
C GLY A 67 -14.88 40.14 -26.60
N ILE A 68 -15.76 39.47 -25.87
CA ILE A 68 -15.71 39.44 -24.40
C ILE A 68 -14.99 38.16 -23.98
N GLY A 69 -13.87 38.33 -23.29
CA GLY A 69 -13.13 37.21 -22.76
C GLY A 69 -13.02 37.22 -21.25
N PHE A 70 -13.08 38.41 -20.66
CA PHE A 70 -12.86 38.56 -19.22
C PHE A 70 -13.98 37.92 -18.39
N ILE A 71 -15.10 37.57 -19.01
CA ILE A 71 -16.20 36.93 -18.30
C ILE A 71 -15.96 35.43 -18.23
N ARG A 72 -14.84 34.97 -18.82
CA ARG A 72 -14.69 33.55 -19.14
C ARG A 72 -14.97 32.67 -17.92
N ILE A 73 -14.29 32.96 -16.80
CA ILE A 73 -14.47 32.16 -15.60
C ILE A 73 -15.94 31.98 -15.30
N LEU A 74 -16.65 33.10 -15.11
CA LEU A 74 -18.09 33.05 -14.85
C LEU A 74 -18.76 32.10 -15.83
N ALA A 75 -18.63 32.39 -17.12
CA ALA A 75 -19.34 31.61 -18.13
C ALA A 75 -19.06 30.14 -17.88
N TYR A 76 -17.76 29.81 -17.84
CA TYR A 76 -17.37 28.42 -17.67
C TYR A 76 -18.12 27.78 -16.52
N ILE A 77 -17.97 28.36 -15.32
CA ILE A 77 -18.52 27.69 -14.15
C ILE A 77 -20.03 27.55 -14.31
N VAL A 78 -20.68 28.64 -14.73
CA VAL A 78 -22.13 28.62 -14.91
C VAL A 78 -22.50 27.43 -15.77
N VAL A 79 -21.93 27.37 -16.97
CA VAL A 79 -22.26 26.29 -17.90
C VAL A 79 -22.05 24.96 -17.21
N ILE A 80 -20.85 24.74 -16.68
CA ILE A 80 -20.53 23.45 -16.07
C ILE A 80 -21.53 23.15 -14.99
N ALA A 81 -21.80 24.13 -14.12
CA ALA A 81 -22.71 23.92 -13.01
C ALA A 81 -24.04 23.45 -13.59
N GLY A 82 -24.56 24.24 -14.53
CA GLY A 82 -25.79 23.89 -15.22
C GLY A 82 -25.74 22.44 -15.66
N MET A 83 -24.73 22.11 -16.48
CA MET A 83 -24.65 20.79 -17.05
C MET A 83 -24.69 19.74 -15.96
N VAL A 84 -23.88 19.94 -14.90
CA VAL A 84 -23.81 18.94 -13.84
C VAL A 84 -25.20 18.68 -13.27
N GLN A 85 -25.92 19.76 -12.98
CA GLN A 85 -27.27 19.62 -12.43
C GLN A 85 -28.11 18.70 -13.31
N LEU A 86 -28.10 18.95 -14.62
CA LEU A 86 -28.85 18.09 -15.52
C LEU A 86 -28.39 16.65 -15.40
N ILE A 87 -27.07 16.43 -15.53
CA ILE A 87 -26.49 15.09 -15.49
C ILE A 87 -26.89 14.42 -14.19
N GLU A 88 -27.16 15.21 -13.16
CA GLU A 88 -27.64 14.64 -11.91
C GLU A 88 -29.09 14.17 -12.05
N MET A 89 -30.00 15.11 -12.33
CA MET A 89 -31.41 14.83 -12.12
C MET A 89 -31.97 13.85 -13.14
N ILE A 90 -31.48 13.91 -14.38
CA ILE A 90 -31.90 12.96 -15.40
C ILE A 90 -31.55 11.54 -14.99
N ILE A 91 -30.53 11.37 -14.16
CA ILE A 91 -30.15 10.03 -13.71
C ILE A 91 -31.08 9.50 -12.63
N ARG A 92 -31.80 10.38 -11.93
CA ARG A 92 -32.56 9.98 -10.75
C ARG A 92 -33.52 8.82 -10.98
N LYS A 93 -34.46 8.98 -11.91
CA LYS A 93 -35.51 7.98 -12.10
C LYS A 93 -35.54 7.36 -13.48
N ALA A 94 -34.88 7.94 -14.49
CA ALA A 94 -34.81 7.29 -15.79
C ALA A 94 -34.07 5.96 -15.69
N SER A 95 -32.99 5.93 -14.93
CA SER A 95 -32.27 4.70 -14.60
C SER A 95 -32.03 4.69 -13.10
N PRO A 96 -33.02 4.29 -12.31
CA PRO A 96 -32.86 4.36 -10.84
C PRO A 96 -31.70 3.53 -10.33
N SER A 97 -31.42 2.39 -10.95
CA SER A 97 -30.27 1.59 -10.55
C SER A 97 -28.96 2.31 -10.84
N LEU A 98 -28.95 3.18 -11.85
CA LEU A 98 -27.76 3.97 -12.15
C LEU A 98 -27.49 5.04 -11.10
N TYR A 99 -28.51 5.41 -10.31
CA TYR A 99 -28.31 6.40 -9.25
C TYR A 99 -27.85 5.73 -7.97
N ARG A 100 -26.77 4.94 -8.08
CA ARG A 100 -26.09 4.38 -6.92
C ARG A 100 -24.58 4.36 -7.12
N SER A 101 -24.07 4.81 -8.25
CA SER A 101 -22.63 4.77 -8.53
C SER A 101 -22.15 6.10 -9.11
N LEU A 102 -23.04 6.81 -9.79
CA LEU A 102 -22.69 8.09 -10.42
C LEU A 102 -23.45 9.26 -9.85
N GLY A 103 -24.77 9.15 -9.69
CA GLY A 103 -25.57 10.29 -9.29
C GLY A 103 -25.29 10.75 -7.87
N ILE A 104 -25.07 9.81 -6.95
CA ILE A 104 -24.92 10.17 -5.55
C ILE A 104 -23.71 11.07 -5.34
N TYR A 105 -22.62 10.83 -6.07
CA TYR A 105 -21.39 11.58 -5.89
C TYR A 105 -21.31 12.82 -6.78
N LEU A 106 -22.27 13.01 -7.69
CA LEU A 106 -22.22 14.16 -8.59
C LEU A 106 -22.29 15.51 -7.88
N PRO A 107 -23.15 15.72 -6.84
CA PRO A 107 -23.14 17.01 -6.12
C PRO A 107 -21.76 17.54 -5.78
N LEU A 108 -20.84 16.65 -5.40
CA LEU A 108 -19.50 17.06 -4.98
C LEU A 108 -18.76 17.79 -6.10
N ILE A 109 -18.72 17.18 -7.28
CA ILE A 109 -17.87 17.65 -8.37
C ILE A 109 -18.43 18.90 -9.04
N THR A 110 -19.58 19.38 -8.55
CA THR A 110 -20.13 20.64 -9.08
C THR A 110 -19.15 21.79 -8.87
N THR A 111 -18.52 21.86 -7.70
CA THR A 111 -17.43 22.81 -7.44
C THR A 111 -16.25 22.01 -6.92
N ASN A 112 -15.25 21.81 -7.78
CA ASN A 112 -14.15 20.90 -7.49
C ASN A 112 -12.77 21.54 -7.64
N CYS A 113 -12.66 22.66 -8.33
CA CYS A 113 -11.46 23.40 -8.72
C CYS A 113 -10.72 22.70 -9.86
N ALA A 114 -11.10 21.48 -10.22
CA ALA A 114 -10.47 20.80 -11.35
C ALA A 114 -11.30 20.97 -12.61
N VAL A 115 -12.62 20.81 -12.50
CA VAL A 115 -13.52 21.08 -13.61
C VAL A 115 -13.41 22.53 -14.04
N LEU A 116 -12.89 23.41 -13.19
CA LEU A 116 -12.62 24.79 -13.56
C LEU A 116 -11.15 24.99 -13.94
N GLY A 117 -10.23 24.39 -13.19
CA GLY A 117 -8.82 24.48 -13.52
C GLY A 117 -8.46 24.02 -14.91
N VAL A 118 -8.79 22.79 -15.25
CA VAL A 118 -8.39 22.17 -16.51
C VAL A 118 -8.83 23.00 -17.73
N PRO A 119 -10.09 23.43 -17.85
CA PRO A 119 -10.46 24.24 -19.03
C PRO A 119 -9.67 25.53 -19.16
N LEU A 120 -9.36 26.21 -18.05
CA LEU A 120 -8.58 27.45 -18.14
C LEU A 120 -7.17 27.17 -18.62
N LEU A 121 -6.55 26.11 -18.10
CA LEU A 121 -5.23 25.71 -18.58
C LEU A 121 -5.28 25.40 -20.08
N SER A 122 -6.31 24.67 -20.52
CA SER A 122 -6.51 24.43 -21.94
C SER A 122 -6.56 25.74 -22.72
N VAL A 123 -7.36 26.69 -22.23
CA VAL A 123 -7.50 28.02 -22.82
C VAL A 123 -6.13 28.67 -22.99
N ARG A 124 -5.28 28.54 -21.97
CA ARG A 124 -3.94 29.13 -22.05
C ARG A 124 -3.14 28.53 -23.21
N GLU A 125 -3.22 27.21 -23.39
CA GLU A 125 -2.47 26.54 -24.45
C GLU A 125 -3.12 26.68 -25.82
N GLY A 126 -4.35 27.19 -25.89
CA GLY A 126 -5.02 27.35 -27.18
C GLY A 126 -5.28 26.04 -27.91
N HIS A 127 -5.75 25.02 -27.19
CA HIS A 127 -6.04 23.73 -27.81
C HIS A 127 -7.29 23.83 -28.69
N ASP A 128 -7.41 22.88 -29.61
CA ASP A 128 -8.59 22.75 -30.44
C ASP A 128 -9.63 21.91 -29.69
N LEU A 129 -10.73 21.57 -30.35
CA LEU A 129 -11.79 20.81 -29.69
C LEU A 129 -11.31 19.41 -29.31
N THR A 130 -10.68 18.70 -30.25
CA THR A 130 -10.20 17.36 -29.96
C THR A 130 -9.12 17.38 -28.88
N MET A 131 -8.20 18.34 -28.96
CA MET A 131 -7.16 18.44 -27.94
C MET A 131 -7.74 18.81 -26.58
N ALA A 132 -8.74 19.70 -26.56
CA ALA A 132 -9.37 20.04 -25.29
C ALA A 132 -10.07 18.85 -24.67
N VAL A 133 -10.79 18.07 -25.48
CA VAL A 133 -11.48 16.89 -24.97
C VAL A 133 -10.47 15.87 -24.46
N LEU A 134 -9.38 15.66 -25.20
CA LEU A 134 -8.35 14.72 -24.75
C LEU A 134 -7.70 15.19 -23.46
N PHE A 135 -7.46 16.50 -23.34
CA PHE A 135 -6.87 17.04 -22.11
C PHE A 135 -7.80 16.82 -20.92
N GLY A 136 -9.10 17.08 -21.12
CA GLY A 136 -10.05 16.85 -20.04
C GLY A 136 -10.11 15.38 -19.65
N LEU A 137 -10.15 14.49 -20.63
CA LEU A 137 -10.21 13.06 -20.33
C LEU A 137 -8.94 12.57 -19.66
N GLY A 138 -7.79 13.10 -20.05
CA GLY A 138 -6.55 12.74 -19.41
C GLY A 138 -6.49 13.20 -17.96
N SER A 139 -6.83 14.47 -17.73
CA SER A 139 -6.94 14.96 -16.36
C SER A 139 -7.88 14.10 -15.52
N GLY A 140 -9.02 13.72 -16.10
CA GLY A 140 -9.97 12.87 -15.41
C GLY A 140 -9.41 11.49 -15.08
N LEU A 141 -8.76 10.86 -16.06
CA LEU A 141 -8.18 9.53 -15.87
C LEU A 141 -6.95 9.58 -14.96
N GLY A 142 -6.43 10.78 -14.71
CA GLY A 142 -5.34 10.92 -13.78
C GLY A 142 -5.86 11.10 -12.37
N PHE A 143 -6.91 11.90 -12.24
CA PHE A 143 -7.62 12.03 -10.97
C PHE A 143 -8.12 10.67 -10.50
N SER A 144 -8.71 9.89 -11.40
CA SER A 144 -9.13 8.53 -11.08
C SER A 144 -7.94 7.70 -10.66
N LEU A 145 -6.98 7.53 -11.57
CA LEU A 145 -5.78 6.71 -11.32
C LEU A 145 -5.11 7.03 -9.99
N ILE A 146 -5.25 8.26 -9.51
CA ILE A 146 -4.67 8.62 -8.22
C ILE A 146 -5.62 8.32 -7.07
N MET A 147 -6.91 8.56 -7.22
CA MET A 147 -7.86 8.29 -6.14
C MET A 147 -7.98 6.79 -5.87
N ILE A 148 -8.07 5.98 -6.92
CA ILE A 148 -8.25 4.54 -6.83
C ILE A 148 -6.95 3.86 -6.38
N ILE A 149 -5.89 4.65 -6.24
CA ILE A 149 -4.63 4.17 -5.69
C ILE A 149 -4.37 4.68 -4.28
N PHE A 150 -4.85 5.87 -3.92
CA PHE A 150 -4.73 6.40 -2.58
C PHE A 150 -5.76 5.78 -1.64
N ALA A 151 -6.94 5.44 -2.15
CA ALA A 151 -7.95 4.75 -1.36
C ALA A 151 -7.43 3.43 -0.80
N GLY A 152 -6.76 2.64 -1.66
CA GLY A 152 -6.18 1.39 -1.20
C GLY A 152 -5.19 1.57 -0.07
N LEU A 153 -4.31 2.57 -0.20
CA LEU A 153 -3.34 2.84 0.86
C LEU A 153 -4.02 3.28 2.14
N ARG A 154 -5.02 4.16 2.05
CA ARG A 154 -5.73 4.59 3.25
C ARG A 154 -6.54 3.48 3.89
N GLU A 155 -7.02 2.51 3.10
CA GLU A 155 -7.73 1.37 3.67
C GLU A 155 -6.77 0.40 4.34
N ARG A 156 -5.61 0.17 3.73
CA ARG A 156 -4.53 -0.59 4.34
C ARG A 156 -4.11 0.04 5.66
N LEU A 157 -4.10 1.38 5.72
CA LEU A 157 -3.68 2.06 6.94
C LEU A 157 -4.78 2.14 7.98
N ALA A 158 -6.04 2.05 7.58
CA ALA A 158 -7.14 2.03 8.55
C ALA A 158 -7.03 0.84 9.50
N LEU A 159 -6.51 -0.29 9.02
CA LEU A 159 -6.29 -1.46 9.85
C LEU A 159 -4.89 -1.51 10.45
N ALA A 160 -4.07 -0.49 10.22
CA ALA A 160 -2.69 -0.47 10.69
C ALA A 160 -2.63 -0.07 12.16
N ASN A 161 -1.42 0.24 12.63
CA ASN A 161 -1.17 0.59 14.02
C ASN A 161 -0.58 2.00 14.11
N VAL A 162 -1.15 2.91 13.34
CA VAL A 162 -0.71 4.30 13.29
C VAL A 162 -0.89 4.92 14.66
N PRO A 163 0.05 5.74 15.14
CA PRO A 163 -0.08 6.31 16.48
C PRO A 163 -1.31 7.20 16.60
N ALA A 164 -1.83 7.30 17.83
CA ALA A 164 -3.07 8.04 18.06
C ALA A 164 -2.95 9.50 17.67
N ALA A 165 -1.73 10.04 17.67
CA ALA A 165 -1.51 11.43 17.29
C ALA A 165 -1.40 11.62 15.79
N PHE A 166 -1.44 10.55 14.99
CA PHE A 166 -1.35 10.65 13.54
C PHE A 166 -2.42 9.88 12.79
N SER A 167 -3.26 9.11 13.48
CA SER A 167 -4.28 8.32 12.80
C SER A 167 -5.29 9.23 12.12
N GLY A 168 -5.56 8.96 10.84
CA GLY A 168 -6.56 9.70 10.10
C GLY A 168 -5.96 10.61 9.05
N PRO A 169 -6.36 11.88 9.09
CA PRO A 169 -5.93 12.83 8.04
C PRO A 169 -4.43 13.04 7.98
N PRO A 170 -3.74 13.25 9.12
CA PRO A 170 -2.29 13.52 9.01
C PRO A 170 -1.50 12.43 8.28
N ILE A 171 -1.78 11.16 8.60
CA ILE A 171 -1.10 10.08 7.91
C ILE A 171 -1.49 10.05 6.44
N ALA A 172 -2.72 10.45 6.12
CA ALA A 172 -3.13 10.51 4.71
C ALA A 172 -2.34 11.58 3.96
N PHE A 173 -2.14 12.73 4.58
CA PHE A 173 -1.35 13.79 3.95
C PHE A 173 0.10 13.36 3.76
N VAL A 174 0.67 12.70 4.77
CA VAL A 174 2.05 12.23 4.65
C VAL A 174 2.16 11.20 3.53
N THR A 175 1.20 10.27 3.45
CA THR A 175 1.22 9.28 2.39
C THR A 175 1.06 9.92 1.01
N ALA A 176 0.23 10.96 0.91
CA ALA A 176 0.08 11.66 -0.36
C ALA A 176 1.38 12.36 -0.76
N GLY A 177 2.06 12.96 0.21
CA GLY A 177 3.36 13.55 -0.07
C GLY A 177 4.36 12.54 -0.58
N LEU A 178 4.42 11.37 0.07
CA LEU A 178 5.33 10.33 -0.39
C LEU A 178 4.94 9.77 -1.75
N LEU A 179 3.63 9.70 -2.04
CA LEU A 179 3.19 9.24 -3.35
C LEU A 179 3.54 10.25 -4.45
N ALA A 180 3.47 11.55 -4.14
CA ALA A 180 3.93 12.55 -5.09
C ALA A 180 5.44 12.46 -5.30
N LEU A 181 6.19 12.22 -4.23
CA LEU A 181 7.64 12.04 -4.35
C LEU A 181 7.98 10.80 -5.17
N ALA A 182 7.12 9.77 -5.15
CA ALA A 182 7.32 8.59 -5.98
C ALA A 182 6.91 8.84 -7.44
N PHE A 183 5.86 9.63 -7.66
CA PHE A 183 5.45 9.98 -9.01
C PHE A 183 6.44 10.94 -9.67
N MET A 184 7.26 11.62 -8.87
CA MET A 184 8.22 12.57 -9.42
C MET A 184 9.17 11.94 -10.44
N GLY A 185 9.34 10.61 -10.40
CA GLY A 185 10.24 9.96 -11.33
C GLY A 185 9.80 10.00 -12.78
N PHE A 186 8.50 10.17 -13.03
CA PHE A 186 8.00 10.25 -14.39
C PHE A 186 8.23 11.59 -15.05
N GLY A 187 8.72 12.58 -14.31
CA GLY A 187 8.95 13.91 -14.87
C GLY A 187 9.97 13.92 -15.99
N GLY A 188 9.60 14.53 -17.12
CA GLY A 188 10.46 14.62 -18.27
C GLY A 188 10.41 13.43 -19.20
N LEU A 189 9.71 12.36 -18.82
CA LEU A 189 9.59 11.20 -19.70
C LEU A 189 8.82 11.55 -20.97
N ILE A 190 7.73 12.30 -20.83
CA ILE A 190 6.93 12.71 -21.98
C ILE A 190 6.71 14.22 -21.94
N TYR B 2 -7.54 -43.05 -7.56
CA TYR B 2 -6.36 -43.50 -6.83
C TYR B 2 -5.12 -42.87 -7.42
N PHE B 3 -3.94 -43.42 -7.09
CA PHE B 3 -2.66 -42.88 -7.54
C PHE B 3 -2.53 -41.42 -7.11
N ASN B 4 -2.45 -41.25 -5.79
CA ASN B 4 -2.72 -39.99 -5.10
C ASN B 4 -2.11 -38.79 -5.82
N LEU B 5 -2.93 -37.75 -5.95
CA LEU B 5 -2.52 -36.49 -6.59
C LEU B 5 -1.62 -35.65 -5.70
N SER B 6 -1.42 -36.05 -4.44
CA SER B 6 -0.62 -35.28 -3.49
C SER B 6 -1.22 -33.89 -3.35
N SER B 7 -0.55 -32.89 -3.92
CA SER B 7 -1.05 -31.51 -3.93
C SER B 7 -1.21 -31.00 -2.50
N ILE B 8 -2.46 -31.00 -2.00
CA ILE B 8 -2.82 -30.56 -0.66
C ILE B 8 -2.76 -29.03 -0.60
N ARG B 9 -1.80 -28.45 -1.31
CA ARG B 9 -1.63 -27.00 -1.42
C ARG B 9 -1.38 -26.38 -0.05
N GLY B 10 -0.37 -26.89 0.64
CA GLY B 10 0.02 -26.41 1.95
C GLY B 10 0.43 -27.59 2.82
N GLY B 11 0.73 -27.28 4.08
CA GLY B 11 1.15 -28.31 5.01
C GLY B 11 2.50 -28.04 5.62
N VAL B 12 2.76 -28.65 6.79
CA VAL B 12 4.01 -28.47 7.51
C VAL B 12 4.52 -29.84 7.92
N HIS B 13 5.79 -29.89 8.34
CA HIS B 13 6.45 -31.12 8.75
C HIS B 13 6.98 -30.95 10.17
N PRO B 14 6.10 -30.99 11.17
CA PRO B 14 6.57 -30.89 12.55
C PRO B 14 7.29 -32.15 13.00
N ALA B 15 8.04 -32.02 14.09
CA ALA B 15 8.74 -33.17 14.65
C ALA B 15 7.74 -34.23 15.09
N ALA B 16 7.86 -35.43 14.55
CA ALA B 16 6.88 -36.48 14.82
C ALA B 16 6.94 -36.94 16.27
N HIS B 17 8.14 -37.25 16.76
CA HIS B 17 8.34 -37.78 18.12
C HIS B 17 7.50 -39.03 18.35
N LYS B 18 7.33 -39.86 17.32
CA LYS B 18 6.53 -41.08 17.42
C LYS B 18 7.37 -42.31 17.76
N ASP B 19 8.69 -42.19 17.87
CA ASP B 19 9.55 -43.34 18.08
C ASP B 19 9.73 -43.71 19.55
N LEU B 20 9.36 -42.84 20.48
CA LEU B 20 9.54 -43.14 21.90
C LEU B 20 8.33 -43.80 22.54
N SER B 21 7.23 -43.95 21.81
CA SER B 21 6.02 -44.50 22.39
C SER B 21 5.49 -45.69 21.60
N ALA B 22 5.76 -45.73 20.30
CA ALA B 22 5.29 -46.82 19.45
C ALA B 22 6.30 -47.98 19.40
N ALA B 23 6.72 -48.44 20.57
CA ALA B 23 7.54 -49.63 20.70
C ALA B 23 6.86 -50.72 21.52
N LEU B 24 6.32 -50.36 22.68
CA LEU B 24 5.68 -51.31 23.58
C LEU B 24 4.27 -51.64 23.11
N PRO B 25 3.78 -52.83 23.40
CA PRO B 25 2.39 -53.17 23.07
C PRO B 25 1.42 -52.39 23.94
N ILE B 26 0.14 -52.49 23.57
CA ILE B 26 -0.91 -51.77 24.29
C ILE B 26 -1.03 -52.34 25.69
N GLY B 27 -0.88 -51.49 26.69
CA GLY B 27 -0.96 -51.90 28.08
C GLY B 27 -2.39 -52.00 28.57
N SER B 28 -2.52 -52.23 29.87
CA SER B 28 -3.82 -52.38 30.51
C SER B 28 -3.86 -51.53 31.78
N LEU B 29 -5.07 -51.19 32.21
CA LEU B 29 -5.29 -50.37 33.37
C LEU B 29 -5.97 -51.19 34.47
N PRO B 30 -5.47 -51.13 35.71
CA PRO B 30 -6.25 -51.65 36.83
C PRO B 30 -7.50 -50.81 37.02
N LEU B 31 -8.55 -51.44 37.53
CA LEU B 31 -9.84 -50.75 37.66
C LEU B 31 -9.73 -49.65 38.71
N PRO B 32 -9.96 -48.39 38.35
CA PRO B 32 -9.92 -47.32 39.35
C PRO B 32 -11.15 -47.36 40.23
N PRO B 33 -11.09 -46.74 41.41
CA PRO B 33 -12.23 -46.84 42.35
C PRO B 33 -13.51 -46.23 41.81
N ARG B 34 -13.45 -45.00 41.29
CA ARG B 34 -14.64 -44.31 40.83
C ARG B 34 -14.41 -43.71 39.45
N LEU B 35 -15.45 -43.73 38.62
CA LEU B 35 -15.42 -43.20 37.27
C LEU B 35 -16.39 -42.02 37.17
N TYR B 36 -15.97 -40.99 36.44
CA TYR B 36 -16.81 -39.83 36.18
C TYR B 36 -17.18 -39.83 34.71
N LEU B 37 -18.46 -40.05 34.42
CA LEU B 37 -18.94 -40.11 33.05
C LEU B 37 -19.75 -38.86 32.74
N PRO B 38 -19.22 -37.90 31.98
CA PRO B 38 -20.04 -36.77 31.53
C PRO B 38 -21.17 -37.25 30.64
N LEU B 39 -22.34 -36.61 30.77
CA LEU B 39 -23.48 -36.97 29.95
C LEU B 39 -23.40 -36.44 28.54
N ARG B 40 -22.42 -35.58 28.24
CA ARG B 40 -22.23 -35.03 26.90
C ARG B 40 -20.82 -35.39 26.45
N GLN B 41 -20.67 -36.56 25.85
CA GLN B 41 -19.42 -37.00 25.25
C GLN B 41 -19.49 -37.02 23.74
N HIS B 42 -20.51 -36.39 23.15
CA HIS B 42 -20.73 -36.41 21.72
C HIS B 42 -21.08 -34.99 21.27
N ALA B 43 -21.51 -34.86 20.01
CA ALA B 43 -22.00 -33.60 19.49
C ALA B 43 -23.53 -33.59 19.54
N GLY B 44 -24.10 -32.39 19.40
CA GLY B 44 -25.54 -32.26 19.41
C GLY B 44 -26.10 -32.28 20.82
N ALA B 45 -27.30 -32.84 20.95
CA ALA B 45 -28.01 -32.85 22.22
C ALA B 45 -27.32 -33.76 23.23
N GLU B 46 -27.65 -33.54 24.50
CA GLU B 46 -27.07 -34.29 25.61
C GLU B 46 -28.04 -35.37 26.07
N ALA B 47 -27.51 -36.57 26.30
CA ALA B 47 -28.34 -37.69 26.69
C ALA B 47 -28.91 -37.49 28.09
N LEU B 48 -30.05 -38.14 28.35
CA LEU B 48 -30.74 -38.04 29.62
C LEU B 48 -30.53 -39.30 30.45
N PRO B 49 -30.27 -39.17 31.74
CA PRO B 49 -30.01 -40.35 32.57
C PRO B 49 -31.28 -41.16 32.80
N MET B 50 -31.09 -42.47 33.00
CA MET B 50 -32.19 -43.38 33.27
C MET B 50 -32.08 -44.11 34.59
N VAL B 51 -30.92 -44.08 35.24
CA VAL B 51 -30.72 -44.76 36.51
C VAL B 51 -30.75 -43.74 37.64
N ALA B 52 -31.06 -44.22 38.83
CA ALA B 52 -31.13 -43.40 40.03
C ALA B 52 -29.93 -43.67 40.93
N VAL B 53 -29.80 -42.84 41.96
CA VAL B 53 -28.70 -42.99 42.91
C VAL B 53 -28.86 -44.28 43.69
N GLY B 54 -27.78 -45.05 43.81
CA GLY B 54 -27.80 -46.30 44.55
C GLY B 54 -28.14 -47.52 43.74
N ASP B 55 -28.53 -47.36 42.48
CA ASP B 55 -28.89 -48.50 41.65
C ASP B 55 -27.65 -49.33 41.32
N LYS B 56 -27.88 -50.62 41.08
CA LYS B 56 -26.81 -51.54 40.70
C LYS B 56 -26.86 -51.78 39.20
N VAL B 57 -25.75 -51.53 38.52
CA VAL B 57 -25.66 -51.66 37.07
C VAL B 57 -24.54 -52.62 36.73
N LEU B 58 -24.65 -53.23 35.55
CA LEU B 58 -23.66 -54.16 35.04
C LEU B 58 -22.88 -53.51 33.91
N LYS B 59 -21.77 -54.15 33.54
CA LYS B 59 -20.90 -53.63 32.49
C LYS B 59 -21.62 -53.67 31.16
N GLY B 60 -22.00 -52.49 30.66
CA GLY B 60 -22.69 -52.37 29.39
C GLY B 60 -24.11 -51.86 29.47
N GLN B 61 -24.62 -51.57 30.66
CA GLN B 61 -25.98 -51.07 30.78
C GLN B 61 -26.11 -49.68 30.16
N LEU B 62 -27.30 -49.38 29.66
CA LEU B 62 -27.59 -48.09 29.02
C LEU B 62 -27.94 -47.10 30.12
N LEU B 63 -26.91 -46.43 30.64
CA LEU B 63 -27.13 -45.44 31.70
C LEU B 63 -27.95 -44.26 31.19
N ALA B 64 -27.64 -43.77 29.99
CA ALA B 64 -28.32 -42.64 29.40
C ALA B 64 -28.73 -42.96 27.98
N PHE B 65 -29.81 -42.34 27.52
CA PHE B 65 -30.38 -42.58 26.21
C PHE B 65 -30.45 -41.28 25.42
N PRO B 66 -30.41 -41.36 24.09
CA PRO B 66 -30.43 -40.14 23.28
C PRO B 66 -31.81 -39.52 23.26
N PRO B 67 -31.91 -38.21 23.52
CA PRO B 67 -33.22 -37.56 23.46
C PRO B 67 -33.70 -37.28 22.04
N THR B 68 -32.80 -37.20 21.07
CA THR B 68 -33.17 -36.92 19.69
C THR B 68 -32.36 -37.81 18.77
N GLU B 69 -32.50 -37.59 17.46
CA GLU B 69 -31.79 -38.40 16.48
C GLU B 69 -30.28 -38.19 16.57
N VAL B 70 -29.84 -36.94 16.69
CA VAL B 70 -28.40 -36.62 16.69
C VAL B 70 -27.96 -36.62 18.15
N SER B 71 -27.57 -37.78 18.64
CA SER B 71 -27.05 -37.95 20.00
C SER B 71 -26.47 -39.36 20.09
N ALA B 72 -26.02 -39.74 21.28
CA ALA B 72 -25.43 -41.06 21.48
C ALA B 72 -25.63 -41.47 22.93
N PRO B 73 -25.96 -42.74 23.18
CA PRO B 73 -26.13 -43.20 24.56
C PRO B 73 -24.79 -43.33 25.27
N VAL B 74 -24.88 -43.47 26.60
CA VAL B 74 -23.71 -43.65 27.45
C VAL B 74 -23.86 -44.98 28.17
N HIS B 75 -22.82 -45.81 28.11
CA HIS B 75 -22.83 -47.14 28.69
C HIS B 75 -21.88 -47.22 29.88
N ALA B 76 -22.27 -48.01 30.86
CA ALA B 76 -21.46 -48.16 32.07
C ALA B 76 -20.18 -48.90 31.76
N PRO B 77 -19.01 -48.31 32.01
CA PRO B 77 -17.75 -49.02 31.73
C PRO B 77 -17.56 -50.28 32.54
N THR B 78 -18.07 -50.32 33.77
CA THR B 78 -17.90 -51.49 34.64
C THR B 78 -19.07 -51.58 35.59
N SER B 79 -19.27 -52.79 36.12
CA SER B 79 -20.36 -53.03 37.07
C SER B 79 -20.10 -52.29 38.37
N GLY B 80 -21.16 -51.69 38.92
CA GLY B 80 -21.01 -50.93 40.14
C GLY B 80 -22.32 -50.28 40.55
N ARG B 81 -22.20 -49.30 41.44
CA ARG B 81 -23.36 -48.60 41.98
C ARG B 81 -23.24 -47.11 41.70
N ILE B 82 -24.33 -46.51 41.21
CA ILE B 82 -24.36 -45.07 40.97
C ILE B 82 -24.36 -44.34 42.30
N VAL B 83 -23.51 -43.33 42.42
CA VAL B 83 -23.43 -42.52 43.64
C VAL B 83 -23.77 -41.06 43.41
N ALA B 84 -23.82 -40.59 42.17
CA ALA B 84 -24.12 -39.20 41.89
C ALA B 84 -24.57 -39.06 40.45
N ILE B 85 -25.56 -38.20 40.21
CA ILE B 85 -26.11 -37.93 38.89
C ILE B 85 -25.95 -36.45 38.59
N GLY B 86 -24.88 -35.84 39.12
CA GLY B 86 -24.86 -34.42 39.30
C GLY B 86 -23.75 -33.69 38.55
N PRO B 87 -23.02 -32.83 39.25
CA PRO B 87 -21.93 -32.10 38.61
C PRO B 87 -20.60 -32.85 38.66
N VAL B 88 -19.91 -32.88 37.52
CA VAL B 88 -18.59 -33.48 37.43
C VAL B 88 -17.68 -32.59 36.61
N PRO B 89 -16.38 -32.61 36.91
CA PRO B 89 -15.43 -31.83 36.11
C PRO B 89 -15.40 -32.31 34.67
N ALA B 90 -15.16 -31.37 33.76
CA ALA B 90 -15.19 -31.66 32.33
C ALA B 90 -13.81 -31.46 31.71
N PRO B 91 -13.49 -32.22 30.65
CA PRO B 91 -12.21 -32.02 29.94
C PRO B 91 -12.24 -30.83 29.00
N HIS B 92 -12.30 -29.63 29.59
CA HIS B 92 -12.37 -28.40 28.85
C HIS B 92 -11.33 -27.42 29.38
N PRO B 93 -10.80 -26.55 28.53
CA PRO B 93 -9.82 -25.56 29.02
C PRO B 93 -10.37 -24.65 30.10
N SER B 94 -11.68 -24.36 30.08
CA SER B 94 -12.25 -23.49 31.09
C SER B 94 -12.19 -24.13 32.48
N GLY B 95 -12.42 -25.43 32.55
CA GLY B 95 -12.47 -26.13 33.83
C GLY B 95 -13.82 -26.15 34.49
N LEU B 96 -14.85 -25.65 33.82
CA LEU B 96 -16.20 -25.65 34.39
C LEU B 96 -16.75 -27.07 34.46
N THR B 97 -17.74 -27.24 35.34
CA THR B 97 -18.36 -28.54 35.53
C THR B 97 -19.49 -28.77 34.53
N THR B 98 -19.98 -30.00 34.51
CA THR B 98 -21.06 -30.37 33.60
C THR B 98 -21.86 -31.51 34.20
N THR B 99 -23.06 -31.72 33.66
CA THR B 99 -23.90 -32.82 34.11
C THR B 99 -23.23 -34.16 33.79
N GLY B 100 -23.21 -35.05 34.77
CA GLY B 100 -22.56 -36.33 34.60
C GLY B 100 -22.79 -37.22 35.79
N ILE B 101 -22.57 -38.52 35.56
CA ILE B 101 -22.80 -39.56 36.55
C ILE B 101 -21.45 -39.95 37.15
N VAL B 102 -21.50 -40.48 38.37
CA VAL B 102 -20.34 -41.02 39.06
C VAL B 102 -20.63 -42.47 39.41
N LEU B 103 -19.78 -43.37 38.94
CA LEU B 103 -19.97 -44.81 39.13
C LEU B 103 -18.86 -45.36 40.02
N GLU B 104 -19.25 -46.07 41.07
CA GLU B 104 -18.30 -46.70 41.97
C GLU B 104 -18.02 -48.12 41.49
N SER B 105 -16.77 -48.40 41.16
CA SER B 105 -16.41 -49.69 40.57
C SER B 105 -16.52 -50.79 41.62
N ASP B 106 -17.43 -51.73 41.40
CA ASP B 106 -17.59 -52.84 42.31
C ASP B 106 -16.38 -53.77 42.29
N GLY B 107 -15.74 -53.93 41.14
CA GLY B 107 -14.57 -54.76 41.00
C GLY B 107 -14.85 -56.14 40.42
N GLU B 108 -16.10 -56.59 40.47
CA GLU B 108 -16.44 -57.89 39.88
C GLU B 108 -16.24 -57.88 38.37
N ASP B 109 -16.62 -56.80 37.70
CA ASP B 109 -16.48 -56.65 36.25
C ASP B 109 -17.23 -57.78 35.52
N ARG B 110 -18.53 -57.82 35.75
CA ARG B 110 -19.40 -58.83 35.13
C ARG B 110 -20.16 -58.22 33.97
N TRP B 111 -20.10 -58.88 32.82
CA TRP B 111 -20.75 -58.40 31.62
C TRP B 111 -22.26 -58.59 31.68
N ILE B 112 -22.98 -57.66 31.05
CA ILE B 112 -24.43 -57.74 30.92
C ILE B 112 -24.76 -58.72 29.80
N ASP B 113 -26.03 -59.13 29.71
CA ASP B 113 -26.46 -60.05 28.67
C ASP B 113 -26.55 -59.32 27.33
N LEU B 114 -25.46 -59.33 26.56
CA LEU B 114 -25.41 -58.62 25.30
C LEU B 114 -26.36 -59.25 24.28
N ASP B 115 -26.89 -58.39 23.40
CA ASP B 115 -27.75 -58.85 22.31
C ASP B 115 -26.89 -59.06 21.07
N VAL B 116 -26.23 -60.22 21.03
CA VAL B 116 -25.36 -60.54 19.92
C VAL B 116 -26.20 -60.76 18.66
N SER B 117 -25.60 -60.46 17.51
CA SER B 117 -26.27 -60.65 16.23
C SER B 117 -25.92 -62.03 15.66
N THR B 118 -26.52 -62.35 14.51
CA THR B 118 -26.29 -63.63 13.84
C THR B 118 -26.12 -63.35 12.36
N ASP B 119 -25.01 -63.83 11.78
CA ASP B 119 -24.70 -63.64 10.37
C ASP B 119 -24.79 -62.17 9.99
N PRO B 120 -23.84 -61.34 10.43
CA PRO B 120 -23.94 -59.90 10.13
C PRO B 120 -24.02 -59.58 8.65
N PHE B 121 -23.46 -60.41 7.78
CA PHE B 121 -23.66 -60.24 6.34
C PHE B 121 -24.91 -60.97 5.87
N ALA B 122 -26.03 -60.69 6.54
CA ALA B 122 -27.33 -61.20 6.09
C ALA B 122 -28.44 -60.17 6.12
N GLU B 123 -28.33 -59.09 6.88
CA GLU B 123 -29.43 -58.18 7.14
C GLU B 123 -29.35 -56.94 6.27
N ASP B 124 -30.46 -56.22 6.20
CA ASP B 124 -30.53 -54.99 5.44
C ASP B 124 -29.71 -53.89 6.13
N PRO B 125 -29.29 -52.87 5.38
CA PRO B 125 -28.45 -51.83 5.98
C PRO B 125 -29.09 -51.09 7.15
N LEU B 126 -30.42 -50.89 7.13
CA LEU B 126 -31.06 -50.12 8.18
C LEU B 126 -30.95 -50.80 9.55
N VAL B 127 -31.07 -52.12 9.59
CA VAL B 127 -30.95 -52.84 10.85
C VAL B 127 -29.55 -52.70 11.42
N LEU B 128 -28.53 -52.84 10.58
CA LEU B 128 -27.16 -52.64 11.03
C LEU B 128 -26.93 -51.20 11.48
N ALA B 129 -27.52 -50.24 10.77
CA ALA B 129 -27.38 -48.84 11.17
C ALA B 129 -27.98 -48.58 12.54
N ASP B 130 -29.17 -49.10 12.80
CA ASP B 130 -29.76 -48.87 14.12
C ASP B 130 -29.04 -49.67 15.21
N ARG B 131 -28.47 -50.82 14.87
CA ARG B 131 -27.63 -51.54 15.82
C ARG B 131 -26.40 -50.72 16.20
N VAL B 132 -25.78 -50.06 15.21
CA VAL B 132 -24.68 -49.14 15.49
C VAL B 132 -25.17 -47.97 16.33
N ALA B 133 -26.39 -47.49 16.06
CA ALA B 133 -26.94 -46.39 16.82
C ALA B 133 -27.07 -46.76 18.29
N LYS B 134 -27.58 -47.96 18.58
CA LYS B 134 -27.62 -48.46 19.94
C LYS B 134 -26.33 -49.18 20.31
N ALA B 135 -25.21 -48.50 20.11
CA ALA B 135 -23.91 -49.03 20.49
C ALA B 135 -23.00 -47.98 21.14
N GLY B 136 -23.34 -46.70 21.06
CA GLY B 136 -22.48 -45.67 21.61
C GLY B 136 -21.34 -45.23 20.73
N ILE B 137 -21.37 -45.55 19.44
CA ILE B 137 -20.29 -45.15 18.54
C ILE B 137 -20.38 -43.65 18.29
N VAL B 138 -19.27 -42.94 18.50
CA VAL B 138 -19.25 -41.48 18.43
C VAL B 138 -18.18 -41.00 17.47
N GLY B 139 -17.58 -41.92 16.71
CA GLY B 139 -16.58 -41.47 15.76
C GLY B 139 -15.31 -40.97 16.40
N LEU B 140 -14.54 -41.88 17.00
CA LEU B 140 -13.37 -41.48 17.79
C LEU B 140 -12.24 -41.00 16.87
N GLY B 141 -12.42 -39.86 16.24
CA GLY B 141 -11.40 -39.26 15.40
C GLY B 141 -11.14 -37.82 15.77
N GLY B 142 -11.94 -37.28 16.68
CA GLY B 142 -11.79 -35.91 17.12
C GLY B 142 -13.06 -35.09 16.95
N ALA B 143 -13.78 -35.33 15.86
CA ALA B 143 -15.01 -34.59 15.60
C ALA B 143 -16.15 -35.02 16.50
N ILE B 144 -15.99 -36.14 17.23
CA ILE B 144 -16.99 -36.75 18.11
C ILE B 144 -18.40 -36.60 17.55
N PHE B 145 -18.59 -37.04 16.31
CA PHE B 145 -19.89 -37.02 15.68
C PHE B 145 -20.46 -38.43 15.60
N PRO B 146 -21.74 -38.61 15.91
CA PRO B 146 -22.32 -39.96 15.93
C PRO B 146 -22.16 -40.66 14.58
N ALA B 147 -21.68 -41.90 14.63
CA ALA B 147 -21.46 -42.65 13.40
C ALA B 147 -22.77 -43.13 12.79
N ALA B 148 -23.80 -43.35 13.61
CA ALA B 148 -25.08 -43.80 13.08
C ALA B 148 -25.70 -42.78 12.14
N VAL B 149 -25.66 -41.50 12.52
CA VAL B 149 -26.21 -40.46 11.66
C VAL B 149 -25.44 -40.39 10.35
N LYS B 150 -24.11 -40.46 10.42
CA LYS B 150 -23.30 -40.43 9.21
C LYS B 150 -23.61 -41.59 8.29
N LEU B 151 -23.75 -42.80 8.86
CA LEU B 151 -24.06 -43.97 8.03
C LEU B 151 -25.45 -43.86 7.41
N LYS B 152 -26.44 -43.41 8.19
CA LYS B 152 -27.79 -43.28 7.66
C LYS B 152 -27.84 -42.25 6.53
N GLN B 153 -27.13 -41.13 6.70
CA GLN B 153 -27.08 -40.13 5.64
C GLN B 153 -26.34 -40.67 4.41
N GLY B 154 -25.27 -41.44 4.62
CA GLY B 154 -24.54 -42.01 3.51
C GLY B 154 -25.35 -43.01 2.72
N THR B 155 -26.21 -43.79 3.39
CA THR B 155 -27.04 -44.75 2.68
C THR B 155 -28.01 -44.07 1.72
N ARG B 156 -28.40 -42.83 2.04
CA ARG B 156 -29.36 -42.11 1.20
C ARG B 156 -28.79 -41.85 -0.19
N HIS B 157 -27.53 -41.42 -0.26
CA HIS B 157 -26.89 -41.11 -1.52
C HIS B 157 -26.21 -42.36 -2.07
N GLU B 158 -25.40 -42.20 -3.12
CA GLU B 158 -24.59 -43.27 -3.67
C GLU B 158 -23.14 -43.06 -3.26
N ILE B 159 -22.54 -44.08 -2.67
CA ILE B 159 -21.15 -44.05 -2.22
C ILE B 159 -20.33 -44.93 -3.13
N LYS B 160 -19.23 -44.38 -3.66
CA LYS B 160 -18.33 -45.11 -4.54
C LYS B 160 -17.05 -45.55 -3.85
N THR B 161 -16.84 -45.16 -2.59
CA THR B 161 -15.59 -45.45 -1.91
C THR B 161 -15.78 -45.20 -0.41
N VAL B 162 -15.36 -46.17 0.39
CA VAL B 162 -15.30 -46.03 1.84
C VAL B 162 -13.84 -45.84 2.22
N LEU B 163 -13.51 -44.66 2.73
CA LEU B 163 -12.13 -44.28 3.02
C LEU B 163 -11.91 -44.37 4.52
N VAL B 164 -11.06 -45.31 4.93
CA VAL B 164 -10.71 -45.47 6.34
C VAL B 164 -9.52 -44.55 6.63
N ASN B 165 -9.73 -43.60 7.55
CA ASN B 165 -8.73 -42.57 7.84
C ASN B 165 -7.73 -43.11 8.86
N GLY B 166 -6.79 -43.89 8.36
CA GLY B 166 -5.73 -44.43 9.19
C GLY B 166 -4.47 -43.60 9.25
N SER B 167 -4.49 -42.38 8.72
CA SER B 167 -3.29 -41.55 8.66
C SER B 167 -3.23 -40.67 9.90
N GLU B 168 -2.74 -41.25 10.99
CA GLU B 168 -2.54 -40.51 12.23
C GLU B 168 -1.40 -39.52 12.04
N CYS B 169 -1.74 -38.23 11.99
CA CYS B 169 -0.78 -37.20 11.61
C CYS B 169 -0.27 -36.37 12.78
N GLU B 170 -1.01 -36.32 13.89
CA GLU B 170 -0.63 -35.47 15.01
C GLU B 170 0.70 -35.92 15.60
N PRO B 171 1.58 -34.99 15.96
CA PRO B 171 2.82 -35.37 16.64
C PRO B 171 2.54 -35.98 18.00
N TYR B 172 3.44 -36.86 18.43
CA TYR B 172 3.45 -37.54 19.73
C TYR B 172 2.34 -38.58 19.86
N LEU B 173 1.47 -38.74 18.86
CA LEU B 173 0.35 -39.66 18.96
C LEU B 173 0.62 -40.92 18.15
N THR B 174 0.46 -42.08 18.78
CA THR B 174 0.68 -43.36 18.11
C THR B 174 -0.41 -44.38 18.43
N CYS B 175 -1.60 -43.94 18.85
CA CYS B 175 -2.68 -44.89 19.15
C CYS B 175 -3.13 -45.63 17.89
N ASP B 176 -3.28 -44.91 16.77
CA ASP B 176 -3.72 -45.55 15.54
C ASP B 176 -2.70 -46.56 15.05
N ASP B 177 -1.41 -46.24 15.19
CA ASP B 177 -0.36 -47.14 14.72
C ASP B 177 -0.47 -48.50 15.41
N ARG B 178 -0.54 -48.51 16.75
CA ARG B 178 -0.63 -49.77 17.46
C ARG B 178 -1.98 -50.45 17.25
N ILE B 179 -3.06 -49.67 17.21
CA ILE B 179 -4.38 -50.27 17.03
C ILE B 179 -4.49 -50.92 15.66
N MET B 180 -3.70 -50.46 14.69
CA MET B 180 -3.70 -51.09 13.37
C MET B 180 -2.68 -52.23 13.29
N ARG B 181 -1.59 -52.15 14.06
CA ARG B 181 -0.65 -53.26 14.11
C ARG B 181 -1.26 -54.49 14.76
N GLU B 182 -2.04 -54.30 15.83
CA GLU B 182 -2.52 -55.42 16.62
C GLU B 182 -3.93 -55.87 16.25
N ARG B 183 -4.71 -55.03 15.59
CA ARG B 183 -6.11 -55.33 15.30
C ARG B 183 -6.39 -55.19 13.80
N ALA B 184 -5.50 -55.75 12.97
CA ALA B 184 -5.65 -55.62 11.53
C ALA B 184 -6.85 -56.40 11.01
N GLU B 185 -7.04 -57.63 11.50
CA GLU B 185 -8.19 -58.40 11.06
C GLU B 185 -9.49 -57.72 11.46
N ALA B 186 -9.53 -57.16 12.67
CA ALA B 186 -10.74 -56.48 13.13
C ALA B 186 -11.06 -55.26 12.28
N ILE B 187 -10.03 -54.46 11.96
CA ILE B 187 -10.28 -53.25 11.16
C ILE B 187 -10.71 -53.62 9.75
N VAL B 188 -10.12 -54.68 9.19
CA VAL B 188 -10.54 -55.12 7.85
C VAL B 188 -11.99 -55.60 7.88
N ASP B 189 -12.36 -56.38 8.90
CA ASP B 189 -13.74 -56.84 8.99
C ASP B 189 -14.71 -55.68 9.18
N GLY B 190 -14.31 -54.67 9.96
CA GLY B 190 -15.16 -53.49 10.11
C GLY B 190 -15.31 -52.72 8.81
N ALA B 191 -14.23 -52.62 8.03
CA ALA B 191 -14.33 -51.98 6.73
C ALA B 191 -15.29 -52.74 5.82
N ARG B 192 -15.23 -54.08 5.87
CA ARG B 192 -16.17 -54.88 5.08
C ARG B 192 -17.61 -54.65 5.54
N LEU B 193 -17.83 -54.59 6.85
CA LEU B 193 -19.18 -54.35 7.35
C LEU B 193 -19.70 -52.97 6.93
N ILE B 194 -18.84 -51.96 6.95
CA ILE B 194 -19.23 -50.63 6.49
C ILE B 194 -19.54 -50.67 4.99
N GLN B 195 -18.73 -51.38 4.22
CA GLN B 195 -18.98 -51.50 2.78
C GLN B 195 -20.28 -52.24 2.50
N HIS B 196 -20.69 -53.13 3.40
CA HIS B 196 -21.99 -53.77 3.23
C HIS B 196 -23.12 -52.85 3.63
N ILE B 197 -22.93 -52.03 4.68
CA ILE B 197 -23.97 -51.11 5.11
C ILE B 197 -24.23 -50.05 4.04
N LEU B 198 -23.17 -49.46 3.51
CA LEU B 198 -23.27 -48.46 2.45
C LEU B 198 -22.91 -49.13 1.14
N ARG B 199 -23.85 -49.17 0.20
CA ARG B 199 -23.64 -49.89 -1.05
C ARG B 199 -22.55 -49.18 -1.83
N ALA B 200 -21.33 -49.74 -1.81
CA ALA B 200 -20.16 -49.08 -2.36
C ALA B 200 -19.36 -50.02 -3.24
N TYR B 201 -18.19 -49.57 -3.68
CA TYR B 201 -17.35 -50.32 -4.60
C TYR B 201 -16.14 -50.95 -3.92
N SER B 202 -15.35 -50.14 -3.20
CA SER B 202 -14.13 -50.64 -2.59
C SER B 202 -13.75 -49.75 -1.42
N VAL B 203 -12.86 -50.27 -0.57
CA VAL B 203 -12.28 -49.52 0.54
C VAL B 203 -10.81 -49.26 0.22
N VAL B 204 -10.34 -48.07 0.56
CA VAL B 204 -9.09 -47.50 0.07
C VAL B 204 -8.15 -47.18 1.23
N ILE B 205 -8.20 -48.00 2.29
CA ILE B 205 -7.64 -47.67 3.59
C ILE B 205 -6.25 -47.08 3.45
N ALA B 206 -6.04 -45.90 4.04
CA ALA B 206 -4.86 -45.09 3.80
C ALA B 206 -4.06 -44.91 5.09
N ILE B 207 -2.75 -45.10 4.99
CA ILE B 207 -1.84 -44.92 6.11
C ILE B 207 -0.68 -44.05 5.62
N GLU B 208 -0.07 -43.31 6.55
CA GLU B 208 1.10 -42.51 6.21
C GLU B 208 2.32 -43.40 6.02
N ASP B 209 3.28 -42.89 5.24
CA ASP B 209 4.48 -43.66 4.93
C ASP B 209 5.41 -43.82 6.12
N ASN B 210 5.21 -43.06 7.20
CA ASN B 210 6.06 -43.18 8.38
C ASN B 210 5.64 -44.31 9.32
N LYS B 211 4.80 -45.23 8.85
CA LYS B 211 4.35 -46.37 9.63
C LYS B 211 4.52 -47.64 8.81
N PRO B 212 5.77 -48.06 8.55
CA PRO B 212 5.97 -49.29 7.75
C PRO B 212 5.37 -50.53 8.38
N GLU B 213 5.43 -50.65 9.70
CA GLU B 213 4.86 -51.82 10.36
C GLU B 213 3.35 -51.88 10.17
N ALA B 214 2.67 -50.74 10.31
CA ALA B 214 1.23 -50.71 10.12
C ALA B 214 0.86 -51.06 8.68
N LEU B 215 1.61 -50.52 7.71
CA LEU B 215 1.35 -50.84 6.31
C LEU B 215 1.53 -52.33 6.03
N ALA B 216 2.61 -52.91 6.54
CA ALA B 216 2.86 -54.33 6.33
C ALA B 216 1.76 -55.18 6.97
N ALA B 217 1.35 -54.83 8.20
CA ALA B 217 0.30 -55.60 8.86
C ALA B 217 -1.02 -55.49 8.12
N MET B 218 -1.37 -54.29 7.66
CA MET B 218 -2.62 -54.11 6.93
C MET B 218 -2.61 -54.89 5.62
N ARG B 219 -1.50 -54.83 4.88
CA ARG B 219 -1.41 -55.56 3.62
C ARG B 219 -1.46 -57.07 3.84
N ALA B 220 -0.81 -57.55 4.90
CA ALA B 220 -0.86 -58.97 5.21
C ALA B 220 -2.29 -59.40 5.57
N ALA B 221 -2.99 -58.58 6.35
CA ALA B 221 -4.33 -58.96 6.79
C ALA B 221 -5.33 -58.91 5.63
N ALA B 222 -5.26 -57.88 4.79
CA ALA B 222 -6.23 -57.69 3.71
C ALA B 222 -5.53 -57.87 2.38
N GLU B 223 -5.40 -59.13 1.95
CA GLU B 223 -4.95 -59.45 0.60
C GLU B 223 -5.78 -60.52 -0.09
N HIS B 224 -6.63 -61.25 0.61
CA HIS B 224 -7.42 -62.34 0.06
C HIS B 224 -8.83 -61.92 -0.34
N PHE B 225 -9.24 -60.69 -0.09
CA PHE B 225 -10.63 -60.29 -0.25
C PHE B 225 -10.87 -59.33 -1.41
N GLY B 226 -9.85 -58.99 -2.19
CA GLY B 226 -10.08 -58.27 -3.42
C GLY B 226 -10.11 -56.76 -3.32
N ALA B 227 -11.31 -56.19 -3.26
CA ALA B 227 -11.50 -54.75 -3.38
C ALA B 227 -10.82 -53.97 -2.27
N ILE B 228 -10.47 -54.62 -1.16
CA ILE B 228 -9.76 -53.94 -0.09
C ILE B 228 -8.40 -53.46 -0.61
N GLU B 229 -8.07 -52.20 -0.35
CA GLU B 229 -6.82 -51.63 -0.81
C GLU B 229 -6.12 -50.90 0.34
N VAL B 230 -4.79 -50.95 0.31
CA VAL B 230 -3.95 -50.24 1.26
C VAL B 230 -3.14 -49.21 0.49
N MET B 231 -3.20 -47.96 0.94
CA MET B 231 -2.58 -46.84 0.25
C MET B 231 -1.62 -46.12 1.19
N ALA B 232 -0.58 -45.55 0.61
CA ALA B 232 0.47 -44.87 1.36
C ALA B 232 0.42 -43.39 1.02
N VAL B 233 -0.16 -42.59 1.92
CA VAL B 233 -0.21 -41.14 1.75
C VAL B 233 1.10 -40.55 2.25
N PRO B 234 1.49 -39.36 1.79
CA PRO B 234 2.75 -38.76 2.27
C PRO B 234 2.70 -38.38 3.74
N ALA B 235 3.84 -37.94 4.28
CA ALA B 235 3.95 -37.57 5.69
C ALA B 235 3.79 -36.06 5.79
N LEU B 236 2.54 -35.62 5.91
CA LEU B 236 2.20 -34.21 6.03
C LEU B 236 1.29 -34.04 7.23
N TYR B 237 1.38 -32.87 7.90
CA TYR B 237 0.59 -32.69 9.11
C TYR B 237 -0.90 -32.63 8.83
N PRO B 238 -1.43 -31.73 7.97
CA PRO B 238 -2.87 -31.70 7.73
C PRO B 238 -3.34 -32.75 6.73
N MET B 239 -2.86 -33.98 6.92
CA MET B 239 -3.18 -35.07 6.00
C MET B 239 -4.31 -35.96 6.51
N GLY B 240 -4.50 -36.01 7.83
CA GLY B 240 -5.59 -36.79 8.37
C GLY B 240 -6.95 -36.15 8.25
N SER B 241 -7.00 -34.87 7.87
CA SER B 241 -8.27 -34.18 7.70
C SER B 241 -9.09 -34.85 6.60
N ALA B 242 -10.41 -34.86 6.78
CA ALA B 242 -11.28 -35.52 5.81
C ALA B 242 -11.17 -34.89 4.43
N LYS B 243 -11.19 -33.54 4.37
CA LYS B 243 -11.15 -32.87 3.08
C LYS B 243 -9.80 -33.07 2.38
N GLN B 244 -8.71 -32.94 3.13
CA GLN B 244 -7.38 -33.10 2.52
C GLN B 244 -7.13 -34.54 2.08
N LEU B 245 -7.54 -35.50 2.89
CA LEU B 245 -7.38 -36.91 2.51
C LEU B 245 -8.25 -37.24 1.30
N ILE B 246 -9.47 -36.70 1.25
CA ILE B 246 -10.34 -36.92 0.10
C ILE B 246 -9.70 -36.35 -1.16
N GLN B 247 -9.16 -35.14 -1.07
CA GLN B 247 -8.50 -34.55 -2.23
C GLN B 247 -7.28 -35.38 -2.65
N ALA B 248 -6.50 -35.85 -1.67
CA ALA B 248 -5.30 -36.63 -2.00
C ALA B 248 -5.64 -37.94 -2.67
N VAL B 249 -6.66 -38.65 -2.17
CA VAL B 249 -6.96 -39.98 -2.68
C VAL B 249 -7.80 -39.89 -3.95
N THR B 250 -9.00 -39.30 -3.85
CA THR B 250 -9.90 -39.29 -5.00
C THR B 250 -9.39 -38.35 -6.09
N GLY B 251 -8.84 -37.21 -5.70
CA GLY B 251 -8.43 -36.18 -6.64
C GLY B 251 -9.42 -35.05 -6.80
N ARG B 252 -10.63 -35.20 -6.29
CA ARG B 252 -11.63 -34.14 -6.33
C ARG B 252 -11.49 -33.24 -5.11
N GLU B 253 -12.40 -32.28 -4.98
CA GLU B 253 -12.45 -31.40 -3.81
C GLU B 253 -13.87 -31.40 -3.26
N VAL B 254 -13.98 -31.43 -1.94
CA VAL B 254 -15.29 -31.35 -1.29
C VAL B 254 -15.81 -29.94 -1.46
N PRO B 255 -16.99 -29.75 -2.05
CA PRO B 255 -17.51 -28.39 -2.25
C PRO B 255 -17.72 -27.67 -0.93
N ALA B 256 -17.52 -26.36 -0.96
CA ALA B 256 -17.69 -25.55 0.25
C ALA B 256 -19.13 -25.61 0.72
N GLY B 257 -19.30 -25.69 2.05
CA GLY B 257 -20.62 -25.86 2.61
C GLY B 257 -21.30 -27.15 2.22
N GLY B 258 -20.51 -28.20 2.00
CA GLY B 258 -21.06 -29.48 1.61
C GLY B 258 -20.39 -30.61 2.38
N ARG B 259 -20.97 -31.79 2.26
CA ARG B 259 -20.49 -32.96 2.97
C ARG B 259 -19.69 -33.88 2.05
N SER B 260 -18.99 -34.84 2.66
CA SER B 260 -18.14 -35.75 1.91
C SER B 260 -18.92 -36.68 1.01
N THR B 261 -20.21 -36.90 1.29
CA THR B 261 -21.01 -37.81 0.46
C THR B 261 -21.25 -37.25 -0.93
N ASP B 262 -21.03 -35.94 -1.14
CA ASP B 262 -21.25 -35.36 -2.46
C ASP B 262 -20.30 -35.96 -3.49
N VAL B 263 -19.04 -36.17 -3.12
CA VAL B 263 -18.05 -36.74 -4.02
C VAL B 263 -18.12 -38.26 -3.92
N GLY B 264 -19.11 -38.77 -3.20
CA GLY B 264 -19.29 -40.21 -3.05
C GLY B 264 -18.19 -40.91 -2.27
N VAL B 265 -17.69 -40.29 -1.22
CA VAL B 265 -16.63 -40.86 -0.39
C VAL B 265 -16.96 -40.58 1.06
N LEU B 266 -16.87 -41.62 1.90
CA LEU B 266 -17.11 -41.49 3.33
C LEU B 266 -15.83 -41.80 4.08
N VAL B 267 -15.56 -41.01 5.12
CA VAL B 267 -14.31 -41.09 5.88
C VAL B 267 -14.63 -41.55 7.29
N HIS B 268 -13.91 -42.57 7.74
CA HIS B 268 -14.05 -43.09 9.10
C HIS B 268 -12.67 -43.37 9.69
N ASN B 269 -12.50 -42.99 10.95
CA ASN B 269 -11.24 -43.26 11.65
C ASN B 269 -11.10 -44.75 11.92
N ALA B 270 -9.86 -45.20 12.08
CA ALA B 270 -9.62 -46.62 12.29
C ALA B 270 -10.20 -47.11 13.61
N GLY B 271 -10.16 -46.28 14.66
CA GLY B 271 -10.75 -46.65 15.93
C GLY B 271 -12.26 -46.73 15.83
N THR B 272 -12.87 -45.80 15.09
CA THR B 272 -14.31 -45.85 14.88
C THR B 272 -14.72 -47.12 14.15
N VAL B 273 -13.98 -47.50 13.12
CA VAL B 273 -14.31 -48.71 12.38
C VAL B 273 -14.10 -49.95 13.24
N TYR B 274 -13.07 -49.96 14.08
CA TYR B 274 -12.89 -51.08 15.00
C TYR B 274 -14.05 -51.17 15.98
N ALA B 275 -14.51 -50.03 16.51
CA ALA B 275 -15.65 -50.03 17.41
C ALA B 275 -16.91 -50.52 16.71
N ILE B 276 -17.11 -50.09 15.47
CA ILE B 276 -18.27 -50.55 14.70
C ILE B 276 -18.21 -52.06 14.48
N GLN B 277 -17.01 -52.57 14.15
CA GLN B 277 -16.85 -54.01 13.97
C GLN B 277 -17.17 -54.76 15.25
N GLN B 278 -16.68 -54.26 16.38
CA GLN B 278 -16.98 -54.90 17.67
C GLN B 278 -18.47 -54.90 17.95
N ALA B 279 -19.12 -53.75 17.73
CA ALA B 279 -20.55 -53.65 18.01
C ALA B 279 -21.37 -54.58 17.13
N LEU B 280 -21.01 -54.69 15.85
CA LEU B 280 -21.77 -55.53 14.93
C LEU B 280 -21.53 -57.01 15.20
N ARG B 281 -20.27 -57.40 15.39
CA ARG B 281 -19.96 -58.83 15.55
C ARG B 281 -20.36 -59.36 16.93
N PHE B 282 -20.09 -58.60 18.00
CA PHE B 282 -20.29 -59.10 19.35
C PHE B 282 -21.35 -58.35 20.15
N GLY B 283 -21.82 -57.20 19.68
CA GLY B 283 -22.79 -56.43 20.42
C GLY B 283 -22.22 -55.59 21.54
N ARG B 284 -20.92 -55.56 21.71
CA ARG B 284 -20.30 -54.81 22.79
C ARG B 284 -20.39 -53.32 22.51
N PRO B 285 -20.94 -52.51 23.41
CA PRO B 285 -20.99 -51.07 23.17
C PRO B 285 -19.63 -50.41 23.31
N LEU B 286 -19.56 -49.11 23.06
CA LEU B 286 -18.29 -48.38 23.18
C LEU B 286 -18.10 -48.00 24.64
N ILE B 287 -17.26 -48.78 25.33
CA ILE B 287 -16.99 -48.57 26.74
C ILE B 287 -15.55 -48.10 26.97
N SER B 288 -14.61 -48.60 26.18
CA SER B 288 -13.20 -48.28 26.35
C SER B 288 -12.59 -47.93 25.00
N ARG B 289 -11.47 -47.21 25.05
CA ARG B 289 -10.75 -46.85 23.84
C ARG B 289 -9.25 -46.95 24.13
N VAL B 290 -8.43 -46.43 23.22
CA VAL B 290 -6.98 -46.47 23.33
C VAL B 290 -6.45 -45.04 23.33
N VAL B 291 -5.58 -44.73 24.29
CA VAL B 291 -4.99 -43.40 24.40
C VAL B 291 -3.48 -43.54 24.44
N THR B 292 -2.80 -42.44 24.14
CA THR B 292 -1.34 -42.38 24.06
C THR B 292 -0.82 -41.43 25.14
N VAL B 293 0.06 -41.93 26.00
CA VAL B 293 0.70 -41.11 27.03
C VAL B 293 2.16 -40.95 26.63
N SER B 294 2.58 -39.72 26.39
CA SER B 294 3.94 -39.44 25.96
C SER B 294 4.37 -38.09 26.52
N GLY B 295 5.58 -37.67 26.15
CA GLY B 295 6.16 -36.45 26.66
C GLY B 295 7.45 -36.69 27.40
N ALA B 296 8.25 -35.64 27.61
CA ALA B 296 9.52 -35.79 28.28
C ALA B 296 9.38 -36.00 29.78
N CYS B 297 8.24 -35.65 30.36
CA CYS B 297 8.03 -35.79 31.79
C CYS B 297 7.41 -37.13 32.19
N VAL B 298 7.09 -37.98 31.22
CA VAL B 298 6.53 -39.30 31.51
C VAL B 298 7.67 -40.30 31.55
N LYS B 299 7.70 -41.12 32.61
CA LYS B 299 8.76 -42.12 32.75
C LYS B 299 8.75 -43.11 31.60
N THR B 300 7.57 -43.61 31.23
CA THR B 300 7.45 -44.63 30.19
C THR B 300 6.27 -44.27 29.28
N PRO B 301 6.52 -43.58 28.17
CA PRO B 301 5.45 -43.36 27.20
C PRO B 301 4.92 -44.69 26.67
N GLN B 302 3.61 -44.76 26.46
CA GLN B 302 2.98 -46.02 26.09
C GLN B 302 1.60 -45.72 25.51
N ASN B 303 0.92 -46.78 25.10
CA ASN B 303 -0.47 -46.74 24.66
C ASN B 303 -1.29 -47.62 25.59
N LEU B 304 -2.35 -47.06 26.17
CA LEU B 304 -3.14 -47.74 27.18
C LEU B 304 -4.59 -47.86 26.73
N ASP B 305 -5.17 -49.03 26.97
CA ASP B 305 -6.59 -49.28 26.71
C ASP B 305 -7.35 -48.86 27.95
N VAL B 306 -8.00 -47.70 27.88
CA VAL B 306 -8.59 -47.05 29.04
C VAL B 306 -10.11 -47.08 28.93
N LEU B 307 -10.77 -47.33 30.06
CA LEU B 307 -12.21 -47.23 30.14
C LEU B 307 -12.63 -45.76 30.12
N ILE B 308 -13.84 -45.51 29.58
CA ILE B 308 -14.37 -44.16 29.53
C ILE B 308 -14.66 -43.68 30.94
N GLY B 309 -14.19 -42.48 31.26
CA GLY B 309 -14.39 -41.90 32.57
C GLY B 309 -13.24 -42.08 33.55
N THR B 310 -12.19 -42.78 33.15
CA THR B 310 -11.05 -42.97 34.03
C THR B 310 -10.34 -41.63 34.27
N PRO B 311 -10.04 -41.29 35.52
CA PRO B 311 -9.33 -40.03 35.77
C PRO B 311 -7.94 -40.02 35.17
N VAL B 312 -7.49 -38.80 34.81
CA VAL B 312 -6.18 -38.64 34.19
C VAL B 312 -5.06 -39.03 35.15
N GLN B 313 -5.25 -38.78 36.45
CA GLN B 313 -4.20 -39.06 37.42
C GLN B 313 -3.87 -40.56 37.46
N ALA B 314 -4.89 -41.41 37.38
CA ALA B 314 -4.64 -42.85 37.33
C ALA B 314 -3.85 -43.23 36.09
N LEU B 315 -4.17 -42.61 34.96
CA LEU B 315 -3.42 -42.86 33.73
C LEU B 315 -1.95 -42.47 33.88
N ILE B 316 -1.69 -41.32 34.50
CA ILE B 316 -0.31 -40.89 34.70
C ILE B 316 0.41 -41.83 35.65
N ASP B 317 -0.27 -42.25 36.72
CA ASP B 317 0.36 -43.15 37.69
C ASP B 317 0.65 -44.51 37.07
N ALA B 318 -0.17 -44.97 36.13
CA ALA B 318 0.05 -46.27 35.52
C ALA B 318 1.37 -46.32 34.76
N CYS B 319 1.68 -45.26 34.02
CA CYS B 319 2.91 -45.20 33.23
C CYS B 319 4.09 -44.67 34.05
N GLY B 320 4.35 -45.30 35.18
CA GLY B 320 5.44 -44.91 36.05
C GLY B 320 5.16 -43.68 36.88
N GLY B 321 5.07 -42.53 36.23
CA GLY B 321 4.80 -41.29 36.92
C GLY B 321 5.50 -40.13 36.23
N LEU B 322 5.24 -38.94 36.76
CA LEU B 322 5.83 -37.71 36.23
C LEU B 322 7.27 -37.61 36.70
N SER B 323 8.21 -37.86 35.79
CA SER B 323 9.65 -37.77 36.11
C SER B 323 10.12 -36.34 35.89
N GLY B 324 9.61 -35.45 36.73
CA GLY B 324 9.95 -34.04 36.68
C GLY B 324 8.71 -33.19 36.84
N ASP B 325 8.82 -31.94 36.41
CA ASP B 325 7.70 -31.00 36.48
C ASP B 325 7.11 -30.81 35.10
N PRO B 326 5.88 -31.28 34.85
CA PRO B 326 5.27 -31.06 33.53
C PRO B 326 4.86 -29.61 33.31
N GLN B 327 5.55 -28.93 32.39
CA GLN B 327 5.20 -27.54 32.11
C GLN B 327 3.82 -27.42 31.51
N GLN B 328 3.46 -28.34 30.61
CA GLN B 328 2.12 -28.37 30.02
C GLN B 328 1.59 -29.79 30.03
N LEU B 329 0.28 -29.92 30.25
CA LEU B 329 -0.42 -31.20 30.21
C LEU B 329 -1.51 -31.09 29.16
N LEU B 330 -1.20 -31.54 27.94
CA LEU B 330 -2.13 -31.45 26.84
C LEU B 330 -2.95 -32.73 26.70
N LEU B 331 -4.17 -32.56 26.18
CA LEU B 331 -5.10 -33.67 25.94
C LEU B 331 -5.32 -33.73 24.44
N GLY B 332 -4.47 -34.49 23.75
CA GLY B 332 -4.45 -34.55 22.30
C GLY B 332 -3.10 -34.13 21.76
N GLY B 333 -3.04 -33.99 20.44
CA GLY B 333 -1.83 -33.58 19.78
C GLY B 333 -1.44 -32.16 20.13
N PRO B 334 -0.15 -31.84 20.03
CA PRO B 334 0.28 -30.47 20.36
C PRO B 334 -0.31 -29.40 19.46
N MET B 335 -0.74 -29.75 18.25
CA MET B 335 -1.29 -28.77 17.32
C MET B 335 -2.77 -28.51 17.55
N MET B 336 -3.46 -29.36 18.31
CA MET B 336 -4.88 -29.16 18.58
C MET B 336 -5.25 -29.46 20.03
N GLY B 337 -4.28 -29.72 20.90
CA GLY B 337 -4.59 -30.10 22.26
C GLY B 337 -5.08 -28.95 23.10
N ALA B 338 -5.55 -29.28 24.29
CA ALA B 338 -6.05 -28.31 25.25
C ALA B 338 -5.36 -28.52 26.59
N VAL B 339 -5.24 -27.44 27.35
CA VAL B 339 -4.57 -27.48 28.65
C VAL B 339 -5.52 -28.10 29.66
N LEU B 340 -5.07 -29.17 30.32
CA LEU B 340 -5.89 -29.82 31.33
C LEU B 340 -5.93 -28.98 32.60
N PRO B 341 -7.11 -28.63 33.11
CA PRO B 341 -7.17 -27.87 34.37
C PRO B 341 -6.56 -28.63 35.54
N SER B 342 -6.73 -29.94 35.60
CA SER B 342 -6.22 -30.74 36.70
C SER B 342 -6.11 -32.20 36.24
N THR B 343 -5.50 -33.02 37.09
CA THR B 343 -5.29 -34.42 36.79
C THR B 343 -6.48 -35.30 37.15
N GLU B 344 -7.52 -34.75 37.76
CA GLU B 344 -8.72 -35.51 38.09
C GLU B 344 -9.76 -35.49 36.99
N VAL B 345 -9.49 -34.82 35.88
CA VAL B 345 -10.42 -34.77 34.75
C VAL B 345 -10.57 -36.16 34.15
N PRO B 346 -11.77 -36.60 33.79
CA PRO B 346 -11.97 -37.93 33.21
C PRO B 346 -11.51 -37.98 31.76
N VAL B 347 -11.72 -39.14 31.14
CA VAL B 347 -11.32 -39.39 29.76
C VAL B 347 -12.58 -39.63 28.94
N ILE B 348 -12.95 -38.65 28.12
CA ILE B 348 -14.10 -38.78 27.23
C ILE B 348 -13.74 -39.64 26.03
N LYS B 349 -14.74 -40.06 25.27
CA LYS B 349 -14.49 -40.91 24.10
C LYS B 349 -13.62 -40.21 23.07
N GLY B 350 -13.69 -38.89 23.00
CA GLY B 350 -12.89 -38.14 22.04
C GLY B 350 -11.47 -37.84 22.48
N ALA B 351 -11.08 -38.21 23.69
CA ALA B 351 -9.71 -37.97 24.14
C ALA B 351 -8.75 -38.87 23.38
N THR B 352 -7.68 -38.28 22.86
CA THR B 352 -6.71 -39.00 22.03
C THR B 352 -5.36 -39.17 22.69
N GLY B 353 -4.89 -38.18 23.46
CA GLY B 353 -3.59 -38.27 24.09
C GLY B 353 -3.58 -37.61 25.44
N LEU B 354 -2.49 -37.84 26.16
CA LEU B 354 -2.27 -37.31 27.51
C LEU B 354 -0.86 -36.74 27.61
N LEU B 355 -0.48 -35.91 26.65
CA LEU B 355 0.90 -35.49 26.51
C LEU B 355 1.34 -34.65 27.71
N ALA B 356 2.56 -34.89 28.17
CA ALA B 356 3.16 -34.14 29.28
C ALA B 356 4.40 -33.45 28.74
N LEU B 357 4.23 -32.24 28.23
CA LEU B 357 5.31 -31.49 27.59
C LEU B 357 6.14 -30.75 28.63
N ALA B 358 7.45 -30.96 28.59
CA ALA B 358 8.39 -30.30 29.47
C ALA B 358 8.78 -28.94 28.90
N ARG B 359 9.77 -28.29 29.50
CA ARG B 359 10.17 -26.96 29.06
C ARG B 359 10.89 -26.99 27.73
N HIS B 360 11.80 -27.96 27.55
CA HIS B 360 12.62 -27.97 26.33
C HIS B 360 11.83 -28.35 25.09
N GLU B 361 10.63 -28.92 25.25
CA GLU B 361 9.78 -29.25 24.11
C GLU B 361 8.83 -28.13 23.73
N LEU B 362 8.59 -27.19 24.64
CA LEU B 362 7.68 -26.08 24.36
C LEU B 362 8.47 -24.89 23.84
N PRO B 363 8.21 -24.42 22.62
CA PRO B 363 8.96 -23.26 22.12
C PRO B 363 8.56 -21.98 22.82
N ASN B 364 9.52 -21.07 22.95
CA ASN B 364 9.25 -19.74 23.47
C ASN B 364 8.65 -18.87 22.38
N LYS B 365 7.78 -17.95 22.78
CA LYS B 365 7.11 -17.06 21.83
C LYS B 365 7.13 -15.64 22.38
N ASP B 366 7.61 -14.70 21.56
CA ASP B 366 7.60 -13.28 21.88
C ASP B 366 6.89 -12.56 20.74
N PRO B 367 5.62 -12.18 20.91
CA PRO B 367 4.86 -11.61 19.80
C PRO B 367 5.49 -10.35 19.25
N ALA B 368 5.40 -10.20 17.92
CA ALA B 368 5.96 -9.08 17.19
C ALA B 368 4.98 -8.69 16.09
N PRO B 369 5.08 -7.47 15.58
CA PRO B 369 4.17 -7.07 14.48
C PRO B 369 4.38 -7.92 13.25
N CYS B 370 3.28 -8.14 12.52
CA CYS B 370 3.33 -8.92 11.29
C CYS B 370 4.18 -8.21 10.25
N ILE B 371 5.07 -8.98 9.61
CA ILE B 371 5.94 -8.43 8.56
C ILE B 371 5.45 -8.75 7.17
N ARG B 372 4.29 -9.39 7.04
CA ARG B 372 3.69 -9.72 5.75
C ARG B 372 4.62 -10.55 4.88
N CYS B 373 5.24 -11.56 5.50
CA CYS B 373 6.15 -12.46 4.79
C CYS B 373 5.42 -13.48 3.92
N ALA B 374 4.09 -13.57 4.04
CA ALA B 374 3.25 -14.45 3.24
C ALA B 374 3.55 -15.93 3.45
N SER B 375 4.21 -16.29 4.55
CA SER B 375 4.42 -17.70 4.86
C SER B 375 3.15 -18.39 5.32
N CYS B 376 2.16 -17.63 5.79
CA CYS B 376 0.88 -18.21 6.15
C CYS B 376 0.15 -18.76 4.92
N VAL B 377 0.13 -18.00 3.82
CA VAL B 377 -0.59 -18.42 2.63
C VAL B 377 0.04 -19.67 2.03
N ASP B 378 1.37 -19.78 2.11
CA ASP B 378 2.06 -20.93 1.56
C ASP B 378 1.93 -22.18 2.40
N ALA B 379 1.32 -22.09 3.58
CA ALA B 379 1.16 -23.24 4.45
C ALA B 379 -0.29 -23.62 4.73
N CYS B 380 -1.24 -22.74 4.42
CA CYS B 380 -2.64 -23.03 4.71
C CYS B 380 -3.18 -24.12 3.78
N PRO B 381 -3.66 -25.24 4.30
CA PRO B 381 -4.21 -26.28 3.41
C PRO B 381 -5.41 -25.82 2.60
N MET B 382 -6.23 -24.92 3.15
CA MET B 382 -7.44 -24.48 2.47
C MET B 382 -7.19 -23.34 1.51
N GLY B 383 -5.94 -22.87 1.38
CA GLY B 383 -5.63 -21.79 0.47
C GLY B 383 -6.25 -20.45 0.85
N LEU B 384 -6.28 -20.15 2.14
CA LEU B 384 -6.81 -18.89 2.63
C LEU B 384 -5.68 -17.88 2.82
N THR B 385 -6.01 -16.71 3.34
CA THR B 385 -5.04 -15.66 3.64
C THR B 385 -5.12 -15.39 5.14
N PRO B 386 -4.37 -16.13 5.96
CA PRO B 386 -4.49 -15.96 7.42
C PRO B 386 -4.13 -14.58 7.92
N LEU B 387 -3.21 -13.86 7.25
CA LEU B 387 -2.83 -12.54 7.74
C LEU B 387 -4.01 -11.57 7.69
N ASP B 388 -4.76 -11.56 6.58
CA ASP B 388 -5.92 -10.69 6.48
C ASP B 388 -7.00 -11.08 7.48
N MET B 389 -7.22 -12.38 7.66
CA MET B 389 -8.22 -12.83 8.63
C MET B 389 -7.85 -12.38 10.04
N ALA B 390 -6.57 -12.51 10.41
CA ALA B 390 -6.14 -12.05 11.73
C ALA B 390 -6.27 -10.54 11.87
N LEU B 391 -5.92 -9.80 10.81
CA LEU B 391 -6.05 -8.34 10.87
C LEU B 391 -7.49 -7.91 11.08
N TYR B 392 -8.43 -8.55 10.39
CA TYR B 392 -9.83 -8.19 10.55
C TYR B 392 -10.40 -8.69 11.88
N ALA B 393 -9.92 -9.83 12.38
CA ALA B 393 -10.40 -10.33 13.66
C ALA B 393 -9.90 -9.47 14.81
N ARG B 394 -8.67 -8.97 14.72
CA ARG B 394 -8.14 -8.11 15.78
C ARG B 394 -8.87 -6.78 15.85
N ALA B 395 -9.45 -6.33 14.72
CA ALA B 395 -10.20 -5.09 14.67
C ALA B 395 -11.68 -5.30 14.99
N ASP B 396 -12.06 -6.50 15.42
CA ASP B 396 -13.44 -6.87 15.73
C ASP B 396 -14.36 -6.79 14.52
N ASP B 397 -13.79 -6.81 13.31
CA ASP B 397 -14.57 -6.82 12.08
C ASP B 397 -14.72 -8.26 11.59
N TYR B 398 -15.54 -9.02 12.31
CA TYR B 398 -15.75 -10.42 11.98
C TYR B 398 -16.37 -10.62 10.60
N ASP B 399 -17.18 -9.66 10.14
CA ASP B 399 -17.75 -9.75 8.81
C ASP B 399 -16.65 -9.71 7.74
N GLY B 400 -15.65 -8.84 7.92
CA GLY B 400 -14.56 -8.80 6.99
C GLY B 400 -13.71 -10.06 7.01
N ALA B 401 -13.51 -10.64 8.20
CA ALA B 401 -12.78 -11.89 8.30
C ALA B 401 -13.53 -13.04 7.64
N SER B 402 -14.86 -13.04 7.72
CA SER B 402 -15.63 -14.10 7.09
C SER B 402 -15.45 -14.10 5.58
N GLU B 403 -15.18 -12.93 4.98
CA GLU B 403 -14.99 -12.86 3.53
C GLU B 403 -13.66 -13.45 3.10
N TYR B 404 -12.66 -13.42 3.98
CA TYR B 404 -11.33 -13.89 3.64
C TYR B 404 -11.10 -15.36 3.94
N GLY B 405 -12.08 -16.04 4.52
CA GLY B 405 -11.96 -17.47 4.72
C GLY B 405 -12.14 -17.95 6.15
N LEU B 406 -12.70 -17.11 7.02
CA LEU B 406 -12.95 -17.53 8.39
C LEU B 406 -14.02 -18.62 8.45
N ARG B 407 -14.88 -18.72 7.44
CA ARG B 407 -15.89 -19.77 7.42
C ARG B 407 -15.26 -21.13 7.13
N ASP B 408 -14.31 -21.18 6.20
CA ASP B 408 -13.72 -22.43 5.77
C ASP B 408 -12.54 -22.88 6.62
N CYS B 409 -12.11 -22.06 7.58
CA CYS B 409 -10.98 -22.43 8.42
C CYS B 409 -11.32 -23.66 9.26
N ILE B 410 -10.33 -24.53 9.43
CA ILE B 410 -10.50 -25.75 10.21
C ILE B 410 -9.68 -25.75 11.48
N LEU B 411 -8.98 -24.66 11.79
CA LEU B 411 -8.19 -24.53 13.01
C LEU B 411 -7.13 -25.62 13.10
N CYS B 412 -6.46 -25.89 11.98
CA CYS B 412 -5.43 -26.92 11.96
C CYS B 412 -4.14 -26.49 12.65
N GLY B 413 -3.90 -25.19 12.78
CA GLY B 413 -2.72 -24.69 13.44
C GLY B 413 -1.49 -24.53 12.58
N CYS B 414 -1.61 -24.70 11.26
CA CYS B 414 -0.47 -24.46 10.37
C CYS B 414 -0.09 -22.99 10.30
N CYS B 415 -0.99 -22.08 10.67
CA CYS B 415 -0.67 -20.66 10.68
C CYS B 415 0.46 -20.35 11.65
N SER B 416 0.22 -20.60 12.94
CA SER B 416 1.16 -20.21 13.97
C SER B 416 2.44 -21.05 13.93
N TYR B 417 2.45 -22.15 13.20
CA TYR B 417 3.65 -22.99 13.16
C TYR B 417 4.74 -22.37 12.30
N VAL B 418 4.37 -21.57 11.29
CA VAL B 418 5.36 -21.05 10.35
C VAL B 418 5.38 -19.52 10.40
N CYS B 419 5.07 -18.96 11.56
CA CYS B 419 5.01 -17.51 11.71
C CYS B 419 6.32 -17.00 12.28
N PRO B 420 7.11 -16.22 11.53
CA PRO B 420 8.36 -15.67 12.09
C PRO B 420 8.11 -14.80 13.31
N SER B 421 7.29 -13.76 13.16
CA SER B 421 6.85 -12.95 14.30
C SER B 421 5.75 -13.73 15.00
N HIS B 422 6.06 -14.29 16.17
CA HIS B 422 5.19 -15.29 16.78
C HIS B 422 3.83 -14.70 17.15
N ILE B 423 2.80 -15.05 16.39
CA ILE B 423 1.46 -14.50 16.61
C ILE B 423 0.49 -15.65 16.83
N PRO B 424 -0.40 -15.56 17.82
CA PRO B 424 -1.42 -16.63 18.00
C PRO B 424 -2.57 -16.48 17.02
N LEU B 425 -2.30 -16.81 15.76
CA LEU B 425 -3.31 -16.65 14.72
C LEU B 425 -4.51 -17.56 14.97
N VAL B 426 -4.25 -18.79 15.42
CA VAL B 426 -5.34 -19.72 15.70
C VAL B 426 -6.19 -19.21 16.86
N HIS B 427 -5.55 -18.56 17.84
CA HIS B 427 -6.31 -17.96 18.94
C HIS B 427 -7.23 -16.86 18.43
N TYR B 428 -6.74 -16.02 17.51
CA TYR B 428 -7.57 -14.99 16.92
C TYR B 428 -8.76 -15.60 16.18
N PHE B 429 -8.50 -16.66 15.40
CA PHE B 429 -9.58 -17.29 14.64
C PHE B 429 -10.61 -17.92 15.56
N GLN B 430 -10.16 -18.57 16.63
CA GLN B 430 -11.09 -19.16 17.59
C GLN B 430 -11.92 -18.08 18.28
N TYR B 431 -11.30 -16.97 18.66
CA TYR B 431 -12.04 -15.87 19.29
C TYR B 431 -13.08 -15.29 18.34
N ALA B 432 -12.70 -15.08 17.07
CA ALA B 432 -13.64 -14.53 16.10
C ALA B 432 -14.81 -15.48 15.86
N LYS B 433 -14.52 -16.78 15.73
CA LYS B 433 -15.59 -17.75 15.53
C LYS B 433 -16.51 -17.83 16.75
N GLY B 434 -15.93 -17.74 17.95
CA GLY B 434 -16.76 -17.71 19.14
C GLY B 434 -17.65 -16.49 19.21
N GLN B 435 -17.12 -15.33 18.84
CA GLN B 435 -17.94 -14.11 18.80
C GLN B 435 -19.07 -14.23 17.78
N GLN B 436 -18.75 -14.78 16.60
CA GLN B 436 -19.79 -14.99 15.60
C GLN B 436 -20.86 -15.94 16.12
N ASP B 437 -20.45 -17.01 16.81
CA ASP B 437 -21.41 -17.94 17.38
C ASP B 437 -22.27 -17.28 18.46
N GLU B 438 -21.67 -16.42 19.28
CA GLU B 438 -22.45 -15.73 20.31
C GLU B 438 -23.48 -14.80 19.70
N ARG B 439 -23.08 -14.03 18.68
CA ARG B 439 -24.03 -13.15 18.01
C ARG B 439 -25.13 -13.94 17.33
N ARG B 440 -24.77 -15.06 16.68
CA ARG B 440 -25.76 -15.91 16.03
C ARG B 440 -26.76 -16.45 17.05
N SER B 441 -26.24 -16.91 18.20
CA SER B 441 -27.10 -17.44 19.25
C SER B 441 -28.06 -16.36 19.77
N ALA B 442 -27.53 -15.17 20.03
CA ALA B 442 -28.37 -14.06 20.48
C ALA B 442 -29.49 -13.77 19.49
N ALA B 443 -29.13 -13.61 18.20
CA ALA B 443 -30.13 -13.25 17.20
C ALA B 443 -31.13 -14.37 16.97
N ARG B 444 -30.70 -15.62 17.12
CA ARG B 444 -31.61 -16.75 16.98
C ARG B 444 -32.57 -16.83 18.16
N LYS B 445 -32.07 -16.62 19.37
CA LYS B 445 -32.93 -16.55 20.55
C LYS B 445 -33.96 -15.44 20.41
N SER B 446 -33.55 -14.31 19.85
CA SER B 446 -34.46 -13.18 19.60
C SER B 446 -35.73 -13.63 18.90
N ASP B 447 -35.59 -14.52 17.91
CA ASP B 447 -36.75 -15.11 17.27
C ASP B 447 -37.39 -16.17 18.17
N SER C 5 -6.02 -16.41 32.80
CA SER C 5 -6.29 -16.56 31.38
C SER C 5 -5.72 -17.87 30.85
N VAL C 6 -6.45 -18.52 29.95
CA VAL C 6 -6.06 -19.79 29.37
C VAL C 6 -5.22 -19.54 28.13
N ALA C 7 -4.31 -20.47 27.84
CA ALA C 7 -3.43 -20.37 26.68
C ALA C 7 -3.99 -21.21 25.54
N ALA C 8 -3.86 -20.69 24.32
CA ALA C 8 -4.35 -21.35 23.13
C ALA C 8 -3.21 -21.95 22.33
N GLY C 9 -3.52 -22.99 21.57
CA GLY C 9 -2.53 -23.65 20.75
C GLY C 9 -2.28 -22.92 19.46
N PRO C 10 -1.45 -23.52 18.59
CA PRO C 10 -0.73 -24.79 18.77
C PRO C 10 0.49 -24.66 19.67
N PHE C 11 1.02 -25.76 20.17
CA PHE C 11 2.17 -25.77 21.08
C PHE C 11 3.43 -26.25 20.36
N ALA C 12 3.56 -25.91 19.08
CA ALA C 12 4.73 -26.26 18.30
C ALA C 12 5.11 -25.08 17.41
N HIS C 13 6.39 -25.03 17.05
CA HIS C 13 6.90 -23.94 16.23
C HIS C 13 8.14 -24.43 15.49
N ASP C 14 8.51 -23.70 14.44
CA ASP C 14 9.66 -24.04 13.62
C ASP C 14 10.91 -23.24 13.98
N ARG C 15 10.90 -22.55 15.12
CA ARG C 15 12.05 -21.78 15.62
C ARG C 15 12.41 -20.62 14.69
N SER C 16 11.43 -20.13 13.93
CA SER C 16 11.66 -18.98 13.07
C SER C 16 11.58 -17.69 13.87
N SER C 17 12.08 -16.61 13.28
CA SER C 17 12.08 -15.30 13.91
C SER C 17 12.46 -14.25 12.88
N VAL C 18 12.03 -13.01 13.13
CA VAL C 18 12.40 -11.90 12.26
C VAL C 18 13.89 -11.60 12.35
N ASN C 19 14.47 -11.77 13.54
CA ASN C 19 15.90 -11.51 13.73
C ASN C 19 16.74 -12.40 12.82
N ARG C 20 16.39 -13.68 12.73
CA ARG C 20 17.14 -14.60 11.86
C ARG C 20 17.02 -14.17 10.41
N ILE C 21 15.84 -13.74 9.98
CA ILE C 21 15.65 -13.32 8.60
C ILE C 21 16.51 -12.10 8.27
N MET C 22 16.47 -11.09 9.14
CA MET C 22 17.23 -9.87 8.87
C MET C 22 18.74 -10.14 8.93
N LEU C 23 19.17 -10.97 9.88
CA LEU C 23 20.59 -11.30 9.96
C LEU C 23 21.05 -12.08 8.73
N ASP C 24 20.20 -12.98 8.22
CA ASP C 24 20.55 -13.69 7.00
C ASP C 24 20.64 -12.74 5.81
N VAL C 25 19.75 -11.76 5.73
CA VAL C 25 19.83 -10.78 4.65
C VAL C 25 21.12 -9.98 4.74
N CYS C 26 21.49 -9.55 5.95
CA CYS C 26 22.74 -8.83 6.13
C CYS C 26 23.94 -9.70 5.77
N LEU C 27 23.91 -10.98 6.15
CA LEU C 27 24.99 -11.89 5.79
C LEU C 27 25.10 -12.04 4.29
N ALA C 28 23.96 -12.09 3.59
CA ALA C 28 23.98 -12.17 2.13
C ALA C 28 24.56 -10.89 1.53
N LEU C 29 24.27 -9.74 2.12
CA LEU C 29 24.80 -8.48 1.62
C LEU C 29 26.29 -8.30 1.92
N THR C 30 26.80 -8.99 2.94
CA THR C 30 28.19 -8.80 3.37
C THR C 30 29.24 -9.01 2.28
N PRO C 31 29.20 -10.08 1.46
CA PRO C 31 30.26 -10.25 0.46
C PRO C 31 30.33 -9.14 -0.57
N ALA C 32 29.22 -8.49 -0.91
CA ALA C 32 29.26 -7.37 -1.83
C ALA C 32 29.68 -6.08 -1.12
N THR C 33 29.25 -5.91 0.13
CA THR C 33 29.64 -4.73 0.89
C THR C 33 31.14 -4.69 1.13
N LEU C 34 31.75 -5.85 1.43
CA LEU C 34 33.19 -5.89 1.61
C LEU C 34 33.92 -5.52 0.33
N PHE C 35 33.45 -6.04 -0.81
CA PHE C 35 34.06 -5.71 -2.09
C PHE C 35 33.93 -4.22 -2.39
N GLY C 36 32.77 -3.64 -2.09
CA GLY C 36 32.60 -2.20 -2.32
C GLY C 36 33.48 -1.36 -1.43
N LEU C 37 33.55 -1.70 -0.14
CA LEU C 37 34.35 -0.93 0.81
C LEU C 37 35.84 -1.01 0.47
N VAL C 38 36.32 -2.21 0.10
CA VAL C 38 37.73 -2.36 -0.19
C VAL C 38 38.12 -1.59 -1.45
N MET C 39 37.22 -1.56 -2.44
CA MET C 39 37.56 -0.94 -3.71
C MET C 39 37.62 0.58 -3.61
N PHE C 40 36.74 1.18 -2.82
CA PHE C 40 36.71 2.64 -2.72
C PHE C 40 37.53 3.17 -1.54
N GLY C 41 37.69 2.40 -0.48
CA GLY C 41 38.61 2.77 0.58
C GLY C 41 37.98 3.34 1.83
N TRP C 42 38.74 4.18 2.54
CA TRP C 42 38.28 4.68 3.84
C TRP C 42 37.03 5.55 3.78
N PRO C 43 36.86 6.49 2.83
CA PRO C 43 35.62 7.29 2.85
C PRO C 43 34.36 6.45 2.78
N ALA C 44 34.38 5.36 2.00
CA ALA C 44 33.23 4.47 1.94
C ALA C 44 32.97 3.82 3.30
N ILE C 45 34.04 3.39 3.99
CA ILE C 45 33.87 2.79 5.32
C ILE C 45 33.27 3.80 6.28
N ASN C 46 33.77 5.04 6.25
CA ASN C 46 33.26 6.07 7.15
C ASN C 46 31.78 6.35 6.87
N LEU C 47 31.41 6.47 5.60
CA LEU C 47 30.01 6.71 5.27
C LEU C 47 29.13 5.56 5.73
N TRP C 48 29.57 4.32 5.53
CA TRP C 48 28.78 3.17 5.94
C TRP C 48 28.60 3.13 7.45
N LEU C 49 29.68 3.35 8.19
CA LEU C 49 29.58 3.36 9.65
C LEU C 49 28.65 4.45 10.13
N VAL C 50 28.77 5.65 9.57
CA VAL C 50 27.95 6.77 9.99
C VAL C 50 26.47 6.47 9.71
N THR C 51 26.17 5.93 8.53
CA THR C 51 24.78 5.65 8.18
C THR C 51 24.19 4.60 9.11
N CYS C 52 24.94 3.52 9.39
CA CYS C 52 24.42 2.46 10.25
C CYS C 52 24.20 2.96 11.67
N VAL C 53 25.16 3.69 12.23
CA VAL C 53 25.03 4.17 13.60
C VAL C 53 23.89 5.16 13.70
N SER C 54 23.76 6.06 12.73
CA SER C 54 22.65 7.01 12.75
C SER C 54 21.31 6.30 12.65
N ALA C 55 21.22 5.26 11.81
CA ALA C 55 19.97 4.51 11.70
C ALA C 55 19.60 3.89 13.04
N LEU C 56 20.57 3.25 13.70
CA LEU C 56 20.28 2.62 14.99
C LEU C 56 19.88 3.66 16.04
N ALA C 57 20.59 4.78 16.09
CA ALA C 57 20.28 5.80 17.10
C ALA C 57 18.90 6.42 16.88
N ILE C 58 18.56 6.72 15.63
CA ILE C 58 17.26 7.32 15.35
C ILE C 58 16.14 6.32 15.60
N GLU C 59 16.37 5.05 15.28
CA GLU C 59 15.38 4.03 15.62
C GLU C 59 15.17 3.94 17.13
N ALA C 60 16.27 4.02 17.89
CA ALA C 60 16.14 4.00 19.35
C ALA C 60 15.33 5.19 19.86
N ALA C 61 15.62 6.38 19.34
CA ALA C 61 14.88 7.57 19.77
C ALA C 61 13.40 7.47 19.41
N CYS C 62 13.09 7.00 18.20
CA CYS C 62 11.71 6.88 17.78
C CYS C 62 10.97 5.84 18.61
N LEU C 63 11.62 4.72 18.94
CA LEU C 63 11.01 3.72 19.81
C LEU C 63 10.76 4.29 21.20
N ARG C 64 11.70 5.08 21.71
CA ARG C 64 11.50 5.70 23.02
C ARG C 64 10.32 6.67 23.02
N LEU C 65 10.20 7.48 21.97
CA LEU C 65 9.12 8.44 21.91
C LEU C 65 7.75 7.76 21.82
N LEU C 66 7.62 6.79 20.91
CA LEU C 66 6.33 6.16 20.67
C LEU C 66 5.93 5.20 21.78
N GLY C 67 6.87 4.76 22.61
CA GLY C 67 6.57 3.88 23.72
C GLY C 67 6.69 2.41 23.46
N GLN C 68 7.09 2.00 22.26
CA GLN C 68 7.26 0.59 21.95
C GLN C 68 8.45 0.02 22.74
N PRO C 69 8.41 -1.28 23.02
CA PRO C 69 9.52 -1.91 23.76
C PRO C 69 10.82 -1.82 23.00
N MET C 70 11.93 -1.73 23.74
CA MET C 70 13.25 -1.61 23.14
C MET C 70 13.72 -2.89 22.45
N ARG C 71 13.09 -4.03 22.74
CA ARG C 71 13.46 -5.26 22.06
C ARG C 71 13.24 -5.17 20.55
N ARG C 72 12.32 -4.31 20.11
CA ARG C 72 12.11 -4.10 18.68
C ARG C 72 13.36 -3.56 17.99
N LEU C 73 14.29 -2.99 18.76
CA LEU C 73 15.56 -2.55 18.19
C LEU C 73 16.44 -3.72 17.76
N LEU C 74 16.26 -4.89 18.38
CA LEU C 74 17.16 -6.02 18.17
C LEU C 74 16.74 -6.96 17.06
N ASP C 75 15.67 -6.64 16.32
CA ASP C 75 15.24 -7.50 15.22
C ASP C 75 15.96 -7.22 13.91
N GLY C 76 16.80 -6.19 13.87
CA GLY C 76 17.54 -5.88 12.66
C GLY C 76 16.77 -5.13 11.60
N SER C 77 15.55 -4.69 11.89
CA SER C 77 14.77 -3.97 10.89
C SER C 77 15.36 -2.61 10.54
N ALA C 78 16.13 -2.01 11.46
CA ALA C 78 16.75 -0.71 11.22
C ALA C 78 18.16 -0.83 10.68
N LEU C 79 18.92 -1.80 11.17
CA LEU C 79 20.27 -2.02 10.67
C LEU C 79 20.25 -2.39 9.20
N LEU C 80 19.27 -3.20 8.78
CA LEU C 80 19.16 -3.58 7.37
C LEU C 80 18.86 -2.38 6.50
N THR C 81 17.94 -1.50 6.94
CA THR C 81 17.64 -0.30 6.17
C THR C 81 18.85 0.61 6.07
N GLY C 82 19.58 0.79 7.19
CA GLY C 82 20.80 1.57 7.13
C GLY C 82 21.84 0.99 6.20
N TRP C 83 21.99 -0.34 6.23
CA TRP C 83 22.94 -1.03 5.35
C TRP C 83 22.58 -0.81 3.89
N LEU C 84 21.30 -0.99 3.55
CA LEU C 84 20.87 -0.82 2.16
C LEU C 84 21.05 0.61 1.70
N LEU C 85 20.70 1.59 2.54
CA LEU C 85 20.88 2.98 2.15
C LEU C 85 22.36 3.31 1.99
N ALA C 86 23.22 2.80 2.87
CA ALA C 86 24.64 3.08 2.77
C ALA C 86 25.23 2.49 1.50
N ILE C 87 24.85 1.26 1.16
CA ILE C 87 25.37 0.67 -0.08
C ILE C 87 24.72 1.26 -1.32
N SER C 88 23.61 1.98 -1.17
CA SER C 88 22.98 2.64 -2.30
C SER C 88 23.51 4.04 -2.58
N LEU C 89 24.39 4.56 -1.74
CA LEU C 89 24.88 5.93 -1.83
C LEU C 89 26.19 6.00 -2.62
N PRO C 90 26.56 7.18 -3.10
CA PRO C 90 27.88 7.33 -3.71
C PRO C 90 28.97 7.06 -2.68
N PRO C 91 30.11 6.54 -3.12
CA PRO C 91 31.15 6.13 -2.14
C PRO C 91 31.73 7.30 -1.36
N TRP C 92 32.23 8.32 -2.05
CA TRP C 92 32.90 9.43 -1.39
C TRP C 92 31.91 10.57 -1.17
N ALA C 93 30.94 10.30 -0.29
CA ALA C 93 29.88 11.23 0.04
C ALA C 93 30.08 11.77 1.44
N PRO C 94 29.62 13.00 1.71
CA PRO C 94 29.76 13.55 3.06
C PRO C 94 28.86 12.85 4.06
N TRP C 95 29.23 12.99 5.34
CA TRP C 95 28.50 12.29 6.40
C TRP C 95 27.05 12.76 6.48
N TRP C 96 26.82 14.06 6.28
CA TRP C 96 25.46 14.59 6.46
C TRP C 96 24.49 14.02 5.43
N ILE C 97 24.98 13.60 4.26
CA ILE C 97 24.13 12.92 3.30
C ILE C 97 23.58 11.63 3.91
N GLY C 98 24.46 10.82 4.48
CA GLY C 98 24.01 9.57 5.10
C GLY C 98 23.12 9.80 6.30
N VAL C 99 23.47 10.77 7.14
CA VAL C 99 22.66 11.06 8.33
C VAL C 99 21.27 11.53 7.92
N GLY C 100 21.19 12.44 6.94
CA GLY C 100 19.89 12.91 6.49
C GLY C 100 19.06 11.81 5.86
N GLY C 101 19.70 10.95 5.06
CA GLY C 101 18.96 9.85 4.48
C GLY C 101 18.42 8.89 5.54
N SER C 102 19.24 8.57 6.54
CA SER C 102 18.80 7.69 7.62
C SER C 102 17.66 8.33 8.40
N LEU C 103 17.76 9.63 8.69
CA LEU C 103 16.69 10.31 9.41
C LEU C 103 15.40 10.33 8.61
N PHE C 104 15.50 10.57 7.30
CA PHE C 104 14.29 10.61 6.49
C PHE C 104 13.66 9.23 6.35
N ALA C 105 14.46 8.16 6.30
CA ALA C 105 13.86 6.83 6.17
C ALA C 105 13.32 6.35 7.53
N ILE C 106 14.22 6.14 8.48
CA ILE C 106 13.82 5.70 9.82
C ILE C 106 13.33 6.94 10.55
N GLY C 107 12.03 7.03 10.75
CA GLY C 107 11.39 8.32 10.92
C GLY C 107 10.18 8.34 10.03
N ILE C 108 10.15 9.25 9.06
CA ILE C 108 8.97 9.43 8.22
C ILE C 108 8.56 8.11 7.56
N GLY C 109 9.52 7.42 6.93
CA GLY C 109 9.14 6.28 6.11
C GLY C 109 8.65 5.08 6.91
N LYS C 110 9.23 4.85 8.09
CA LYS C 110 8.94 3.63 8.83
C LYS C 110 8.26 3.88 10.17
N GLN C 111 8.81 4.76 11.02
CA GLN C 111 8.32 4.86 12.39
C GLN C 111 7.10 5.77 12.50
N LEU C 112 7.00 6.76 11.62
CA LEU C 112 5.84 7.65 11.64
C LEU C 112 4.55 6.91 11.30
N TYR C 113 4.64 5.76 10.65
CA TYR C 113 3.48 4.95 10.33
C TYR C 113 3.15 3.91 11.39
N GLY C 114 3.93 3.82 12.45
CA GLY C 114 3.66 2.87 13.50
C GLY C 114 4.84 1.99 13.86
N GLY C 115 5.64 1.63 12.87
CA GLY C 115 6.80 0.79 13.08
C GLY C 115 6.93 -0.22 11.96
N ILE C 116 7.65 -1.30 12.26
CA ILE C 116 7.84 -2.36 11.27
C ILE C 116 6.53 -3.06 10.99
N GLY C 117 6.26 -3.30 9.71
CA GLY C 117 5.04 -3.96 9.28
C GLY C 117 3.87 -3.06 9.02
N GLN C 118 4.01 -1.74 9.21
CA GLN C 118 2.93 -0.80 9.02
C GLN C 118 3.14 0.15 7.84
N ASN C 119 4.39 0.42 7.48
CA ASN C 119 4.67 1.38 6.42
C ASN C 119 4.24 0.83 5.06
N PRO C 120 3.71 1.66 4.17
CA PRO C 120 3.36 1.21 2.83
C PRO C 120 4.43 1.42 1.76
N PHE C 121 5.54 2.09 2.08
CA PHE C 121 6.58 2.40 1.12
C PHE C 121 7.91 1.89 1.61
N ASN C 122 8.83 1.65 0.67
CA ASN C 122 10.16 1.18 1.01
C ASN C 122 10.94 2.31 1.67
N PRO C 123 11.43 2.13 2.91
CA PRO C 123 12.15 3.23 3.58
C PRO C 123 13.46 3.62 2.91
N ALA C 124 14.29 2.64 2.57
CA ALA C 124 15.59 2.93 1.99
C ALA C 124 15.46 3.64 0.64
N MET C 125 14.55 3.15 -0.21
CA MET C 125 14.36 3.79 -1.51
C MET C 125 13.72 5.16 -1.36
N LEU C 126 12.84 5.33 -0.38
CA LEU C 126 12.27 6.64 -0.12
C LEU C 126 13.37 7.64 0.26
N ALA C 127 14.28 7.22 1.13
CA ALA C 127 15.40 8.08 1.52
C ALA C 127 16.31 8.36 0.33
N ARG C 128 16.57 7.35 -0.50
CA ARG C 128 17.42 7.57 -1.68
C ARG C 128 16.80 8.57 -2.63
N VAL C 129 15.49 8.46 -2.89
CA VAL C 129 14.82 9.41 -3.76
C VAL C 129 14.84 10.81 -3.16
N ALA C 130 14.57 10.92 -1.85
CA ALA C 130 14.58 12.23 -1.22
C ALA C 130 15.97 12.87 -1.27
N LEU C 131 17.01 12.07 -1.05
CA LEU C 131 18.37 12.60 -1.13
C LEU C 131 18.71 13.04 -2.54
N LEU C 132 18.33 12.25 -3.55
CA LEU C 132 18.63 12.61 -4.93
C LEU C 132 17.89 13.89 -5.32
N ILE C 133 16.64 14.04 -4.89
CA ILE C 133 15.87 15.22 -5.25
C ILE C 133 16.39 16.46 -4.54
N ALA C 134 16.67 16.33 -3.23
CA ALA C 134 17.05 17.50 -2.44
C ALA C 134 18.48 17.94 -2.75
N PHE C 135 19.42 17.00 -2.83
CA PHE C 135 20.84 17.29 -3.06
C PHE C 135 21.30 16.56 -4.31
N PRO C 136 21.13 17.15 -5.49
CA PRO C 136 21.52 16.45 -6.72
C PRO C 136 23.02 16.46 -6.96
N LEU C 137 23.72 17.50 -6.50
CA LEU C 137 25.16 17.59 -6.73
C LEU C 137 25.92 16.53 -5.94
N GLN C 138 25.61 16.40 -4.64
CA GLN C 138 26.32 15.44 -3.81
C GLN C 138 25.97 14.00 -4.16
N MET C 139 24.84 13.76 -4.81
CA MET C 139 24.40 12.42 -5.17
C MET C 139 24.72 12.07 -6.62
N THR C 140 25.50 12.91 -7.32
CA THR C 140 25.92 12.64 -8.69
C THR C 140 27.42 12.88 -8.85
N THR C 141 28.19 12.64 -7.80
CA THR C 141 29.64 12.75 -7.84
C THR C 141 30.21 11.35 -7.56
N TRP C 142 30.59 10.65 -8.62
CA TRP C 142 31.06 9.28 -8.52
C TRP C 142 32.58 9.27 -8.54
N ALA C 143 33.19 8.68 -7.52
CA ALA C 143 34.63 8.61 -7.40
C ALA C 143 35.16 7.35 -8.07
N LEU C 144 36.29 7.49 -8.75
CA LEU C 144 36.90 6.35 -9.40
C LEU C 144 37.39 5.35 -8.37
N PRO C 145 37.48 4.07 -8.73
CA PRO C 145 37.96 3.06 -7.77
C PRO C 145 39.38 3.33 -7.34
N HIS C 146 39.54 3.61 -6.04
CA HIS C 146 40.85 3.82 -5.42
C HIS C 146 41.01 2.76 -4.33
N PRO C 147 41.59 1.61 -4.65
CA PRO C 147 41.60 0.49 -3.71
C PRO C 147 42.38 0.80 -2.45
N LEU C 148 41.96 0.18 -1.35
CA LEU C 148 42.69 0.28 -0.11
C LEU C 148 44.08 -0.32 -0.27
N PHE C 149 45.08 0.36 0.29
CA PHE C 149 46.48 -0.05 0.19
C PHE C 149 46.91 -0.18 -1.28
N SER C 150 46.85 0.96 -1.98
CA SER C 150 47.21 1.02 -3.38
C SER C 150 48.19 2.13 -3.73
N SER C 151 48.63 2.94 -2.75
CA SER C 151 49.56 4.04 -2.89
C SER C 151 48.98 5.22 -3.65
N SER C 152 47.73 5.14 -4.11
CA SER C 152 47.07 6.25 -4.79
C SER C 152 45.85 6.76 -4.05
N ALA C 153 45.16 5.90 -3.30
CA ALA C 153 44.03 6.34 -2.51
C ALA C 153 44.51 7.21 -1.34
N PRO C 154 43.64 8.09 -0.84
CA PRO C 154 44.03 8.93 0.30
C PRO C 154 44.26 8.10 1.56
N GLY C 155 45.01 8.67 2.48
CA GLY C 155 45.31 8.02 3.74
C GLY C 155 44.12 7.92 4.66
N PHE C 156 44.36 7.76 5.96
CA PHE C 156 43.26 7.59 6.90
C PHE C 156 42.74 8.92 7.44
N PHE C 157 43.57 9.95 7.50
CA PHE C 157 43.13 11.27 7.94
C PHE C 157 42.74 12.18 6.77
N ASP C 158 43.40 12.01 5.61
CA ASP C 158 42.93 12.69 4.42
C ASP C 158 41.53 12.21 4.04
N SER C 159 41.28 10.91 4.20
CA SER C 159 39.94 10.38 3.96
C SER C 159 38.93 10.90 4.99
N LEU C 160 39.36 11.08 6.23
CA LEU C 160 38.48 11.70 7.21
C LEU C 160 38.13 13.12 6.81
N ALA C 161 39.13 13.88 6.32
CA ALA C 161 38.85 15.22 5.81
C ALA C 161 37.98 15.18 4.57
N ILE C 162 38.02 14.09 3.81
CA ILE C 162 37.14 13.94 2.65
C ILE C 162 35.69 13.71 3.10
N THR C 163 35.50 12.82 4.07
CA THR C 163 34.15 12.42 4.46
C THR C 163 33.52 13.47 5.38
N PHE C 164 34.13 13.71 6.53
CA PHE C 164 33.73 14.84 7.36
C PHE C 164 34.37 16.11 6.80
N ALA C 165 33.77 17.25 7.16
CA ALA C 165 34.16 18.53 6.58
C ALA C 165 33.94 18.53 5.07
N GLY C 166 34.59 19.44 4.35
CA GLY C 166 34.31 19.61 2.94
C GLY C 166 35.54 19.76 2.05
N ALA C 167 36.63 19.12 2.40
CA ALA C 167 37.86 19.27 1.62
C ALA C 167 37.66 18.75 0.21
N PRO C 168 37.92 19.56 -0.82
CA PRO C 168 37.74 19.09 -2.20
C PRO C 168 38.67 17.92 -2.50
N LEU C 169 38.13 16.89 -3.13
CA LEU C 169 38.85 15.64 -3.31
C LEU C 169 40.11 15.80 -4.15
N ALA C 170 39.94 16.16 -5.42
CA ALA C 170 41.06 16.29 -6.36
C ALA C 170 40.59 16.78 -7.71
N ASP C 171 41.53 16.98 -8.64
CA ASP C 171 41.23 17.10 -10.06
C ASP C 171 41.70 15.82 -10.73
N GLY C 172 40.76 14.94 -11.04
CA GLY C 172 41.07 13.67 -11.69
C GLY C 172 40.69 12.43 -10.90
N MET C 173 40.09 12.55 -9.72
CA MET C 173 39.64 11.40 -8.94
C MET C 173 38.14 11.15 -9.08
N THR C 174 37.48 11.84 -10.01
CA THR C 174 36.04 11.69 -10.22
C THR C 174 35.78 11.52 -11.72
N GLY C 175 35.01 10.48 -12.07
CA GLY C 175 34.69 10.20 -13.45
C GLY C 175 33.20 9.97 -13.64
N ALA C 176 32.85 9.67 -14.89
CA ALA C 176 31.47 9.37 -15.25
C ALA C 176 31.28 7.87 -15.39
N THR C 177 30.07 7.40 -15.12
CA THR C 177 29.80 5.93 -15.12
C THR C 177 29.40 5.49 -16.54
N ALA C 178 28.51 4.51 -16.67
CA ALA C 178 28.19 3.94 -17.97
C ALA C 178 26.90 4.51 -18.56
N LEU C 179 25.83 4.46 -17.78
CA LEU C 179 24.52 4.93 -18.26
C LEU C 179 24.55 6.42 -18.56
N GLY C 180 25.07 7.22 -17.63
CA GLY C 180 25.15 8.65 -17.85
C GLY C 180 26.06 9.00 -19.01
N ASN C 181 27.18 8.29 -19.15
CA ASN C 181 28.07 8.52 -20.27
C ASN C 181 27.38 8.20 -21.60
N LEU C 182 26.64 7.09 -21.65
CA LEU C 182 25.94 6.74 -22.88
C LEU C 182 24.91 7.79 -23.24
N LYS C 183 24.12 8.25 -22.26
CA LYS C 183 23.10 9.25 -22.56
C LYS C 183 23.73 10.58 -23.00
N THR C 184 24.81 11.00 -22.33
CA THR C 184 25.48 12.23 -22.72
C THR C 184 26.05 12.13 -24.13
N GLU C 185 26.72 11.02 -24.45
CA GLU C 185 27.30 10.88 -25.77
C GLU C 185 26.22 10.77 -26.85
N LEU C 186 25.07 10.18 -26.52
CA LEU C 186 23.94 10.20 -27.44
C LEU C 186 23.46 11.62 -27.68
N THR C 187 23.41 12.44 -26.63
CA THR C 187 23.11 13.86 -26.82
C THR C 187 24.23 14.58 -27.56
N LEU C 188 25.39 13.94 -27.70
CA LEU C 188 26.50 14.46 -28.50
C LEU C 188 26.53 13.85 -29.90
N ASN C 189 25.35 13.57 -30.47
CA ASN C 189 25.16 13.17 -31.87
C ASN C 189 26.09 12.03 -32.29
N ARG C 190 26.42 11.14 -31.35
CA ARG C 190 27.19 9.94 -31.63
C ARG C 190 26.27 8.72 -31.59
N THR C 191 26.49 7.79 -32.50
CA THR C 191 25.68 6.58 -32.55
C THR C 191 25.90 5.74 -31.29
N ALA C 192 24.97 4.81 -31.05
CA ALA C 192 24.97 4.00 -29.83
C ALA C 192 25.90 2.81 -29.93
N GLN C 193 26.67 2.66 -31.00
CA GLN C 193 27.66 1.61 -31.13
C GLN C 193 29.07 2.08 -30.81
N GLU C 194 29.49 3.22 -31.36
CA GLU C 194 30.82 3.76 -31.08
C GLU C 194 31.01 4.03 -29.59
N ILE C 195 29.94 4.40 -28.90
CA ILE C 195 30.04 4.67 -27.47
C ILE C 195 30.40 3.41 -26.71
N LEU C 196 29.76 2.29 -27.03
CA LEU C 196 30.01 1.05 -26.30
C LEU C 196 31.23 0.30 -26.79
N GLU C 197 31.72 0.58 -28.00
CA GLU C 197 32.90 -0.14 -28.47
C GLU C 197 34.16 0.34 -27.76
N GLY C 198 34.34 1.64 -27.63
CA GLY C 198 35.48 2.22 -26.96
C GLY C 198 35.23 2.76 -25.58
N GLY C 199 34.06 2.54 -25.00
CA GLY C 199 33.77 3.09 -23.69
C GLY C 199 33.02 2.16 -22.76
N PHE C 200 33.06 0.86 -23.02
CA PHE C 200 32.37 -0.10 -22.17
C PHE C 200 32.86 -1.52 -22.42
N SER C 201 33.20 -2.24 -21.35
CA SER C 201 33.62 -3.63 -21.44
C SER C 201 32.74 -4.45 -20.51
N THR C 202 32.07 -5.46 -21.06
CA THR C 202 31.13 -6.26 -20.26
C THR C 202 31.85 -7.04 -19.17
N ILE C 203 33.03 -7.58 -19.47
CA ILE C 203 33.74 -8.41 -18.50
C ILE C 203 34.12 -7.60 -17.27
N SER C 204 34.61 -6.37 -17.47
CA SER C 204 34.99 -5.53 -16.34
C SER C 204 33.76 -4.99 -15.61
N ALA C 205 32.67 -4.75 -16.34
CA ALA C 205 31.47 -4.24 -15.70
C ALA C 205 30.77 -5.32 -14.86
N LEU C 206 30.92 -6.58 -15.24
CA LEU C 206 30.31 -7.66 -14.47
C LEU C 206 31.07 -7.93 -13.18
N PHE C 207 32.41 -7.91 -13.24
CA PHE C 207 33.20 -8.11 -12.03
C PHE C 207 33.00 -6.98 -11.04
N GLY C 208 32.93 -5.74 -11.52
CA GLY C 208 32.77 -4.62 -10.63
C GLY C 208 33.91 -3.62 -10.67
N SER C 209 34.57 -3.51 -11.82
CA SER C 209 35.71 -2.62 -11.99
C SER C 209 35.32 -1.26 -12.57
N THR C 210 34.11 -0.79 -12.30
CA THR C 210 33.60 0.46 -12.85
C THR C 210 33.10 1.33 -11.71
N PRO C 211 33.08 2.65 -11.91
CA PRO C 211 32.52 3.55 -10.90
C PRO C 211 31.03 3.29 -10.70
N GLY C 212 30.56 3.56 -9.49
CA GLY C 212 29.16 3.36 -9.18
C GLY C 212 28.89 3.56 -7.71
N SER C 213 27.80 2.97 -7.24
CA SER C 213 27.44 3.06 -5.84
C SER C 213 28.36 2.16 -5.01
N LEU C 214 28.13 2.15 -3.69
CA LEU C 214 28.99 1.41 -2.79
C LEU C 214 28.87 -0.10 -3.00
N GLY C 215 27.65 -0.60 -3.15
CA GLY C 215 27.45 -2.03 -3.33
C GLY C 215 26.92 -2.41 -4.69
N GLU C 216 26.49 -1.42 -5.47
CA GLU C 216 25.96 -1.65 -6.80
C GLU C 216 27.04 -2.09 -7.79
N THR C 217 28.30 -1.77 -7.51
CA THR C 217 29.35 -1.93 -8.52
C THR C 217 29.51 -3.38 -8.96
N SER C 218 29.33 -4.35 -8.06
CA SER C 218 29.55 -5.75 -8.36
C SER C 218 28.21 -6.43 -8.62
N GLU C 219 28.06 -7.00 -9.83
CA GLU C 219 26.82 -7.68 -10.22
C GLU C 219 26.94 -9.19 -10.14
N LEU C 220 28.02 -9.71 -9.56
CA LEU C 220 28.22 -11.15 -9.40
C LEU C 220 28.08 -11.60 -7.96
N LEU C 221 28.71 -10.88 -7.02
CA LEU C 221 28.53 -11.18 -5.61
C LEU C 221 27.09 -10.95 -5.18
N LEU C 222 26.45 -9.92 -5.73
CA LEU C 222 25.03 -9.69 -5.46
C LEU C 222 24.19 -10.85 -5.99
N LEU C 223 24.52 -11.36 -7.17
CA LEU C 223 23.79 -12.49 -7.71
C LEU C 223 23.96 -13.73 -6.84
N VAL C 224 25.19 -13.97 -6.36
CA VAL C 224 25.44 -15.10 -5.46
C VAL C 224 24.62 -14.96 -4.18
N GLY C 225 24.61 -13.77 -3.60
CA GLY C 225 23.82 -13.54 -2.40
C GLY C 225 22.33 -13.75 -2.62
N GLY C 226 21.82 -13.26 -3.76
CA GLY C 226 20.41 -13.45 -4.06
C GLY C 226 20.05 -14.92 -4.28
N VAL C 227 20.92 -15.66 -4.96
CA VAL C 227 20.70 -17.09 -5.14
C VAL C 227 20.68 -17.80 -3.80
N TRP C 228 21.62 -17.45 -2.90
CA TRP C 228 21.63 -18.06 -1.58
C TRP C 228 20.36 -17.71 -0.80
N LEU C 229 19.88 -16.47 -0.92
CA LEU C 229 18.65 -16.09 -0.25
C LEU C 229 17.46 -16.89 -0.77
N VAL C 230 17.40 -17.09 -2.09
CA VAL C 230 16.32 -17.90 -2.66
C VAL C 230 16.40 -19.33 -2.15
N LEU C 231 17.60 -19.90 -2.13
CA LEU C 231 17.75 -21.27 -1.65
C LEU C 231 17.43 -21.40 -0.17
N ARG C 232 17.55 -20.31 0.59
CA ARG C 232 17.17 -20.29 2.00
C ARG C 232 15.68 -20.08 2.21
N ARG C 233 14.92 -19.90 1.12
CA ARG C 233 13.47 -19.72 1.18
C ARG C 233 13.08 -18.47 1.95
N ILE C 234 13.95 -17.45 1.94
CA ILE C 234 13.61 -16.18 2.56
C ILE C 234 12.87 -15.27 1.60
N ILE C 235 13.20 -15.32 0.32
CA ILE C 235 12.53 -14.54 -0.70
C ILE C 235 11.95 -15.48 -1.75
N HIS C 236 11.15 -14.94 -2.64
CA HIS C 236 10.50 -15.70 -3.69
C HIS C 236 11.10 -15.34 -5.03
N TRP C 237 11.38 -16.37 -5.84
CA TRP C 237 12.05 -16.16 -7.12
C TRP C 237 11.22 -15.37 -8.12
N GLU C 238 9.91 -15.23 -7.87
CA GLU C 238 9.03 -14.64 -8.87
C GLU C 238 9.46 -13.20 -9.20
N ILE C 239 9.67 -12.38 -8.18
CA ILE C 239 10.03 -10.97 -8.42
C ILE C 239 11.36 -10.83 -9.15
N PRO C 240 12.47 -11.44 -8.68
CA PRO C 240 13.73 -11.29 -9.44
C PRO C 240 13.65 -11.86 -10.84
N VAL C 241 13.02 -13.03 -11.01
CA VAL C 241 12.94 -13.63 -12.33
C VAL C 241 12.15 -12.73 -13.27
N ALA C 242 11.01 -12.22 -12.80
CA ALA C 242 10.19 -11.35 -13.64
C ALA C 242 10.93 -10.07 -14.01
N ILE C 243 11.60 -9.44 -13.04
CA ILE C 243 12.29 -8.18 -13.33
C ILE C 243 13.39 -8.39 -14.35
N LEU C 244 14.24 -9.39 -14.11
CA LEU C 244 15.36 -9.63 -15.02
C LEU C 244 14.86 -10.03 -16.41
N ALA C 245 13.85 -10.90 -16.48
CA ALA C 245 13.33 -11.32 -17.77
C ALA C 245 12.71 -10.17 -18.53
N SER C 246 11.94 -9.31 -17.86
CA SER C 246 11.31 -8.19 -18.52
C SER C 246 12.35 -7.23 -19.07
N VAL C 247 13.34 -6.87 -18.24
CA VAL C 247 14.37 -5.94 -18.69
C VAL C 247 15.15 -6.51 -19.85
N PHE C 248 15.54 -7.80 -19.76
CA PHE C 248 16.33 -8.40 -20.84
C PHE C 248 15.54 -8.48 -22.12
N VAL C 249 14.27 -8.87 -22.05
CA VAL C 249 13.46 -9.00 -23.26
C VAL C 249 13.25 -7.66 -23.93
N MET C 250 12.90 -6.63 -23.14
CA MET C 250 12.70 -5.31 -23.73
C MET C 250 14.00 -4.78 -24.32
N ALA C 251 15.12 -4.96 -23.62
CA ALA C 251 16.40 -4.48 -24.12
C ALA C 251 16.79 -5.19 -25.41
N THR C 252 16.60 -6.50 -25.47
CA THR C 252 16.94 -7.24 -26.68
C THR C 252 16.07 -6.83 -27.86
N LEU C 253 14.76 -6.64 -27.62
CA LEU C 253 13.89 -6.19 -28.69
C LEU C 253 14.30 -4.82 -29.21
N ALA C 254 14.62 -3.90 -28.29
CA ALA C 254 15.06 -2.57 -28.71
C ALA C 254 16.37 -2.64 -29.49
N TYR C 255 17.30 -3.49 -29.06
CA TYR C 255 18.56 -3.64 -29.78
C TYR C 255 18.34 -4.21 -31.17
N LEU C 256 17.45 -5.20 -31.29
CA LEU C 256 17.18 -5.79 -32.60
C LEU C 256 16.49 -4.82 -33.53
N ILE C 257 15.62 -3.96 -33.00
CA ILE C 257 14.90 -3.00 -33.85
C ILE C 257 15.86 -1.94 -34.38
N ASN C 258 16.52 -1.21 -33.49
CA ASN C 258 17.37 -0.08 -33.86
C ASN C 258 18.74 -0.24 -33.19
N PRO C 259 19.65 -1.01 -33.80
CA PRO C 259 20.94 -1.25 -33.15
C PRO C 259 21.78 0.01 -32.96
N GLU C 260 21.66 0.99 -33.84
CA GLU C 260 22.46 2.20 -33.76
C GLU C 260 21.94 3.23 -32.77
N ARG C 261 20.78 2.98 -32.17
CA ARG C 261 20.21 3.89 -31.18
C ARG C 261 20.03 3.26 -29.81
N TYR C 262 19.68 1.97 -29.74
CA TYR C 262 19.42 1.30 -28.48
C TYR C 262 20.51 0.28 -28.18
N ALA C 263 20.90 0.19 -26.91
CA ALA C 263 21.82 -0.82 -26.42
C ALA C 263 21.11 -1.65 -25.37
N GLY C 264 21.19 -2.97 -25.51
CA GLY C 264 20.44 -3.84 -24.63
C GLY C 264 21.12 -5.16 -24.34
N GLY C 265 20.60 -5.84 -23.34
CA GLY C 265 21.06 -7.18 -22.97
C GLY C 265 22.12 -7.13 -21.87
N LEU C 266 23.36 -7.49 -22.24
CA LEU C 266 24.44 -7.51 -21.26
C LEU C 266 24.70 -6.11 -20.69
N TYR C 267 24.65 -5.09 -21.55
CA TYR C 267 24.87 -3.72 -21.08
C TYR C 267 23.81 -3.32 -20.07
N GLN C 268 22.54 -3.62 -20.36
CA GLN C 268 21.47 -3.25 -19.44
C GLN C 268 21.57 -4.01 -18.12
N LEU C 269 21.91 -5.31 -18.19
CA LEU C 269 22.00 -6.10 -16.96
C LEU C 269 23.17 -5.67 -16.10
N THR C 270 24.36 -5.51 -16.70
CA THR C 270 25.57 -5.18 -15.95
C THR C 270 25.81 -3.67 -15.93
N SER C 271 24.82 -2.94 -15.43
CA SER C 271 24.91 -1.50 -15.26
C SER C 271 23.76 -1.04 -14.39
N GLY C 272 24.06 -0.16 -13.44
CA GLY C 272 23.04 0.33 -12.53
C GLY C 272 22.73 -0.67 -11.44
N GLY C 273 21.81 -0.27 -10.56
CA GLY C 273 21.42 -1.11 -9.45
C GLY C 273 20.28 -2.06 -9.78
N LEU C 274 20.29 -2.63 -10.98
CA LEU C 274 19.21 -3.51 -11.39
C LEU C 274 19.22 -4.82 -10.59
N ILE C 275 20.38 -5.47 -10.49
CA ILE C 275 20.46 -6.75 -9.79
C ILE C 275 20.16 -6.57 -8.31
N LEU C 276 20.75 -5.54 -7.69
CA LEU C 276 20.53 -5.30 -6.27
C LEU C 276 19.06 -4.99 -5.98
N CYS C 277 18.46 -4.14 -6.81
CA CYS C 277 17.04 -3.83 -6.63
C CYS C 277 16.17 -5.07 -6.81
N ALA C 278 16.47 -5.88 -7.84
CA ALA C 278 15.65 -7.06 -8.11
C ALA C 278 15.74 -8.07 -6.98
N PHE C 279 16.93 -8.29 -6.42
CA PHE C 279 17.09 -9.36 -5.45
C PHE C 279 16.82 -8.91 -4.01
N PHE C 280 17.42 -7.80 -3.59
CA PHE C 280 17.43 -7.44 -2.18
C PHE C 280 16.43 -6.34 -1.81
N ILE C 281 16.00 -5.52 -2.76
CA ILE C 281 15.24 -4.32 -2.45
C ILE C 281 13.79 -4.42 -2.93
N ALA C 282 13.56 -4.96 -4.13
CA ALA C 282 12.19 -5.15 -4.59
C ALA C 282 11.50 -6.30 -3.89
N THR C 283 12.24 -7.16 -3.17
CA THR C 283 11.68 -8.29 -2.45
C THR C 283 11.40 -7.97 -0.99
N ASP C 284 11.11 -6.71 -0.68
CA ASP C 284 10.76 -6.33 0.69
C ASP C 284 9.44 -7.00 1.07
N PRO C 285 9.42 -7.82 2.13
CA PRO C 285 8.17 -8.54 2.44
C PRO C 285 7.01 -7.63 2.81
N VAL C 286 7.27 -6.55 3.54
CA VAL C 286 6.20 -5.69 4.00
C VAL C 286 5.50 -4.95 2.87
N THR C 287 6.19 -4.71 1.76
CA THR C 287 5.67 -3.91 0.65
C THR C 287 5.74 -4.68 -0.66
N SER C 288 5.39 -5.96 -0.62
CA SER C 288 5.32 -6.80 -1.81
C SER C 288 4.05 -7.64 -1.73
N PRO C 289 3.51 -8.08 -2.87
CA PRO C 289 2.30 -8.88 -2.85
C PRO C 289 2.53 -10.23 -2.18
N ILE C 290 1.45 -10.79 -1.63
CA ILE C 290 1.51 -12.06 -0.90
C ILE C 290 1.16 -13.26 -1.76
N SER C 291 0.66 -13.06 -2.97
CA SER C 291 0.26 -14.13 -3.85
C SER C 291 1.42 -14.48 -4.80
N ARG C 292 1.14 -15.36 -5.76
CA ARG C 292 2.09 -15.69 -6.81
C ARG C 292 1.89 -14.85 -8.06
N VAL C 293 0.64 -14.78 -8.54
CA VAL C 293 0.32 -13.90 -9.66
C VAL C 293 0.60 -12.46 -9.30
N GLY C 294 0.34 -12.09 -8.04
CA GLY C 294 0.65 -10.74 -7.59
C GLY C 294 2.14 -10.44 -7.64
N ARG C 295 2.97 -11.39 -7.20
CA ARG C 295 4.41 -11.18 -7.28
C ARG C 295 4.89 -11.12 -8.72
N LEU C 296 4.31 -11.95 -9.59
CA LEU C 296 4.69 -11.89 -11.00
C LEU C 296 4.35 -10.54 -11.62
N ILE C 297 3.16 -10.02 -11.30
CA ILE C 297 2.77 -8.70 -11.79
C ILE C 297 3.70 -7.62 -11.24
N PHE C 298 4.02 -7.72 -9.95
CA PHE C 298 4.95 -6.77 -9.33
C PHE C 298 6.28 -6.75 -10.06
N GLY C 299 6.86 -7.93 -10.31
CA GLY C 299 8.14 -8.01 -10.99
C GLY C 299 8.09 -7.50 -12.41
N VAL C 300 7.05 -7.88 -13.16
CA VAL C 300 6.94 -7.44 -14.55
C VAL C 300 6.81 -5.92 -14.61
N GLY C 301 5.97 -5.34 -13.76
CA GLY C 301 5.82 -3.90 -13.73
C GLY C 301 7.11 -3.19 -13.34
N CYS C 302 7.82 -3.73 -12.35
CA CYS C 302 9.08 -3.14 -11.94
C CYS C 302 10.08 -3.14 -13.10
N GLY C 303 10.21 -4.27 -13.78
CA GLY C 303 11.15 -4.34 -14.90
C GLY C 303 10.78 -3.39 -16.02
N VAL C 304 9.48 -3.34 -16.37
CA VAL C 304 9.05 -2.47 -17.47
C VAL C 304 9.31 -1.01 -17.12
N LEU C 305 8.96 -0.60 -15.90
CA LEU C 305 9.17 0.79 -15.52
C LEU C 305 10.66 1.13 -15.46
N ILE C 306 11.47 0.22 -14.92
CA ILE C 306 12.91 0.47 -14.86
C ILE C 306 13.48 0.69 -16.25
N TYR C 307 13.14 -0.19 -17.19
CA TYR C 307 13.68 -0.05 -18.54
C TYR C 307 13.15 1.22 -19.21
N VAL C 308 11.86 1.53 -19.04
CA VAL C 308 11.28 2.68 -19.71
C VAL C 308 11.95 3.96 -19.24
N ILE C 309 12.12 4.12 -17.93
CA ILE C 309 12.72 5.35 -17.44
C ILE C 309 14.23 5.37 -17.69
N ARG C 310 14.87 4.20 -17.77
CA ARG C 310 16.27 4.15 -18.16
C ARG C 310 16.47 4.65 -19.58
N THR C 311 15.63 4.20 -20.51
CA THR C 311 15.86 4.48 -21.92
C THR C 311 15.38 5.87 -22.32
N TRP C 312 14.09 6.15 -22.14
CA TRP C 312 13.50 7.40 -22.59
C TRP C 312 13.28 8.41 -21.47
N GLY C 313 13.64 8.09 -20.24
CA GLY C 313 13.42 8.99 -19.13
C GLY C 313 14.52 10.03 -19.00
N SER C 314 14.40 10.83 -17.95
CA SER C 314 15.37 11.88 -17.65
C SER C 314 16.36 11.47 -16.56
N PHE C 315 16.34 10.20 -16.15
CA PHE C 315 17.26 9.68 -15.15
C PHE C 315 18.11 8.56 -15.74
N PRO C 316 19.33 8.38 -15.25
CA PRO C 316 20.15 7.25 -15.72
C PRO C 316 19.77 5.92 -15.10
N GLU C 317 18.93 5.92 -14.07
CA GLU C 317 18.48 4.71 -13.40
C GLU C 317 17.27 5.07 -12.55
N ALA C 318 16.24 4.22 -12.61
CA ALA C 318 15.00 4.49 -11.88
C ALA C 318 14.52 3.28 -11.11
N ALA C 319 15.45 2.50 -10.55
CA ALA C 319 15.06 1.37 -9.72
C ALA C 319 14.25 1.83 -8.51
N ALA C 320 14.68 2.91 -7.86
CA ALA C 320 13.97 3.42 -6.69
C ALA C 320 12.57 3.89 -7.06
N PHE C 321 12.45 4.65 -8.17
CA PHE C 321 11.15 5.15 -8.57
C PHE C 321 10.20 4.01 -8.95
N ALA C 322 10.69 3.01 -9.70
CA ALA C 322 9.86 1.88 -10.05
C ALA C 322 9.41 1.10 -8.81
N VAL C 323 10.33 0.90 -7.87
CA VAL C 323 9.99 0.18 -6.64
C VAL C 323 8.93 0.95 -5.85
N LEU C 324 9.08 2.27 -5.74
CA LEU C 324 8.09 3.06 -5.01
C LEU C 324 6.73 3.03 -5.70
N PHE C 325 6.71 3.12 -7.02
CA PHE C 325 5.44 3.08 -7.75
C PHE C 325 4.75 1.74 -7.55
N MET C 326 5.50 0.64 -7.61
CA MET C 326 4.89 -0.66 -7.41
C MET C 326 4.48 -0.89 -5.95
N ASN C 327 5.21 -0.31 -5.00
CA ASN C 327 4.76 -0.34 -3.62
C ASN C 327 3.43 0.38 -3.45
N ALA C 328 3.27 1.50 -4.15
CA ALA C 328 1.97 2.19 -4.15
C ALA C 328 0.89 1.32 -4.77
N LEU C 329 1.20 0.62 -5.85
CA LEU C 329 0.22 -0.22 -6.54
C LEU C 329 -0.06 -1.55 -5.83
N THR C 330 0.76 -1.92 -4.84
CA THR C 330 0.62 -3.24 -4.22
C THR C 330 -0.77 -3.54 -3.63
N PRO C 331 -1.41 -2.63 -2.87
CA PRO C 331 -2.67 -3.03 -2.22
C PRO C 331 -3.77 -3.47 -3.19
N LEU C 332 -3.86 -2.83 -4.35
CA LEU C 332 -4.85 -3.25 -5.34
C LEU C 332 -4.56 -4.66 -5.84
N ILE C 333 -3.29 -4.96 -6.10
CA ILE C 333 -2.92 -6.30 -6.52
C ILE C 333 -3.24 -7.32 -5.44
N ASP C 334 -3.00 -6.96 -4.17
CA ASP C 334 -3.32 -7.86 -3.06
C ASP C 334 -4.81 -8.13 -2.98
N ARG C 335 -5.63 -7.10 -3.17
CA ARG C 335 -7.07 -7.27 -3.02
C ARG C 335 -7.78 -7.76 -4.26
N TYR C 336 -7.09 -7.86 -5.41
CA TYR C 336 -7.72 -8.31 -6.64
C TYR C 336 -7.17 -9.63 -7.16
N TRP C 337 -6.12 -10.19 -6.55
CA TRP C 337 -5.51 -11.43 -7.01
C TRP C 337 -5.28 -12.37 -5.83
N ARG C 338 -6.30 -12.52 -4.98
CA ARG C 338 -6.20 -13.41 -3.84
C ARG C 338 -6.20 -14.87 -4.30
N PRO C 339 -5.53 -15.75 -3.58
CA PRO C 339 -5.47 -17.16 -3.99
C PRO C 339 -6.82 -17.84 -3.86
N ARG C 340 -7.02 -18.86 -4.70
CA ARG C 340 -8.26 -19.63 -4.68
C ARG C 340 -8.37 -20.43 -3.40
N ALA C 341 -9.60 -20.49 -2.86
CA ALA C 341 -9.86 -21.21 -1.62
C ALA C 341 -9.99 -22.70 -1.91
N TYR C 342 -10.44 -23.47 -0.92
CA TYR C 342 -10.62 -24.91 -1.06
C TYR C 342 -12.10 -25.19 -1.32
N GLY C 343 -12.37 -25.96 -2.37
CA GLY C 343 -13.74 -26.26 -2.72
C GLY C 343 -14.50 -25.11 -3.34
N ARG C 344 -13.79 -24.12 -3.89
CA ARG C 344 -14.40 -22.97 -4.53
C ARG C 344 -13.64 -22.64 -5.80
N ASN C 345 -14.33 -22.00 -6.74
CA ASN C 345 -13.69 -21.57 -7.97
C ASN C 345 -13.03 -20.21 -7.76
N VAL C 346 -12.50 -19.64 -8.85
CA VAL C 346 -11.76 -18.39 -8.75
C VAL C 346 -12.68 -17.26 -8.30
N ARG C 347 -13.92 -17.23 -8.80
CA ARG C 347 -14.85 -16.16 -8.44
C ARG C 347 -15.25 -16.24 -6.97
N GLY C 348 -15.15 -17.42 -6.36
CA GLY C 348 -15.41 -17.58 -4.95
C GLY C 348 -16.68 -18.34 -4.61
N LYS C 349 -17.55 -18.59 -5.58
CA LYS C 349 -18.75 -19.36 -5.31
C LYS C 349 -18.42 -20.84 -5.15
N PRO C 350 -19.23 -21.58 -4.40
CA PRO C 350 -18.92 -22.99 -4.15
C PRO C 350 -18.89 -23.82 -5.43
N LEU C 351 -18.00 -24.80 -5.45
CA LEU C 351 -17.89 -25.70 -6.59
C LEU C 351 -19.14 -26.58 -6.70
N VAL C 352 -19.34 -27.12 -7.90
CA VAL C 352 -20.46 -28.01 -8.19
C VAL C 352 -19.90 -29.35 -8.68
N ALA C 353 -20.39 -30.43 -8.08
CA ALA C 353 -19.93 -31.76 -8.45
C ALA C 353 -21.05 -32.79 -8.26
N PRO D 17 -21.45 40.07 18.96
CA PRO D 17 -21.06 39.71 17.58
C PRO D 17 -19.56 39.42 17.45
N TRP D 18 -18.77 39.88 18.43
CA TRP D 18 -17.33 39.60 18.42
C TRP D 18 -17.01 38.17 18.82
N GLN D 19 -17.97 37.45 19.40
CA GLN D 19 -17.72 36.07 19.81
C GLN D 19 -17.42 35.18 18.61
N TYR D 20 -18.13 35.39 17.50
CA TYR D 20 -17.88 34.61 16.29
C TYR D 20 -16.48 34.86 15.76
N PHE D 21 -16.02 36.11 15.82
CA PHE D 21 -14.65 36.42 15.43
C PHE D 21 -13.65 35.62 16.28
N THR D 22 -13.85 35.63 17.60
CA THR D 22 -12.95 34.92 18.50
C THR D 22 -13.07 33.40 18.38
N SER D 23 -14.15 32.89 17.80
CA SER D 23 -14.35 31.45 17.69
C SER D 23 -13.90 30.89 16.34
N ALA D 24 -14.01 31.67 15.27
CA ALA D 24 -13.67 31.20 13.93
C ALA D 24 -12.17 31.12 13.68
N LEU D 25 -11.34 31.61 14.60
CA LEU D 25 -9.90 31.61 14.36
C LEU D 25 -9.29 30.24 14.61
N TRP D 26 -9.57 29.62 15.76
CA TRP D 26 -8.95 28.36 16.13
C TRP D 26 -9.94 27.21 16.28
N GLN D 27 -11.09 27.45 16.92
CA GLN D 27 -12.04 26.36 17.13
C GLN D 27 -12.57 25.82 15.81
N TYR D 28 -12.85 26.70 14.85
CA TYR D 28 -13.38 26.33 13.54
C TYR D 28 -12.50 27.00 12.48
N ASN D 29 -11.45 26.31 12.06
CA ASN D 29 -10.54 26.83 11.05
C ASN D 29 -10.92 26.29 9.68
N VAL D 30 -10.75 27.12 8.65
CA VAL D 30 -11.22 26.77 7.31
C VAL D 30 -10.43 25.60 6.74
N ALA D 31 -9.13 25.52 7.02
CA ALA D 31 -8.27 24.47 6.47
C ALA D 31 -7.64 23.61 7.54
N LEU D 32 -7.90 23.88 8.83
CA LEU D 32 -7.33 23.10 9.92
C LEU D 32 -8.37 22.33 10.71
N VAL D 33 -9.63 22.76 10.70
CA VAL D 33 -10.71 22.06 11.38
C VAL D 33 -11.74 21.52 10.40
N GLN D 34 -12.16 22.33 9.42
CA GLN D 34 -13.17 21.92 8.47
C GLN D 34 -12.61 21.13 7.29
N MET D 35 -11.28 21.07 7.16
CA MET D 35 -10.62 20.34 6.08
C MET D 35 -11.12 20.79 4.70
N LEU D 36 -10.98 22.11 4.48
CA LEU D 36 -11.46 22.76 3.28
C LEU D 36 -10.42 23.74 2.77
N ALA D 37 -10.49 24.06 1.48
CA ALA D 37 -9.58 25.00 0.82
C ALA D 37 -8.13 24.52 0.93
N LEU D 38 -7.89 23.32 0.40
CA LEU D 38 -6.56 22.73 0.43
C LEU D 38 -5.73 23.08 -0.80
N CYS D 39 -6.37 23.37 -1.94
CA CYS D 39 -5.60 23.69 -3.15
C CYS D 39 -4.74 24.93 -2.98
N PRO D 40 -5.28 26.10 -2.60
CA PRO D 40 -4.40 27.24 -2.36
C PRO D 40 -3.50 27.05 -1.15
N THR D 41 -3.92 26.23 -0.18
CA THR D 41 -3.07 25.99 0.98
C THR D 41 -1.79 25.26 0.60
N LEU D 42 -1.89 24.30 -0.31
CA LEU D 42 -0.74 23.49 -0.69
C LEU D 42 0.02 24.03 -1.89
N ALA D 43 -0.63 24.80 -2.76
CA ALA D 43 0.04 25.24 -3.99
C ALA D 43 0.81 26.54 -3.78
N VAL D 44 0.12 27.61 -3.42
CA VAL D 44 0.79 28.90 -3.14
C VAL D 44 1.12 28.91 -1.66
N THR D 45 2.25 28.30 -1.31
CA THR D 45 2.77 28.40 0.04
C THR D 45 4.30 28.47 0.09
N THR D 46 4.99 28.49 -1.05
CA THR D 46 6.44 28.41 -1.04
C THR D 46 7.09 29.62 -0.36
N THR D 47 6.37 30.73 -0.24
CA THR D 47 6.86 31.92 0.42
C THR D 47 5.80 32.42 1.40
N ALA D 48 6.24 32.99 2.52
CA ALA D 48 5.29 33.51 3.50
C ALA D 48 4.51 34.69 2.93
N THR D 49 5.17 35.53 2.12
CA THR D 49 4.49 36.67 1.51
C THR D 49 3.37 36.23 0.58
N ASN D 50 3.61 35.18 -0.21
CA ASN D 50 2.56 34.65 -1.06
C ASN D 50 1.38 34.14 -0.24
N GLY D 51 1.65 33.44 0.86
CA GLY D 51 0.58 32.98 1.71
C GLY D 51 -0.23 34.12 2.30
N LEU D 52 0.47 35.17 2.76
CA LEU D 52 -0.23 36.33 3.31
C LEU D 52 -1.06 37.02 2.25
N GLY D 53 -0.53 37.18 1.03
CA GLY D 53 -1.29 37.81 -0.04
C GLY D 53 -2.53 37.01 -0.41
N MET D 54 -2.37 35.70 -0.56
CA MET D 54 -3.51 34.84 -0.85
C MET D 54 -4.56 34.93 0.26
N GLY D 55 -4.12 34.85 1.51
CA GLY D 55 -5.03 34.94 2.64
C GLY D 55 -5.80 36.24 2.68
N LEU D 56 -5.13 37.35 2.38
CA LEU D 56 -5.83 38.64 2.38
C LEU D 56 -6.77 38.77 1.20
N ALA D 57 -6.41 38.25 0.03
CA ALA D 57 -7.33 38.28 -1.11
C ALA D 57 -8.58 37.45 -0.81
N THR D 58 -8.38 36.25 -0.25
CA THR D 58 -9.51 35.42 0.14
C THR D 58 -10.36 36.07 1.22
N THR D 59 -9.74 36.78 2.18
CA THR D 59 -10.52 37.49 3.18
C THR D 59 -11.35 38.60 2.56
N LEU D 60 -10.77 39.36 1.63
CA LEU D 60 -11.51 40.42 0.96
C LEU D 60 -12.70 39.87 0.20
N VAL D 61 -12.49 38.83 -0.61
CA VAL D 61 -13.59 38.28 -1.41
C VAL D 61 -14.64 37.66 -0.50
N LEU D 62 -14.21 36.96 0.56
CA LEU D 62 -15.15 36.40 1.52
C LEU D 62 -16.04 37.47 2.12
N VAL D 63 -15.42 38.54 2.64
CA VAL D 63 -16.17 39.62 3.27
C VAL D 63 -17.17 40.20 2.29
N MET D 64 -16.70 40.56 1.09
CA MET D 64 -17.58 41.19 0.12
C MET D 64 -18.75 40.30 -0.25
N THR D 65 -18.46 39.06 -0.64
CA THR D 65 -19.49 38.09 -1.02
C THR D 65 -20.49 37.86 0.10
N ASN D 66 -20.00 37.61 1.31
CA ASN D 66 -20.88 37.37 2.44
C ASN D 66 -21.80 38.55 2.70
N ALA D 67 -21.24 39.77 2.66
CA ALA D 67 -22.06 40.96 2.86
C ALA D 67 -23.14 41.06 1.80
N LEU D 68 -22.77 40.86 0.54
CA LEU D 68 -23.74 40.98 -0.55
C LEU D 68 -24.84 39.92 -0.44
N ILE D 69 -24.45 38.68 -0.15
CA ILE D 69 -25.42 37.60 -0.03
C ILE D 69 -26.36 37.85 1.15
N SER D 70 -25.82 38.27 2.29
CA SER D 70 -26.65 38.57 3.45
C SER D 70 -27.64 39.68 3.13
N SER D 71 -27.17 40.73 2.45
CA SER D 71 -28.08 41.79 2.04
C SER D 71 -29.17 41.27 1.11
N MET D 72 -28.82 40.42 0.15
CA MET D 72 -29.76 39.83 -0.79
C MET D 72 -30.29 38.48 -0.32
N ARG D 73 -30.29 38.22 0.98
CA ARG D 73 -30.67 36.91 1.51
C ARG D 73 -32.12 36.58 1.20
N HIS D 74 -33.02 37.55 1.36
CA HIS D 74 -34.44 37.26 1.31
C HIS D 74 -34.96 37.02 -0.10
N THR D 75 -34.56 35.88 -0.69
CA THR D 75 -34.97 35.41 -2.02
C THR D 75 -34.24 34.11 -2.34
N ILE D 76 -33.27 34.18 -3.27
CA ILE D 76 -32.40 33.08 -3.67
C ILE D 76 -33.14 31.74 -3.62
N SER D 77 -34.10 31.56 -4.55
CA SER D 77 -34.94 30.37 -4.64
C SER D 77 -34.12 29.10 -4.41
N PRO D 78 -34.48 28.29 -3.41
CA PRO D 78 -33.62 27.15 -3.04
C PRO D 78 -33.31 26.19 -4.17
N GLU D 79 -34.28 25.96 -5.07
CA GLU D 79 -34.06 25.04 -6.18
C GLU D 79 -32.93 25.49 -7.10
N VAL D 80 -32.60 26.78 -7.14
CA VAL D 80 -31.52 27.30 -7.96
C VAL D 80 -30.56 28.06 -7.06
N ARG D 81 -30.49 27.64 -5.79
CA ARG D 81 -29.71 28.38 -4.81
C ARG D 81 -28.22 28.35 -5.14
N ASN D 82 -27.72 27.24 -5.69
CA ASN D 82 -26.29 27.13 -5.93
C ASN D 82 -25.84 28.10 -7.01
N PRO D 83 -26.29 27.95 -8.30
CA PRO D 83 -25.68 28.74 -9.38
C PRO D 83 -25.77 30.23 -9.14
N VAL D 84 -26.93 30.68 -8.66
CA VAL D 84 -27.15 32.09 -8.34
C VAL D 84 -26.03 32.57 -7.43
N MET D 85 -25.86 31.91 -6.28
CA MET D 85 -24.79 32.31 -5.38
C MET D 85 -23.44 32.24 -6.07
N ILE D 86 -23.22 31.16 -6.84
CA ILE D 86 -21.96 31.04 -7.57
C ILE D 86 -21.75 32.28 -8.43
N GLY D 87 -22.79 32.69 -9.16
CA GLY D 87 -22.75 33.89 -9.95
C GLY D 87 -22.17 35.04 -9.15
N VAL D 88 -22.78 35.32 -8.00
CA VAL D 88 -22.31 36.43 -7.18
C VAL D 88 -20.84 36.23 -6.83
N ILE D 89 -20.51 35.02 -6.34
CA ILE D 89 -19.12 34.74 -5.99
C ILE D 89 -18.23 35.02 -7.19
N ALA D 90 -18.62 34.50 -8.35
CA ALA D 90 -17.80 34.66 -9.54
C ALA D 90 -17.52 36.12 -9.81
N GLY D 91 -18.56 36.96 -9.71
CA GLY D 91 -18.35 38.37 -9.96
C GLY D 91 -17.28 38.94 -9.03
N VAL D 92 -17.43 38.70 -7.73
CA VAL D 92 -16.50 39.29 -6.78
C VAL D 92 -15.10 38.72 -6.99
N VAL D 93 -15.01 37.50 -7.55
CA VAL D 93 -13.69 36.97 -7.89
C VAL D 93 -13.13 37.69 -9.11
N THR D 94 -13.94 37.78 -10.18
CA THR D 94 -13.40 38.28 -11.45
C THR D 94 -12.91 39.70 -11.31
N LEU D 95 -13.78 40.58 -10.80
CA LEU D 95 -13.38 41.94 -10.47
C LEU D 95 -12.07 41.94 -9.70
N THR D 96 -11.99 41.12 -8.65
CA THR D 96 -10.79 41.01 -7.82
C THR D 96 -9.58 40.78 -8.70
N ASP D 97 -9.64 39.77 -9.57
CA ASP D 97 -8.55 39.48 -10.48
C ASP D 97 -8.19 40.74 -11.25
N MET D 98 -9.19 41.34 -11.89
CA MET D 98 -8.95 42.51 -12.72
C MET D 98 -8.49 43.71 -11.91
N ALA D 99 -8.64 43.68 -10.59
CA ALA D 99 -8.02 44.71 -9.77
C ALA D 99 -6.53 44.42 -9.58
N MET D 100 -6.20 43.20 -9.14
CA MET D 100 -4.82 42.92 -8.79
C MET D 100 -3.93 42.66 -10.00
N ASN D 101 -4.53 42.53 -11.18
CA ASN D 101 -3.75 42.52 -12.42
C ASN D 101 -3.41 43.94 -12.87
N ALA D 102 -4.04 44.96 -12.29
CA ALA D 102 -3.82 46.33 -12.71
C ALA D 102 -3.04 47.18 -11.72
N TRP D 103 -3.01 46.80 -10.44
CA TRP D 103 -2.29 47.57 -9.43
C TRP D 103 -1.40 46.75 -8.52
N MET D 104 -1.46 45.42 -8.58
CA MET D 104 -0.54 44.53 -7.88
C MET D 104 -0.05 43.45 -8.82
N HIS D 105 0.35 43.85 -10.03
CA HIS D 105 0.70 42.89 -11.08
C HIS D 105 1.85 41.99 -10.64
N GLU D 106 2.78 42.54 -9.84
CA GLU D 106 3.90 41.73 -9.37
C GLU D 106 3.44 40.59 -8.47
N LEU D 107 2.41 40.83 -7.65
CA LEU D 107 1.83 39.75 -6.85
C LEU D 107 0.94 38.85 -7.70
N TYR D 108 0.23 39.44 -8.68
CA TYR D 108 -0.67 38.66 -9.51
C TYR D 108 0.07 37.62 -10.34
N LYS D 109 1.27 37.97 -10.85
CA LYS D 109 2.02 37.04 -11.66
C LYS D 109 2.42 35.80 -10.86
N VAL D 110 2.71 35.95 -9.57
CA VAL D 110 3.16 34.82 -8.77
C VAL D 110 2.00 33.88 -8.47
N LEU D 111 0.88 34.43 -8.00
CA LEU D 111 -0.27 33.59 -7.66
C LEU D 111 -0.81 32.88 -8.90
N GLY D 112 -0.95 33.62 -10.00
CA GLY D 112 -1.39 33.04 -11.26
C GLY D 112 -2.83 32.58 -11.30
N LEU D 113 -3.04 31.26 -11.35
CA LEU D 113 -4.37 30.72 -11.51
C LEU D 113 -5.19 30.74 -10.22
N PHE D 114 -4.54 30.63 -9.07
CA PHE D 114 -5.29 30.41 -7.83
C PHE D 114 -6.00 31.64 -7.33
N ILE D 115 -5.64 32.84 -7.80
CA ILE D 115 -6.49 34.00 -7.53
C ILE D 115 -7.80 33.89 -8.28
N ALA D 116 -7.76 33.30 -9.48
CA ALA D 116 -9.01 33.05 -10.22
C ALA D 116 -9.76 31.86 -9.63
N LEU D 117 -9.05 30.90 -9.03
CA LEU D 117 -9.69 29.73 -8.44
C LEU D 117 -10.16 29.99 -7.02
N ILE D 118 -10.94 31.05 -6.84
CA ILE D 118 -11.62 31.31 -5.57
C ILE D 118 -13.12 31.07 -5.68
N VAL D 119 -13.68 31.02 -6.88
CA VAL D 119 -15.09 30.69 -7.05
C VAL D 119 -15.36 29.29 -6.52
N THR D 120 -14.45 28.35 -6.79
CA THR D 120 -14.59 26.96 -6.36
C THR D 120 -13.97 26.72 -4.99
N ASN D 121 -13.52 27.75 -4.30
CA ASN D 121 -13.00 27.60 -2.95
C ASN D 121 -14.07 27.03 -2.05
N CYS D 122 -13.84 25.81 -1.54
CA CYS D 122 -14.87 25.10 -0.78
C CYS D 122 -15.28 25.87 0.47
N ALA D 123 -14.31 26.49 1.15
CA ALA D 123 -14.63 27.21 2.38
C ALA D 123 -15.56 28.39 2.10
N VAL D 124 -15.31 29.14 1.02
CA VAL D 124 -16.11 30.31 0.72
C VAL D 124 -17.56 29.93 0.48
N LEU D 125 -17.78 28.95 -0.40
CA LEU D 125 -19.14 28.54 -0.74
C LEU D 125 -19.83 27.86 0.43
N GLY D 126 -19.09 27.07 1.22
CA GLY D 126 -19.68 26.45 2.38
C GLY D 126 -20.15 27.46 3.41
N ARG D 127 -19.31 28.44 3.72
CA ARG D 127 -19.71 29.47 4.66
C ARG D 127 -20.86 30.30 4.11
N ALA D 128 -20.84 30.62 2.82
CA ALA D 128 -21.95 31.32 2.19
C ALA D 128 -23.25 30.55 2.37
N GLU D 129 -23.25 29.26 2.03
CA GLU D 129 -24.47 28.47 2.08
C GLU D 129 -24.87 28.04 3.48
N SER D 130 -24.00 28.23 4.49
CA SER D 130 -24.30 27.72 5.83
C SER D 130 -24.55 28.82 6.85
N PHE D 131 -24.09 30.05 6.60
CA PHE D 131 -24.29 31.11 7.57
C PHE D 131 -25.10 32.26 6.99
N CYS D 132 -24.73 32.72 5.80
CA CYS D 132 -25.30 33.93 5.19
C CYS D 132 -26.82 33.85 5.03
N LEU D 133 -27.36 32.65 4.84
CA LEU D 133 -28.78 32.52 4.53
C LEU D 133 -29.68 32.67 5.75
N ARG D 134 -29.12 32.70 6.97
CA ARG D 134 -29.96 32.78 8.16
C ARG D 134 -29.45 33.77 9.20
N ASN D 135 -28.68 34.78 8.79
CA ASN D 135 -28.08 35.70 9.75
C ASN D 135 -28.05 37.09 9.14
N PRO D 136 -27.99 38.14 9.96
CA PRO D 136 -27.97 39.51 9.45
C PRO D 136 -26.60 39.85 8.84
N VAL D 137 -26.48 41.11 8.40
CA VAL D 137 -25.31 41.52 7.62
C VAL D 137 -24.07 41.57 8.51
N ILE D 138 -24.18 42.20 9.69
CA ILE D 138 -23.00 42.37 10.54
C ILE D 138 -22.45 41.04 11.04
N PRO D 139 -23.27 40.11 11.57
CA PRO D 139 -22.69 38.79 11.92
C PRO D 139 -22.06 38.08 10.74
N SER D 140 -22.67 38.17 9.56
CA SER D 140 -22.11 37.59 8.35
C SER D 140 -20.71 38.14 8.06
N ILE D 141 -20.59 39.47 8.07
CA ILE D 141 -19.34 40.15 7.80
C ILE D 141 -18.28 39.72 8.81
N LEU D 142 -18.64 39.71 10.09
CA LEU D 142 -17.68 39.32 11.13
C LEU D 142 -17.25 37.87 10.97
N ASP D 143 -18.20 36.98 10.66
CA ASP D 143 -17.88 35.57 10.42
C ASP D 143 -16.90 35.44 9.26
N GLY D 144 -17.19 36.13 8.14
CA GLY D 144 -16.29 36.07 7.00
C GLY D 144 -14.90 36.57 7.34
N ALA D 145 -14.82 37.67 8.08
CA ALA D 145 -13.52 38.20 8.50
C ALA D 145 -12.77 37.18 9.36
N GLY D 146 -13.48 36.53 10.27
CA GLY D 146 -12.84 35.51 11.10
C GLY D 146 -12.32 34.33 10.29
N MET D 147 -13.15 33.83 9.37
CA MET D 147 -12.71 32.76 8.47
C MET D 147 -11.48 33.17 7.68
N GLY D 148 -11.46 34.40 7.17
CA GLY D 148 -10.33 34.85 6.37
C GLY D 148 -9.07 35.05 7.19
N ALA D 149 -9.21 35.52 8.44
CA ALA D 149 -8.07 35.60 9.32
C ALA D 149 -7.53 34.23 9.68
N GLY D 150 -8.41 33.25 9.90
CA GLY D 150 -7.96 31.89 10.13
C GLY D 150 -7.18 31.33 8.94
N PHE D 151 -7.75 31.48 7.74
CA PHE D 151 -7.07 31.11 6.51
C PHE D 151 -5.70 31.75 6.40
N THR D 152 -5.63 33.06 6.63
CA THR D 152 -4.36 33.79 6.57
C THR D 152 -3.36 33.26 7.58
N ALA D 153 -3.82 32.98 8.81
CA ALA D 153 -2.91 32.44 9.82
C ALA D 153 -2.34 31.09 9.39
N VAL D 154 -3.20 30.22 8.85
CA VAL D 154 -2.73 28.93 8.35
C VAL D 154 -1.71 29.13 7.23
N LEU D 155 -2.02 30.01 6.27
CA LEU D 155 -1.18 30.23 5.10
C LEU D 155 0.10 30.98 5.41
N VAL D 156 0.19 31.59 6.59
CA VAL D 156 1.42 32.22 7.04
C VAL D 156 2.26 31.25 7.86
N VAL D 157 1.63 30.44 8.70
CA VAL D 157 2.36 29.43 9.46
C VAL D 157 3.01 28.42 8.51
N ILE D 158 2.23 27.87 7.58
CA ILE D 158 2.77 26.90 6.63
C ILE D 158 3.81 27.56 5.73
N GLY D 159 3.50 28.78 5.27
CA GLY D 159 4.45 29.49 4.42
C GLY D 159 5.79 29.70 5.09
N GLY D 160 5.77 30.12 6.36
CA GLY D 160 7.02 30.31 7.09
C GLY D 160 7.76 29.01 7.34
N ILE D 161 7.04 27.97 7.76
CA ILE D 161 7.68 26.67 8.02
C ILE D 161 8.26 26.07 6.76
N ARG D 162 7.73 26.40 5.59
CA ARG D 162 8.31 25.91 4.35
C ARG D 162 9.47 26.79 3.87
N GLU D 163 9.32 28.12 3.95
CA GLU D 163 10.37 29.02 3.51
C GLU D 163 11.64 28.86 4.34
N ILE D 164 11.49 28.75 5.67
CA ILE D 164 12.66 28.59 6.53
C ILE D 164 13.43 27.33 6.16
N LEU D 165 12.72 26.22 5.93
CA LEU D 165 13.39 24.98 5.56
C LEU D 165 13.96 25.03 4.15
N GLY D 166 13.38 25.84 3.26
CA GLY D 166 13.82 25.88 1.89
C GLY D 166 14.97 26.82 1.60
N SER D 167 14.97 28.00 2.24
CA SER D 167 16.01 29.00 2.03
C SER D 167 16.54 29.60 3.32
N GLY D 168 15.89 29.39 4.46
CA GLY D 168 16.29 29.97 5.72
C GLY D 168 15.63 31.31 6.02
N THR D 169 15.38 32.12 5.00
CA THR D 169 14.85 33.45 5.21
C THR D 169 13.36 33.42 5.52
N LEU D 170 12.92 34.34 6.38
CA LEU D 170 11.52 34.63 6.64
C LEU D 170 11.03 35.53 5.51
N PHE D 171 9.85 36.15 5.66
CA PHE D 171 9.17 36.88 4.59
C PHE D 171 10.16 37.60 3.68
N SER D 172 10.09 37.29 2.39
CA SER D 172 11.11 37.75 1.45
C SER D 172 10.42 38.40 0.26
N GLN D 173 11.18 39.28 -0.41
CA GLN D 173 10.71 40.20 -1.43
C GLN D 173 9.35 40.79 -1.07
N ALA D 174 9.22 41.28 0.17
CA ALA D 174 8.01 41.96 0.58
C ALA D 174 7.96 43.38 0.02
N SER D 175 9.12 44.02 -0.11
CA SER D 175 9.17 45.37 -0.66
C SER D 175 8.70 45.40 -2.12
N SER D 176 8.95 44.31 -2.85
CA SER D 176 8.49 44.25 -4.24
C SER D 176 7.06 43.77 -4.35
N LEU D 177 6.72 42.69 -3.65
CA LEU D 177 5.39 42.10 -3.76
C LEU D 177 4.34 42.91 -3.00
N LEU D 178 4.57 43.14 -1.71
CA LEU D 178 3.61 43.83 -0.86
C LEU D 178 3.91 45.31 -0.69
N GLY D 179 4.92 45.83 -1.37
CA GLY D 179 5.22 47.24 -1.28
C GLY D 179 6.37 47.53 -0.35
N SER D 180 7.07 48.63 -0.63
CA SER D 180 8.25 48.99 0.17
C SER D 180 7.90 49.28 1.61
N HIS D 181 6.67 49.74 1.87
CA HIS D 181 6.25 50.04 3.24
C HIS D 181 6.35 48.84 4.16
N PHE D 182 6.25 47.62 3.61
CA PHE D 182 6.38 46.40 4.39
C PHE D 182 7.81 45.85 4.40
N LYS D 183 8.81 46.72 4.22
CA LYS D 183 10.21 46.28 4.28
C LYS D 183 10.55 45.69 5.64
N TRP D 184 9.94 46.23 6.70
CA TRP D 184 10.34 45.85 8.06
C TRP D 184 10.13 44.36 8.35
N MET D 185 9.29 43.68 7.57
CA MET D 185 9.10 42.25 7.76
C MET D 185 10.22 41.40 7.19
N GLU D 186 11.13 42.00 6.42
CA GLU D 186 12.24 41.27 5.82
C GLU D 186 13.27 40.94 6.90
N ILE D 187 13.25 39.69 7.37
CA ILE D 187 14.15 39.22 8.40
C ILE D 187 14.73 37.88 7.96
N THR D 188 16.04 37.72 8.16
CA THR D 188 16.74 36.51 7.74
C THR D 188 17.02 35.63 8.95
N VAL D 189 16.75 34.34 8.79
CA VAL D 189 17.00 33.33 9.81
C VAL D 189 17.99 32.32 9.26
N ILE D 190 18.93 31.89 10.09
CA ILE D 190 19.97 30.94 9.71
C ILE D 190 20.76 31.52 8.54
N PRO D 191 21.54 32.59 8.74
CA PRO D 191 22.35 33.13 7.65
C PRO D 191 23.38 32.12 7.18
N ASP D 192 23.77 32.23 5.91
CA ASP D 192 24.67 31.30 5.25
C ASP D 192 24.09 29.87 5.29
N PHE D 193 22.95 29.75 4.64
CA PHE D 193 22.22 28.48 4.56
C PHE D 193 21.79 28.25 3.12
N GLN D 194 22.14 27.10 2.56
CA GLN D 194 21.71 26.76 1.21
C GLN D 194 20.28 26.24 1.17
N GLY D 195 19.75 25.77 2.30
CA GLY D 195 18.36 25.35 2.38
C GLY D 195 18.09 23.99 1.77
N ILE D 196 17.01 23.37 2.20
CA ILE D 196 16.58 22.07 1.68
C ILE D 196 15.61 22.31 0.53
N LEU D 197 15.90 21.74 -0.63
CA LEU D 197 15.08 21.99 -1.81
C LEU D 197 13.71 21.32 -1.71
N LEU D 198 13.60 20.23 -0.95
CA LEU D 198 12.37 19.44 -0.95
C LEU D 198 11.20 20.22 -0.38
N ALA D 199 11.44 21.16 0.54
CA ALA D 199 10.35 21.90 1.16
C ALA D 199 9.57 22.70 0.14
N ILE D 200 10.28 23.33 -0.80
CA ILE D 200 9.61 24.11 -1.84
C ILE D 200 8.80 23.21 -2.77
N LEU D 201 9.30 22.00 -3.05
CA LEU D 201 8.67 21.10 -3.99
C LEU D 201 7.35 20.56 -3.43
N PRO D 202 6.49 20.02 -4.30
CA PRO D 202 5.19 19.51 -3.84
C PRO D 202 5.29 18.49 -2.72
N PRO D 203 6.28 17.59 -2.71
CA PRO D 203 6.38 16.66 -1.58
C PRO D 203 6.54 17.35 -0.24
N GLY D 204 7.13 18.55 -0.21
CA GLY D 204 7.34 19.25 1.03
C GLY D 204 6.10 19.92 1.61
N ALA D 205 5.02 19.98 0.84
CA ALA D 205 3.79 20.65 1.31
C ALA D 205 2.91 19.71 2.11
N PHE D 206 2.68 18.50 1.58
CA PHE D 206 1.81 17.54 2.26
C PHE D 206 2.37 17.14 3.62
N ILE D 207 3.68 16.89 3.69
CA ILE D 207 4.29 16.48 4.95
C ILE D 207 4.18 17.58 5.99
N VAL D 208 4.45 18.82 5.59
CA VAL D 208 4.35 19.95 6.52
C VAL D 208 2.92 20.11 7.00
N LEU D 209 1.95 20.00 6.09
CA LEU D 209 0.55 20.12 6.49
C LEU D 209 0.16 19.01 7.47
N GLY D 210 0.59 17.78 7.21
CA GLY D 210 0.28 16.70 8.13
C GLY D 210 0.89 16.90 9.50
N PHE D 211 2.14 17.39 9.53
CA PHE D 211 2.77 17.65 10.82
C PHE D 211 2.06 18.77 11.57
N LEU D 212 1.61 19.81 10.85
CA LEU D 212 0.84 20.86 11.52
C LEU D 212 -0.48 20.34 12.06
N LEU D 213 -1.16 19.46 11.32
CA LEU D 213 -2.40 18.87 11.81
C LEU D 213 -2.15 18.05 13.08
N ALA D 214 -1.07 17.26 13.09
CA ALA D 214 -0.77 16.48 14.28
C ALA D 214 -0.39 17.37 15.46
N ALA D 215 0.34 18.46 15.20
CA ALA D 215 0.66 19.39 16.28
C ALA D 215 -0.58 20.04 16.85
N LYS D 216 -1.53 20.40 15.98
CA LYS D 216 -2.80 20.95 16.44
C LYS D 216 -3.56 19.95 17.30
N ARG D 217 -3.63 18.70 16.85
CA ARG D 217 -4.23 17.64 17.66
C ARG D 217 -3.60 17.57 19.04
N VAL D 218 -2.27 17.52 19.08
CA VAL D 218 -1.57 17.39 20.36
C VAL D 218 -1.84 18.58 21.28
N ILE D 219 -1.78 19.80 20.75
CA ILE D 219 -1.99 20.97 21.61
C ILE D 219 -3.44 21.04 22.08
N ASP D 220 -4.39 20.68 21.21
CA ASP D 220 -5.79 20.62 21.62
C ASP D 220 -5.98 19.61 22.76
N ARG D 221 -5.36 18.43 22.64
CA ARG D 221 -5.47 17.43 23.69
C ARG D 221 -4.83 17.91 24.99
N LYS D 222 -3.69 18.60 24.89
CA LYS D 222 -3.06 19.16 26.09
C LYS D 222 -3.97 20.16 26.77
N ARG D 223 -4.59 21.05 26.00
CA ARG D 223 -5.51 22.03 26.57
C ARG D 223 -6.72 21.35 27.21
N ALA D 224 -7.26 20.32 26.54
CA ALA D 224 -8.41 19.60 27.08
C ALA D 224 -8.05 18.90 28.39
N GLU D 225 -6.85 18.32 28.47
CA GLU D 225 -6.44 17.67 29.71
C GLU D 225 -6.21 18.69 30.82
N ARG D 226 -5.59 19.82 30.50
CA ARG D 226 -5.44 20.90 31.47
C ARG D 226 -6.80 21.38 31.98
N ARG D 227 -7.81 21.37 31.12
CA ARG D 227 -9.16 21.76 31.50
C ARG D 227 -9.69 20.91 32.64
N MET E 35 -41.68 28.97 -8.98
CA MET E 35 -41.90 28.30 -10.26
C MET E 35 -40.81 28.70 -11.25
N VAL E 36 -41.09 28.55 -12.55
CA VAL E 36 -40.13 28.87 -13.60
C VAL E 36 -39.72 30.33 -13.55
N ALA E 37 -40.61 31.20 -13.08
CA ALA E 37 -40.34 32.63 -12.99
C ALA E 37 -39.01 32.91 -12.30
N TYR E 38 -38.87 32.47 -11.04
CA TYR E 38 -37.64 32.72 -10.30
C TYR E 38 -36.46 32.02 -10.96
N GLN E 39 -36.62 30.73 -11.27
CA GLN E 39 -35.54 29.85 -11.72
C GLN E 39 -34.78 30.42 -12.92
N GLY E 40 -35.46 31.15 -13.79
CA GLY E 40 -34.79 31.75 -14.93
C GLY E 40 -34.57 33.24 -14.77
N LEU E 41 -35.55 33.94 -14.20
CA LEU E 41 -35.45 35.38 -14.02
C LEU E 41 -34.26 35.76 -13.15
N SER E 42 -34.12 35.09 -11.99
CA SER E 42 -33.03 35.44 -11.08
C SER E 42 -31.67 35.08 -11.65
N LEU E 43 -31.57 33.96 -12.37
CA LEU E 43 -30.30 33.58 -12.98
C LEU E 43 -29.90 34.58 -14.06
N GLY E 44 -30.85 34.95 -14.93
CA GLY E 44 -30.57 35.96 -15.94
C GLY E 44 -30.20 37.30 -15.34
N LEU E 45 -30.90 37.71 -14.27
CA LEU E 45 -30.60 38.97 -13.62
C LEU E 45 -29.21 38.94 -12.98
N VAL E 46 -28.84 37.84 -12.35
CA VAL E 46 -27.50 37.72 -11.79
C VAL E 46 -26.46 37.84 -12.88
N CYS E 47 -26.62 37.06 -13.96
CA CYS E 47 -25.67 37.12 -15.07
C CYS E 47 -25.57 38.52 -15.66
N ALA E 48 -26.70 39.21 -15.81
CA ALA E 48 -26.70 40.52 -16.46
C ALA E 48 -26.05 41.57 -15.57
N VAL E 49 -26.45 41.63 -14.30
CA VAL E 49 -25.87 42.60 -13.39
C VAL E 49 -24.37 42.37 -13.22
N VAL E 50 -23.96 41.12 -13.04
CA VAL E 50 -22.54 40.81 -12.85
C VAL E 50 -21.76 41.15 -14.12
N ALA E 51 -22.32 40.84 -15.29
CA ALA E 51 -21.66 41.20 -16.54
C ALA E 51 -21.49 42.70 -16.66
N LEU E 52 -22.52 43.46 -16.31
CA LEU E 52 -22.41 44.92 -16.37
C LEU E 52 -21.32 45.45 -15.45
N LEU E 53 -21.28 44.94 -14.21
CA LEU E 53 -20.24 45.37 -13.28
C LEU E 53 -18.85 44.99 -13.80
N LEU E 54 -18.72 43.78 -14.33
CA LEU E 54 -17.44 43.35 -14.90
C LEU E 54 -17.03 44.22 -16.07
N LEU E 55 -17.99 44.66 -16.89
CA LEU E 55 -17.68 45.58 -17.98
C LEU E 55 -17.21 46.92 -17.46
N THR E 56 -17.88 47.44 -16.42
CA THR E 56 -17.44 48.69 -15.80
C THR E 56 -16.05 48.57 -15.23
N GLY E 57 -15.69 47.41 -14.70
CA GLY E 57 -14.32 47.19 -14.25
C GLY E 57 -13.34 47.06 -15.40
N ASN E 58 -13.75 46.39 -16.47
CA ASN E 58 -12.89 46.17 -17.62
C ASN E 58 -12.51 47.48 -18.28
N ILE E 59 -13.49 48.36 -18.50
CA ILE E 59 -13.21 49.62 -19.19
C ILE E 59 -12.13 50.41 -18.47
N MET E 60 -12.02 50.22 -17.15
CA MET E 60 -11.00 50.89 -16.36
C MET E 60 -9.68 50.12 -16.33
N THR E 61 -9.72 48.79 -16.25
CA THR E 61 -8.51 48.01 -16.00
C THR E 61 -7.78 47.57 -17.26
N HIS E 62 -8.49 47.47 -18.39
CA HIS E 62 -7.86 47.05 -19.64
C HIS E 62 -6.73 47.98 -20.03
N GLY E 63 -6.95 49.30 -19.89
CA GLY E 63 -5.92 50.28 -20.11
C GLY E 63 -4.67 50.04 -19.29
N THR E 64 -4.82 50.01 -17.96
CA THR E 64 -3.69 49.89 -17.06
C THR E 64 -3.02 48.52 -17.08
N ILE E 65 -3.68 47.47 -17.57
CA ILE E 65 -3.02 46.18 -17.65
C ILE E 65 -2.01 46.13 -18.81
N ALA E 66 -2.36 46.70 -19.96
CA ALA E 66 -1.44 46.76 -21.08
C ALA E 66 -0.19 47.53 -20.70
N GLU E 67 -0.35 48.64 -19.97
CA GLU E 67 0.80 49.41 -19.52
C GLU E 67 1.70 48.60 -18.60
N GLN E 68 1.11 47.85 -17.66
CA GLN E 68 1.91 47.01 -16.78
C GLN E 68 2.66 45.93 -17.54
N GLN E 69 2.03 45.30 -18.53
CA GLN E 69 2.71 44.26 -19.29
C GLN E 69 3.81 44.84 -20.18
N MET E 70 3.56 45.99 -20.80
CA MET E 70 4.59 46.63 -21.60
C MET E 70 5.76 47.09 -20.73
N GLN E 71 5.48 47.57 -19.52
CA GLN E 71 6.53 47.97 -18.61
C GLN E 71 7.34 46.76 -18.15
N ASP E 72 6.69 45.63 -17.93
CA ASP E 72 7.41 44.40 -17.61
C ASP E 72 8.32 43.98 -18.75
N ARG E 73 7.81 44.07 -19.99
CA ARG E 73 8.64 43.76 -21.16
C ARG E 73 9.85 44.68 -21.24
N LEU E 74 9.63 45.99 -21.03
CA LEU E 74 10.74 46.94 -21.06
C LEU E 74 11.74 46.67 -19.95
N ALA E 75 11.26 46.30 -18.77
CA ALA E 75 12.17 46.00 -17.67
C ALA E 75 13.01 44.76 -17.97
N THR E 76 12.39 43.73 -18.56
CA THR E 76 13.16 42.55 -18.95
C THR E 76 14.19 42.88 -20.02
N LEU E 77 13.81 43.70 -21.00
CA LEU E 77 14.72 44.06 -22.07
C LEU E 77 15.89 44.91 -21.57
N ARG E 78 15.62 45.84 -20.66
CA ARG E 78 16.62 46.81 -20.22
C ARG E 78 17.78 46.15 -19.49
N GLU E 79 17.59 44.97 -18.91
CA GLU E 79 18.65 44.33 -18.14
C GLU E 79 19.87 44.03 -19.00
N VAL E 80 19.68 43.82 -20.30
CA VAL E 80 20.80 43.55 -21.21
C VAL E 80 21.15 44.75 -22.08
N LEU E 81 20.34 45.79 -22.12
CA LEU E 81 20.57 46.94 -22.98
C LEU E 81 20.65 48.21 -22.14
N PRO E 82 21.82 48.84 -22.02
CA PRO E 82 21.92 50.09 -21.26
C PRO E 82 21.16 51.22 -21.93
N GLN E 83 20.71 52.17 -21.11
CA GLN E 83 19.88 53.25 -21.60
C GLN E 83 20.61 54.14 -22.60
N SER E 84 21.90 54.41 -22.35
CA SER E 84 22.63 55.38 -23.16
C SER E 84 22.75 54.94 -24.62
N LEU E 85 22.86 53.64 -24.87
CA LEU E 85 23.10 53.17 -26.24
C LEU E 85 21.94 53.47 -27.15
N TYR E 86 20.71 53.26 -26.70
CA TYR E 86 19.52 53.38 -27.53
C TYR E 86 18.76 54.66 -27.22
N ASP E 87 18.14 55.23 -28.24
CA ASP E 87 17.35 56.44 -28.12
C ASP E 87 15.87 56.22 -28.41
N ASN E 88 15.55 55.60 -29.55
CA ASN E 88 14.16 55.32 -29.88
C ASN E 88 13.64 54.17 -29.02
N ASN E 89 12.36 53.86 -29.18
CA ASN E 89 11.75 52.78 -28.42
C ASN E 89 12.07 51.45 -29.09
N PRO E 90 12.80 50.54 -28.43
CA PRO E 90 13.16 49.28 -29.10
C PRO E 90 11.94 48.45 -29.48
N LEU E 91 10.89 48.46 -28.68
CA LEU E 91 9.68 47.70 -29.02
C LEU E 91 8.70 48.54 -29.82
N ALA E 92 9.18 49.14 -30.90
CA ALA E 92 8.33 49.83 -31.86
C ALA E 92 8.69 49.54 -33.30
N ASP E 93 9.92 49.12 -33.58
CA ASP E 93 10.41 48.87 -34.92
C ASP E 93 10.92 47.43 -35.04
N SER E 94 10.21 46.48 -34.43
CA SER E 94 10.64 45.10 -34.43
C SER E 94 10.68 44.54 -35.84
N PHE E 95 11.78 43.88 -36.18
CA PHE E 95 11.94 43.26 -37.49
C PHE E 95 11.38 41.84 -37.46
N LYS E 96 11.43 41.19 -38.61
CA LYS E 96 11.09 39.77 -38.73
C LYS E 96 11.92 39.21 -39.87
N VAL E 97 12.96 38.45 -39.55
CA VAL E 97 13.96 38.02 -40.53
C VAL E 97 13.93 36.51 -40.61
N GLN E 98 13.87 35.99 -41.85
CA GLN E 98 14.01 34.57 -42.11
C GLN E 98 15.48 34.23 -42.34
N ASP E 99 15.98 33.23 -41.64
CA ASP E 99 17.31 32.68 -41.87
C ASP E 99 17.16 31.21 -42.29
N ALA E 100 18.30 30.56 -42.47
CA ALA E 100 18.31 29.19 -42.96
C ALA E 100 18.23 28.15 -41.85
N GLU E 101 18.66 28.49 -40.63
CA GLU E 101 18.69 27.55 -39.53
C GLU E 101 17.70 27.88 -38.42
N LEU E 102 17.75 29.11 -37.91
CA LEU E 102 16.89 29.48 -36.79
C LEU E 102 15.43 29.62 -37.22
N GLY E 103 15.19 30.00 -38.47
CA GLY E 103 13.84 30.21 -38.95
C GLY E 103 13.44 31.67 -38.93
N GLU E 104 12.45 32.01 -38.10
CA GLU E 104 11.98 33.38 -37.96
C GLU E 104 12.57 33.98 -36.70
N VAL E 105 13.08 35.21 -36.80
CA VAL E 105 13.68 35.89 -35.66
C VAL E 105 12.88 37.15 -35.33
N GLU E 106 13.18 37.74 -34.17
CA GLU E 106 12.46 38.87 -33.59
C GLU E 106 13.46 39.98 -33.25
N VAL E 107 14.33 40.29 -34.21
CA VAL E 107 15.38 41.29 -33.99
C VAL E 107 14.75 42.63 -33.62
N LEU E 108 15.15 43.17 -32.47
CA LEU E 108 14.75 44.48 -32.01
C LEU E 108 15.95 45.43 -32.15
N PRO E 109 15.87 46.45 -32.99
CA PRO E 109 17.00 47.36 -33.16
C PRO E 109 17.04 48.42 -32.06
N ALA E 110 18.22 49.01 -31.91
CA ALA E 110 18.45 50.10 -30.96
C ALA E 110 19.24 51.18 -31.70
N ARG E 111 18.51 52.11 -32.32
CA ARG E 111 19.12 53.18 -33.11
C ARG E 111 19.22 54.44 -32.28
N LEU E 112 20.41 55.04 -32.24
CA LEU E 112 20.61 56.27 -31.49
C LEU E 112 20.14 57.49 -32.30
N GLN E 113 20.79 57.74 -33.44
CA GLN E 113 20.36 58.78 -34.38
C GLN E 113 20.40 58.16 -35.78
N GLY E 114 19.30 57.53 -36.18
CA GLY E 114 19.21 56.94 -37.49
C GLY E 114 20.28 55.92 -37.81
N LYS E 115 20.96 55.38 -36.80
CA LYS E 115 22.07 54.47 -37.01
C LYS E 115 21.97 53.32 -36.01
N LEU E 116 22.07 52.10 -36.52
CA LEU E 116 21.96 50.93 -35.66
C LEU E 116 23.16 50.81 -34.75
N THR E 117 22.92 50.56 -33.46
CA THR E 117 23.97 50.37 -32.48
C THR E 117 23.92 49.02 -31.78
N ALA E 118 22.73 48.46 -31.57
CA ALA E 118 22.59 47.15 -30.93
C ALA E 118 21.35 46.46 -31.48
N VAL E 119 21.37 45.13 -31.45
CA VAL E 119 20.23 44.32 -31.86
C VAL E 119 20.00 43.26 -30.80
N VAL E 120 18.75 43.14 -30.35
CA VAL E 120 18.36 42.20 -29.31
C VAL E 120 17.45 41.14 -29.92
N PHE E 121 17.81 39.88 -29.74
CA PHE E 121 16.98 38.78 -30.22
C PHE E 121 17.00 37.65 -29.20
N GLN E 122 16.37 36.54 -29.54
CA GLN E 122 16.22 35.41 -28.63
C GLN E 122 16.69 34.14 -29.32
N GLY E 123 17.18 33.20 -28.51
CA GLY E 123 17.64 31.93 -29.00
C GLY E 123 17.06 30.78 -28.21
N ARG E 124 16.83 29.68 -28.90
CA ARG E 124 16.28 28.46 -28.33
C ARG E 124 17.24 27.31 -28.57
N ASN E 125 17.44 26.49 -27.54
CA ASN E 125 18.27 25.30 -27.74
C ASN E 125 17.90 24.23 -26.73
N ILE E 126 17.95 22.97 -27.18
CA ILE E 126 17.57 21.86 -26.31
C ILE E 126 18.64 21.65 -25.25
N GLY E 127 18.21 21.63 -23.98
CA GLY E 127 19.11 21.41 -22.88
C GLY E 127 18.98 20.01 -22.33
N TYR E 128 18.89 19.88 -21.00
CA TYR E 128 18.66 18.58 -20.38
C TYR E 128 17.20 18.36 -20.05
N GLY E 129 16.60 19.27 -19.28
CA GLY E 129 15.20 19.16 -18.93
C GLY E 129 14.23 19.69 -19.95
N GLY E 130 14.73 20.23 -21.06
CA GLY E 130 13.88 20.77 -22.10
C GLY E 130 14.53 21.94 -22.80
N PRO E 131 13.78 22.61 -23.68
CA PRO E 131 14.32 23.76 -24.39
C PRO E 131 14.66 24.90 -23.45
N ILE E 132 15.67 25.66 -23.83
CA ILE E 132 16.11 26.85 -23.11
C ILE E 132 15.94 28.04 -24.03
N GLU E 133 15.23 29.06 -23.53
CA GLU E 133 15.01 30.32 -24.23
C GLU E 133 15.84 31.39 -23.55
N GLN E 134 16.79 31.98 -24.28
CA GLN E 134 17.67 33.01 -23.75
C GLN E 134 17.62 34.23 -24.66
N MET E 135 18.14 35.35 -24.14
CA MET E 135 18.13 36.62 -24.84
C MET E 135 19.55 37.13 -25.06
N MET E 136 19.77 37.73 -26.23
CA MET E 136 21.06 38.30 -26.60
C MET E 136 20.86 39.73 -27.07
N SER E 137 21.86 40.57 -26.80
CA SER E 137 21.79 42.02 -26.95
C SER E 137 23.01 42.54 -27.68
N VAL E 138 23.35 41.90 -28.79
CA VAL E 138 24.68 42.08 -29.37
C VAL E 138 24.77 43.42 -30.10
N ASP E 139 25.90 44.10 -29.92
CA ASP E 139 26.06 45.46 -30.45
C ASP E 139 26.21 45.42 -31.96
N ALA E 140 26.41 46.61 -32.56
CA ALA E 140 26.55 46.71 -34.00
C ALA E 140 27.92 46.28 -34.50
N GLN E 141 28.87 46.02 -33.60
CA GLN E 141 30.20 45.59 -34.00
C GLN E 141 30.47 44.12 -33.70
N GLY E 142 29.50 43.40 -33.15
CA GLY E 142 29.65 41.99 -32.85
C GLY E 142 30.03 41.68 -31.41
N LYS E 143 30.22 42.69 -30.56
CA LYS E 143 30.55 42.47 -29.16
C LYS E 143 29.27 42.23 -28.37
N ILE E 144 29.27 41.18 -27.56
CA ILE E 144 28.10 40.82 -26.76
C ILE E 144 28.00 41.80 -25.59
N LEU E 145 26.83 42.43 -25.45
CA LEU E 145 26.58 43.37 -24.39
C LEU E 145 25.89 42.75 -23.19
N GLY E 146 25.65 41.43 -23.21
CA GLY E 146 25.00 40.77 -22.10
C GLY E 146 24.05 39.67 -22.55
N VAL E 147 24.04 38.55 -21.82
CA VAL E 147 23.19 37.41 -22.12
C VAL E 147 22.39 37.07 -20.88
N ARG E 148 21.09 36.84 -21.05
CA ARG E 148 20.23 36.40 -19.96
C ARG E 148 19.37 35.24 -20.43
N VAL E 149 19.15 34.28 -19.54
CA VAL E 149 18.31 33.13 -19.84
C VAL E 149 16.89 33.43 -19.39
N LEU E 150 15.95 33.40 -20.34
CA LEU E 150 14.57 33.73 -20.02
C LEU E 150 13.84 32.55 -19.39
N THR E 151 13.74 31.44 -20.12
CA THR E 151 13.00 30.28 -19.64
C THR E 151 13.87 29.04 -19.69
N HIS E 152 13.88 28.27 -18.60
CA HIS E 152 14.61 27.02 -18.53
C HIS E 152 13.92 26.12 -17.52
N LYS E 153 14.14 24.81 -17.67
CA LYS E 153 13.56 23.80 -16.79
C LYS E 153 14.62 22.81 -16.34
N GLU E 154 15.78 23.31 -15.95
CA GLU E 154 16.87 22.48 -15.46
C GLU E 154 16.70 22.21 -13.96
N THR E 155 17.35 21.14 -13.51
CA THR E 155 17.22 20.72 -12.12
C THR E 155 17.82 21.79 -11.20
N PRO E 156 17.06 22.30 -10.23
CA PRO E 156 17.62 23.30 -9.32
C PRO E 156 18.74 22.73 -8.47
N GLY E 157 19.67 23.61 -8.10
CA GLY E 157 20.80 23.23 -7.28
C GLY E 157 21.92 22.53 -8.01
N LEU E 158 21.74 22.20 -9.29
CA LEU E 158 22.78 21.56 -10.08
C LEU E 158 23.13 22.34 -11.33
N ALA E 159 22.13 22.90 -12.02
CA ALA E 159 22.37 23.69 -13.22
C ALA E 159 21.51 24.95 -13.20
N ASP E 160 21.32 25.52 -12.01
CA ASP E 160 20.58 26.76 -11.86
C ASP E 160 21.48 27.99 -11.88
N LYS E 161 22.78 27.81 -12.08
CA LYS E 161 23.73 28.92 -12.09
C LYS E 161 23.66 29.75 -13.36
N ILE E 162 22.90 29.33 -14.37
CA ILE E 162 22.73 30.14 -15.57
C ILE E 162 22.03 31.44 -15.24
N GLU E 163 21.18 31.44 -14.21
CA GLU E 163 20.49 32.65 -13.79
C GLU E 163 21.48 33.70 -13.30
N ALA E 164 21.25 34.96 -13.69
CA ALA E 164 22.14 36.04 -13.30
C ALA E 164 21.97 36.44 -11.84
N SER E 165 20.93 35.96 -11.17
CA SER E 165 20.68 36.28 -9.77
C SER E 165 21.33 35.29 -8.82
N ARG E 166 22.06 34.30 -9.33
CA ARG E 166 22.66 33.28 -8.48
C ARG E 166 24.15 33.16 -8.73
N SER E 167 24.59 33.46 -9.95
CA SER E 167 26.00 33.38 -10.30
C SER E 167 26.31 34.38 -11.40
N ASP E 168 27.61 34.68 -11.53
CA ASP E 168 28.09 35.61 -12.55
C ASP E 168 28.56 34.88 -13.81
N TRP E 169 28.32 33.57 -13.91
CA TRP E 169 28.76 32.82 -15.08
C TRP E 169 28.11 33.37 -16.35
N ILE E 170 26.82 33.68 -16.30
CA ILE E 170 26.13 34.21 -17.47
C ILE E 170 26.69 35.57 -17.87
N LYS E 171 27.45 36.21 -16.99
CA LYS E 171 28.09 37.49 -17.30
C LYS E 171 29.43 37.31 -18.00
N VAL E 172 29.83 36.09 -18.33
CA VAL E 172 31.08 35.88 -19.04
C VAL E 172 31.04 36.52 -20.41
N PHE E 173 29.92 36.38 -21.13
CA PHE E 173 29.79 36.95 -22.47
C PHE E 173 29.49 38.44 -22.33
N ASP E 174 30.55 39.23 -22.15
CA ASP E 174 30.39 40.68 -22.08
C ASP E 174 31.35 41.48 -22.94
N GLY E 175 32.42 40.88 -23.47
CA GLY E 175 33.31 41.59 -24.37
C GLY E 175 33.68 40.73 -25.56
N LEU E 176 33.22 39.49 -25.56
CA LEU E 176 33.57 38.54 -26.60
C LEU E 176 32.87 38.86 -27.91
N SER E 177 33.48 38.44 -29.00
CA SER E 177 32.93 38.65 -30.33
C SER E 177 33.40 37.51 -31.23
N LEU E 178 33.17 37.66 -32.53
CA LEU E 178 33.56 36.65 -33.51
C LEU E 178 34.93 36.90 -34.11
N GLU E 179 35.61 37.98 -33.73
CA GLU E 179 36.92 38.29 -34.25
C GLU E 179 38.05 38.05 -33.26
N ASN E 180 37.78 38.17 -31.96
CA ASN E 180 38.78 37.89 -30.94
C ASN E 180 38.69 36.46 -30.41
N THR E 181 37.70 35.70 -30.83
CA THR E 181 37.54 34.29 -30.44
C THR E 181 37.22 33.49 -31.70
N ALA E 182 38.19 32.73 -32.20
CA ALA E 182 37.98 31.92 -33.37
C ALA E 182 36.99 30.80 -33.07
N LEU E 183 36.65 30.03 -34.10
CA LEU E 183 35.68 28.95 -33.92
C LEU E 183 36.36 27.73 -33.33
N ASP E 184 37.10 27.93 -32.24
CA ASP E 184 37.65 26.84 -31.44
C ASP E 184 37.44 27.03 -29.95
N LYS E 185 37.23 28.26 -29.48
CA LYS E 185 37.03 28.54 -28.06
C LYS E 185 35.57 28.71 -27.69
N TRP E 186 34.65 28.64 -28.66
CA TRP E 186 33.23 28.74 -28.38
C TRP E 186 32.65 27.38 -27.99
N LYS E 187 33.26 26.75 -26.99
CA LYS E 187 32.81 25.47 -26.46
C LYS E 187 33.15 25.43 -24.99
N VAL E 188 32.47 24.52 -24.26
CA VAL E 188 32.82 24.30 -22.87
C VAL E 188 34.20 23.67 -22.78
N LYS E 189 34.81 23.77 -21.60
CA LYS E 189 36.16 23.24 -21.41
C LYS E 189 36.20 21.73 -21.61
N LYS E 190 35.08 21.05 -21.39
CA LYS E 190 35.02 19.60 -21.62
C LYS E 190 35.26 19.25 -23.08
N ASP E 191 34.78 20.09 -24.00
CA ASP E 191 34.95 19.86 -25.43
C ASP E 191 36.16 20.59 -26.01
N GLY E 192 36.95 21.27 -25.18
CA GLY E 192 38.12 21.96 -25.66
C GLY E 192 37.89 23.41 -26.03
N GLY E 193 37.29 24.17 -25.12
CA GLY E 193 37.02 25.58 -25.33
C GLY E 193 37.61 26.42 -24.22
N GLN E 194 36.96 27.55 -23.95
CA GLN E 194 37.42 28.49 -22.94
C GLN E 194 36.37 28.85 -21.90
N PHE E 195 35.18 28.27 -21.97
CA PHE E 195 34.10 28.61 -21.06
C PHE E 195 33.99 27.56 -19.96
N ASP E 196 33.87 28.02 -18.72
CA ASP E 196 33.76 27.11 -17.60
C ASP E 196 32.42 26.38 -17.61
N GLN E 197 32.43 25.18 -17.04
CA GLN E 197 31.25 24.34 -16.95
C GLN E 197 30.88 24.14 -15.49
N PHE E 198 29.60 23.94 -15.23
CA PHE E 198 29.12 23.74 -13.87
C PHE E 198 29.65 22.44 -13.29
N ALA E 199 29.87 22.43 -11.98
CA ALA E 199 30.31 21.23 -11.29
C ALA E 199 29.17 20.21 -11.29
N GLY E 200 29.31 19.17 -12.10
CA GLY E 200 28.28 18.16 -12.22
C GLY E 200 27.24 18.41 -13.29
N ALA E 201 27.40 19.45 -14.09
CA ALA E 201 26.47 19.75 -15.18
C ALA E 201 27.21 20.41 -16.34
N THR E 202 27.11 19.80 -17.53
CA THR E 202 27.88 20.29 -18.71
C THR E 202 26.92 20.45 -19.89
N ILE E 203 25.82 19.71 -19.92
CA ILE E 203 24.85 19.81 -21.01
C ILE E 203 24.23 21.20 -21.12
N THR E 204 23.84 21.77 -19.98
CA THR E 204 23.27 23.12 -20.00
C THR E 204 24.29 24.18 -20.44
N PRO E 205 25.53 24.22 -19.94
CA PRO E 205 26.50 25.15 -20.53
C PRO E 205 26.75 24.90 -22.00
N ARG E 206 26.75 23.64 -22.44
CA ARG E 206 26.91 23.37 -23.87
C ARG E 206 25.77 24.01 -24.67
N ALA E 207 24.54 23.87 -24.18
CA ALA E 207 23.39 24.45 -24.87
C ALA E 207 23.48 25.97 -24.91
N VAL E 208 23.87 26.59 -23.79
CA VAL E 208 23.96 28.05 -23.74
C VAL E 208 25.05 28.56 -24.68
N VAL E 209 26.22 27.93 -24.66
CA VAL E 209 27.30 28.36 -25.54
C VAL E 209 26.93 28.16 -27.00
N LYS E 210 26.26 27.05 -27.31
CA LYS E 210 25.82 26.81 -28.68
C LYS E 210 24.82 27.88 -29.13
N THR E 211 23.90 28.25 -28.23
CA THR E 211 22.93 29.30 -28.58
C THR E 211 23.64 30.62 -28.83
N VAL E 212 24.61 30.98 -27.99
CA VAL E 212 25.33 32.23 -28.17
C VAL E 212 26.09 32.23 -29.50
N LEU E 213 26.77 31.12 -29.79
CA LEU E 213 27.53 31.04 -31.04
C LEU E 213 26.61 31.11 -32.24
N GLN E 214 25.47 30.42 -32.19
CA GLN E 214 24.53 30.46 -33.30
C GLN E 214 23.95 31.86 -33.49
N GLY E 215 23.68 32.56 -32.39
CA GLY E 215 23.21 33.93 -32.52
C GLY E 215 24.24 34.84 -33.16
N LEU E 216 25.50 34.72 -32.73
CA LEU E 216 26.56 35.54 -33.33
C LEU E 216 26.73 35.23 -34.81
N GLN E 217 26.72 33.95 -35.18
CA GLN E 217 26.84 33.59 -36.58
C GLN E 217 25.64 34.08 -37.39
N PHE E 218 24.44 34.02 -36.81
CA PHE E 218 23.26 34.52 -37.48
C PHE E 218 23.36 36.02 -37.72
N GLN E 219 23.86 36.77 -36.74
CA GLN E 219 24.08 38.20 -36.95
C GLN E 219 25.11 38.43 -38.06
N ALA E 220 26.19 37.63 -38.06
CA ALA E 220 27.23 37.80 -39.07
C ALA E 220 26.70 37.54 -40.46
N ARG E 221 25.87 36.51 -40.63
CA ARG E 221 25.37 36.15 -41.96
C ARG E 221 24.54 37.28 -42.55
N HIS E 222 23.56 37.77 -41.79
CA HIS E 222 22.64 38.81 -42.27
C HIS E 222 23.26 40.19 -42.00
N ALA E 223 23.81 40.78 -43.06
CA ALA E 223 24.49 42.06 -42.99
C ALA E 223 23.53 43.24 -43.00
N GLU E 224 24.08 44.45 -43.18
CA GLU E 224 23.39 45.73 -43.17
C GLU E 224 22.25 45.83 -42.16
N GLN E 225 21.14 45.12 -42.39
CA GLN E 225 19.97 45.29 -41.53
C GLN E 225 20.20 44.76 -40.13
N LEU E 226 21.26 44.00 -39.90
CA LEU E 226 21.58 43.49 -38.58
C LEU E 226 22.97 43.86 -38.09
N LYS E 227 23.86 44.34 -38.95
CA LYS E 227 25.24 44.62 -38.59
C LYS E 227 25.55 46.10 -38.58
N ALA E 228 25.28 46.80 -39.68
CA ALA E 228 25.55 48.23 -39.80
C ALA E 228 27.01 48.57 -39.51
N ILE F 2 -26.27 46.18 -25.24
CA ILE F 2 -25.12 45.77 -26.03
C ILE F 2 -25.32 44.32 -26.50
N GLU F 3 -24.49 43.90 -27.46
CA GLU F 3 -24.64 42.57 -28.04
C GLU F 3 -24.17 41.44 -27.12
N ALA F 4 -23.47 41.76 -26.03
CA ALA F 4 -22.96 40.75 -25.12
C ALA F 4 -23.96 40.40 -24.03
N THR F 5 -24.52 41.43 -23.38
CA THR F 5 -25.47 41.20 -22.29
C THR F 5 -26.69 40.41 -22.76
N LEU F 6 -27.14 40.64 -23.99
CA LEU F 6 -28.26 39.87 -24.51
C LEU F 6 -27.91 38.39 -24.62
N ALA F 7 -26.70 38.08 -25.08
CA ALA F 7 -26.27 36.68 -25.16
C ALA F 7 -26.15 36.06 -23.78
N LEU F 8 -25.60 36.82 -22.81
CA LEU F 8 -25.50 36.30 -21.45
C LEU F 8 -26.88 36.00 -20.87
N THR F 9 -27.82 36.91 -21.06
CA THR F 9 -29.18 36.70 -20.57
C THR F 9 -29.84 35.53 -21.28
N VAL F 10 -29.56 35.36 -22.59
CA VAL F 10 -30.14 34.25 -23.33
C VAL F 10 -29.65 32.93 -22.77
N MET F 11 -28.34 32.81 -22.53
CA MET F 11 -27.81 31.57 -21.99
C MET F 11 -28.34 31.33 -20.57
N GLY F 12 -28.49 32.39 -19.78
CA GLY F 12 -29.02 32.23 -18.44
C GLY F 12 -30.47 31.75 -18.43
N VAL F 13 -31.31 32.35 -19.27
CA VAL F 13 -32.71 31.93 -19.32
C VAL F 13 -32.84 30.54 -19.92
N LEU F 14 -31.96 30.18 -20.86
CA LEU F 14 -31.96 28.83 -21.38
C LEU F 14 -31.64 27.81 -20.28
N LEU F 15 -30.61 28.10 -19.48
CA LEU F 15 -30.29 27.19 -18.37
C LEU F 15 -31.44 27.12 -17.37
N GLY F 16 -32.05 28.26 -17.05
CA GLY F 16 -33.16 28.26 -16.11
C GLY F 16 -34.35 27.47 -16.60
N CYS F 17 -34.73 27.67 -17.87
CA CYS F 17 -35.86 26.92 -18.44
C CYS F 17 -35.53 25.43 -18.51
N GLY F 18 -34.29 25.09 -18.87
CA GLY F 18 -33.91 23.68 -18.90
C GLY F 18 -34.02 23.03 -17.54
N LEU F 19 -33.48 23.68 -16.50
CA LEU F 19 -33.54 23.11 -15.17
C LEU F 19 -34.99 23.02 -14.68
N GLY F 20 -35.81 24.03 -14.97
CA GLY F 20 -37.20 23.98 -14.56
C GLY F 20 -37.97 22.86 -15.23
N LEU F 21 -37.80 22.70 -16.54
CA LEU F 21 -38.47 21.62 -17.26
C LEU F 21 -38.00 20.26 -16.79
N ALA F 22 -36.69 20.12 -16.53
CA ALA F 22 -36.17 18.86 -16.03
C ALA F 22 -36.77 18.53 -14.67
N ALA F 23 -36.84 19.51 -13.77
CA ALA F 23 -37.42 19.28 -12.45
C ALA F 23 -38.89 18.93 -12.55
N ARG F 24 -39.62 19.59 -13.45
CA ARG F 24 -41.04 19.30 -13.63
C ARG F 24 -41.26 17.89 -14.15
N LYS F 25 -40.57 17.54 -15.25
CA LYS F 25 -40.83 16.26 -15.90
C LYS F 25 -40.30 15.07 -15.10
N PHE F 26 -39.14 15.23 -14.46
CA PHE F 26 -38.55 14.13 -13.71
C PHE F 26 -38.60 14.39 -12.21
N THR G 162 -22.21 -20.50 31.98
CA THR G 162 -21.92 -21.92 32.06
C THR G 162 -20.94 -22.35 30.98
N LEU G 163 -20.77 -23.66 30.81
CA LEU G 163 -19.85 -24.17 29.79
C LEU G 163 -20.31 -23.79 28.39
N ASP G 164 -21.61 -23.91 28.12
CA ASP G 164 -22.13 -23.57 26.80
C ASP G 164 -22.02 -22.09 26.49
N THR G 165 -21.92 -21.24 27.52
CA THR G 165 -21.78 -19.80 27.34
C THR G 165 -20.34 -19.34 27.49
N TRP G 166 -19.40 -20.26 27.68
CA TRP G 166 -18.00 -19.92 27.81
C TRP G 166 -17.37 -19.73 26.44
N ARG G 167 -16.62 -18.66 26.27
CA ARG G 167 -16.02 -18.31 24.99
C ARG G 167 -14.62 -17.76 25.21
N TRP G 168 -13.81 -17.85 24.16
CA TRP G 168 -12.41 -17.46 24.25
C TRP G 168 -12.27 -15.95 24.43
N ASP G 169 -11.16 -15.56 25.07
CA ASP G 169 -10.83 -14.16 25.27
C ASP G 169 -9.86 -13.71 24.17
N LYS G 170 -10.05 -12.49 23.69
CA LYS G 170 -9.23 -11.98 22.60
C LYS G 170 -7.75 -11.98 23.02
N PRO G 171 -6.84 -12.41 22.14
CA PRO G 171 -5.42 -12.38 22.47
C PRO G 171 -4.93 -10.95 22.72
N ALA G 172 -4.01 -10.82 23.67
CA ALA G 172 -3.44 -9.52 24.00
C ALA G 172 -2.60 -8.97 22.85
#